data_2KZS
#
_entry.id   2KZS
#
_entity_poly.entity_id   1
_entity_poly.type   'polypeptide(L)'
_entity_poly.pdbx_seq_one_letter_code
;GSHMGKKCYKLENEKLFEEFLELCKMQTADHPEVVPFLYNRQQRAHSLFLASAEFCNILSRVLSRARSRPAKLYVYINEL
CTVLKAHSAKKKLN
;
_entity_poly.pdbx_strand_id   A
#
# COMPACT_ATOMS: atom_id res chain seq x y z
N GLY A 1 20.85 4.14 2.61
CA GLY A 1 21.73 4.77 3.63
C GLY A 1 22.08 3.81 4.74
N SER A 2 21.73 4.18 5.96
CA SER A 2 22.00 3.34 7.11
C SER A 2 20.70 3.04 7.85
N HIS A 3 19.93 4.09 8.11
CA HIS A 3 18.67 3.96 8.82
C HIS A 3 17.80 5.17 8.50
N MET A 4 16.51 4.92 8.32
CA MET A 4 15.56 5.99 8.02
C MET A 4 15.39 6.90 9.24
N GLY A 5 15.26 6.28 10.40
CA GLY A 5 15.15 7.03 11.64
C GLY A 5 14.37 6.24 12.66
N LYS A 6 13.42 5.46 12.16
CA LYS A 6 12.63 4.55 12.98
C LYS A 6 12.76 3.15 12.41
N LYS A 7 12.17 2.18 13.10
CA LYS A 7 12.07 0.82 12.60
C LYS A 7 11.60 0.76 11.15
N CYS A 8 12.18 -0.16 10.40
CA CYS A 8 11.80 -0.37 9.01
C CYS A 8 10.88 -1.57 8.92
N TYR A 9 9.98 -1.56 7.95
CA TYR A 9 9.00 -2.64 7.83
C TYR A 9 8.92 -3.16 6.41
N LYS A 10 10.03 -3.13 5.68
CA LYS A 10 10.02 -3.45 4.25
C LYS A 10 9.29 -4.77 3.95
N LEU A 11 9.74 -5.85 4.57
CA LEU A 11 9.12 -7.15 4.36
C LEU A 11 7.66 -7.14 4.74
N GLU A 12 7.37 -6.55 5.89
CA GLU A 12 6.04 -6.46 6.36
C GLU A 12 5.17 -5.70 5.37
N ASN A 13 5.68 -4.59 4.87
CA ASN A 13 4.90 -3.72 3.99
C ASN A 13 4.69 -4.37 2.65
N GLU A 14 5.74 -4.97 2.11
CA GLU A 14 5.64 -5.77 0.93
C GLU A 14 4.52 -6.78 1.07
N LYS A 15 4.62 -7.57 2.12
CA LYS A 15 3.67 -8.60 2.43
C LYS A 15 2.27 -8.03 2.61
N LEU A 16 2.17 -7.03 3.48
CA LEU A 16 0.89 -6.37 3.75
C LEU A 16 0.26 -5.88 2.46
N PHE A 17 1.08 -5.29 1.60
CA PHE A 17 0.63 -4.87 0.29
C PHE A 17 0.06 -6.04 -0.49
N GLU A 18 0.79 -7.15 -0.52
CA GLU A 18 0.33 -8.35 -1.20
C GLU A 18 -0.93 -8.88 -0.55
N GLU A 19 -0.95 -8.85 0.77
CA GLU A 19 -2.09 -9.33 1.54
C GLU A 19 -3.33 -8.55 1.14
N PHE A 20 -3.13 -7.27 0.90
CA PHE A 20 -4.17 -6.37 0.51
C PHE A 20 -4.47 -6.53 -0.97
N LEU A 21 -3.40 -6.65 -1.77
CA LEU A 21 -3.50 -6.85 -3.20
C LEU A 21 -4.29 -8.11 -3.56
N GLU A 22 -3.84 -9.24 -3.02
CA GLU A 22 -4.55 -10.52 -3.19
C GLU A 22 -5.99 -10.38 -2.74
N LEU A 23 -6.15 -9.73 -1.60
CA LEU A 23 -7.46 -9.38 -1.08
C LEU A 23 -8.27 -8.66 -2.13
N CYS A 24 -7.69 -7.62 -2.71
CA CYS A 24 -8.37 -6.86 -3.75
C CYS A 24 -8.77 -7.77 -4.90
N LYS A 25 -7.89 -8.65 -5.34
CA LYS A 25 -8.20 -9.58 -6.43
C LYS A 25 -9.41 -10.44 -6.06
N MET A 26 -9.70 -10.52 -4.77
CA MET A 26 -10.81 -11.32 -4.28
C MET A 26 -12.11 -10.51 -4.25
N GLN A 27 -12.02 -9.22 -3.92
CA GLN A 27 -13.20 -8.39 -3.75
C GLN A 27 -13.40 -7.35 -4.87
N THR A 28 -12.38 -7.10 -5.68
CA THR A 28 -12.48 -6.06 -6.70
C THR A 28 -12.64 -6.69 -8.07
N ALA A 29 -13.52 -7.67 -8.19
CA ALA A 29 -13.82 -8.26 -9.48
C ALA A 29 -14.26 -7.21 -10.50
N ASP A 30 -14.96 -6.20 -10.02
CA ASP A 30 -15.43 -5.11 -10.87
C ASP A 30 -14.28 -4.21 -11.26
N HIS A 31 -13.21 -4.28 -10.49
CA HIS A 31 -12.04 -3.45 -10.73
C HIS A 31 -10.76 -4.24 -10.62
N PRO A 32 -10.52 -5.16 -11.57
CA PRO A 32 -9.27 -5.93 -11.63
C PRO A 32 -8.09 -5.04 -11.97
N GLU A 33 -8.41 -3.83 -12.39
CA GLU A 33 -7.43 -2.80 -12.70
C GLU A 33 -6.85 -2.20 -11.42
N VAL A 34 -7.59 -2.39 -10.34
CA VAL A 34 -7.25 -1.80 -9.06
C VAL A 34 -5.93 -2.34 -8.54
N VAL A 35 -5.71 -3.62 -8.76
CA VAL A 35 -4.46 -4.25 -8.36
C VAL A 35 -3.27 -3.68 -9.12
N PRO A 36 -3.30 -3.68 -10.46
CA PRO A 36 -2.29 -2.99 -11.26
C PRO A 36 -2.08 -1.55 -10.80
N PHE A 37 -3.17 -0.85 -10.51
CA PHE A 37 -3.13 0.54 -10.06
C PHE A 37 -2.46 0.60 -8.68
N LEU A 38 -2.70 -0.44 -7.91
CA LEU A 38 -2.18 -0.53 -6.57
C LEU A 38 -0.71 -0.84 -6.65
N TYR A 39 -0.44 -1.82 -7.49
CA TYR A 39 0.89 -2.31 -7.72
C TYR A 39 1.76 -1.18 -8.22
N ASN A 40 1.26 -0.52 -9.24
CA ASN A 40 1.86 0.64 -9.85
C ASN A 40 2.20 1.68 -8.79
N ARG A 41 1.20 2.12 -8.06
CA ARG A 41 1.36 3.07 -6.98
C ARG A 41 2.49 2.68 -6.04
N GLN A 42 2.46 1.43 -5.62
CA GLN A 42 3.43 0.90 -4.68
C GLN A 42 4.81 0.82 -5.33
N GLN A 43 4.84 0.27 -6.53
CA GLN A 43 6.08 0.09 -7.28
C GLN A 43 6.77 1.43 -7.56
N ARG A 44 5.96 2.46 -7.81
CA ARG A 44 6.48 3.77 -8.16
C ARG A 44 6.63 4.65 -6.92
N ALA A 45 6.27 4.10 -5.77
CA ALA A 45 6.43 4.79 -4.50
C ALA A 45 7.87 4.76 -4.03
N HIS A 46 8.17 5.51 -2.98
CA HIS A 46 9.52 5.58 -2.44
C HIS A 46 9.87 4.29 -1.72
N SER A 47 10.90 3.61 -2.20
CA SER A 47 11.36 2.38 -1.58
C SER A 47 11.64 2.56 -0.08
N LEU A 48 12.14 3.74 0.30
CA LEU A 48 12.32 4.07 1.72
C LEU A 48 11.00 4.06 2.47
N PHE A 49 10.00 4.61 1.82
CA PHE A 49 8.67 4.69 2.38
C PHE A 49 8.04 3.31 2.44
N LEU A 50 8.20 2.56 1.36
CA LEU A 50 7.73 1.19 1.31
C LEU A 50 8.41 0.34 2.37
N ALA A 51 9.61 0.75 2.75
CA ALA A 51 10.32 0.10 3.83
C ALA A 51 10.20 0.85 5.14
N SER A 52 9.38 1.91 5.18
CA SER A 52 9.28 2.72 6.37
C SER A 52 8.08 2.33 7.22
N ALA A 53 8.10 2.81 8.44
CA ALA A 53 7.04 2.60 9.39
C ALA A 53 5.70 3.10 8.87
N GLU A 54 5.72 4.26 8.22
CA GLU A 54 4.49 4.90 7.77
C GLU A 54 3.65 3.98 6.88
N PHE A 55 4.29 3.31 5.92
CA PHE A 55 3.57 2.42 5.03
C PHE A 55 2.98 1.27 5.82
N CYS A 56 3.71 0.80 6.83
CA CYS A 56 3.21 -0.23 7.72
C CYS A 56 1.94 0.24 8.40
N ASN A 57 2.02 1.46 8.92
CA ASN A 57 0.91 2.13 9.57
C ASN A 57 -0.31 2.16 8.67
N ILE A 58 -0.08 2.70 7.48
CA ILE A 58 -1.12 2.88 6.49
C ILE A 58 -1.70 1.54 6.04
N LEU A 59 -0.80 0.61 5.80
CA LEU A 59 -1.14 -0.73 5.38
C LEU A 59 -1.94 -1.49 6.41
N SER A 60 -1.42 -1.52 7.62
CA SER A 60 -2.07 -2.20 8.71
C SER A 60 -3.46 -1.62 8.93
N ARG A 61 -3.58 -0.32 8.77
CA ARG A 61 -4.87 0.36 8.82
C ARG A 61 -5.83 -0.21 7.79
N VAL A 62 -5.43 -0.12 6.54
CA VAL A 62 -6.35 -0.41 5.44
C VAL A 62 -6.70 -1.88 5.37
N LEU A 63 -5.73 -2.75 5.52
CA LEU A 63 -5.97 -4.18 5.46
C LEU A 63 -7.01 -4.61 6.48
N SER A 64 -6.76 -4.24 7.71
CA SER A 64 -7.63 -4.56 8.83
C SER A 64 -9.03 -4.00 8.60
N ARG A 65 -9.08 -2.78 8.10
CA ARG A 65 -10.34 -2.15 7.76
C ARG A 65 -10.99 -2.85 6.58
N ALA A 66 -10.17 -3.20 5.61
CA ALA A 66 -10.64 -3.79 4.35
C ALA A 66 -11.31 -5.13 4.56
N ARG A 67 -10.76 -5.93 5.46
CA ARG A 67 -11.37 -7.22 5.79
C ARG A 67 -12.72 -7.05 6.47
N SER A 68 -12.87 -5.95 7.17
CA SER A 68 -14.11 -5.64 7.87
C SER A 68 -15.08 -4.96 6.92
N ARG A 69 -14.52 -4.20 6.02
CA ARG A 69 -15.27 -3.41 5.10
C ARG A 69 -14.75 -3.55 3.68
N PRO A 70 -15.03 -4.68 3.05
CA PRO A 70 -14.65 -4.93 1.67
C PRO A 70 -15.43 -4.04 0.69
N ALA A 71 -16.44 -3.34 1.20
CA ALA A 71 -17.13 -2.33 0.40
C ALA A 71 -16.32 -1.05 0.43
N LYS A 72 -15.69 -0.82 1.57
CA LYS A 72 -14.83 0.32 1.74
C LYS A 72 -13.42 0.02 1.26
N LEU A 73 -13.22 -1.19 0.75
CA LEU A 73 -11.96 -1.57 0.11
C LEU A 73 -11.46 -0.50 -0.84
N TYR A 74 -12.36 0.06 -1.65
CA TYR A 74 -11.99 1.13 -2.56
C TYR A 74 -11.51 2.35 -1.80
N VAL A 75 -12.03 2.55 -0.61
CA VAL A 75 -11.60 3.66 0.22
C VAL A 75 -10.14 3.46 0.58
N TYR A 76 -9.87 2.23 0.93
CA TYR A 76 -8.56 1.77 1.38
C TYR A 76 -7.60 1.66 0.20
N ILE A 77 -8.10 1.13 -0.90
CA ILE A 77 -7.35 1.09 -2.15
C ILE A 77 -7.00 2.49 -2.59
N ASN A 78 -8.01 3.34 -2.63
CA ASN A 78 -7.81 4.74 -3.00
C ASN A 78 -6.88 5.42 -1.99
N GLU A 79 -7.04 5.08 -0.71
CA GLU A 79 -6.17 5.58 0.34
C GLU A 79 -4.73 5.26 0.05
N LEU A 80 -4.46 3.98 -0.07
CA LEU A 80 -3.11 3.49 -0.29
C LEU A 80 -2.55 4.08 -1.56
N CYS A 81 -3.40 4.19 -2.58
CA CYS A 81 -3.02 4.83 -3.82
C CYS A 81 -2.63 6.29 -3.57
N THR A 82 -3.43 6.97 -2.77
CA THR A 82 -3.16 8.36 -2.40
C THR A 82 -1.87 8.44 -1.60
N VAL A 83 -1.76 7.55 -0.64
CA VAL A 83 -0.55 7.34 0.14
C VAL A 83 0.69 7.18 -0.75
N LEU A 84 0.55 6.33 -1.74
CA LEU A 84 1.63 6.02 -2.66
C LEU A 84 1.88 7.17 -3.63
N LYS A 85 0.82 7.92 -3.90
CA LYS A 85 0.89 9.14 -4.66
C LYS A 85 1.63 10.18 -3.84
N ALA A 86 1.44 10.08 -2.54
CA ALA A 86 1.97 11.06 -1.61
C ALA A 86 3.45 10.84 -1.39
N HIS A 87 3.84 9.57 -1.34
CA HIS A 87 5.20 9.21 -0.96
C HIS A 87 5.87 8.41 -2.05
N SER A 88 5.75 8.89 -3.28
CA SER A 88 6.42 8.30 -4.40
C SER A 88 7.86 8.80 -4.47
N ALA A 89 8.78 7.94 -4.90
CA ALA A 89 10.19 8.28 -4.94
C ALA A 89 10.46 9.24 -6.10
N LYS A 90 10.10 8.84 -7.30
CA LYS A 90 10.25 9.71 -8.46
C LYS A 90 8.89 9.90 -9.12
N LYS A 91 8.17 10.90 -8.65
CA LYS A 91 6.85 11.20 -9.16
C LYS A 91 6.97 12.23 -10.30
N LYS A 92 5.86 12.90 -10.58
CA LYS A 92 5.74 13.87 -11.67
C LYS A 92 4.58 14.76 -11.31
N LEU A 93 3.59 14.08 -10.73
CA LEU A 93 2.31 14.63 -10.33
C LEU A 93 1.42 13.42 -10.09
N ASN A 94 1.68 12.43 -10.94
CA ASN A 94 1.06 11.12 -10.83
C ASN A 94 2.10 10.08 -10.45
N GLY A 1 18.56 -3.69 2.38
CA GLY A 1 19.60 -2.65 2.62
C GLY A 1 19.06 -1.48 3.42
N SER A 2 18.75 -1.74 4.68
CA SER A 2 18.21 -0.72 5.56
C SER A 2 19.18 -0.40 6.69
N HIS A 3 20.25 0.31 6.36
CA HIS A 3 21.28 0.62 7.33
C HIS A 3 21.01 1.97 8.00
N MET A 4 20.63 2.95 7.19
CA MET A 4 20.35 4.29 7.69
C MET A 4 18.89 4.42 8.09
N GLY A 5 18.43 3.52 8.94
CA GLY A 5 17.05 3.51 9.34
C GLY A 5 16.84 2.84 10.69
N LYS A 6 15.77 3.22 11.37
CA LYS A 6 15.45 2.64 12.67
C LYS A 6 14.68 1.33 12.49
N LYS A 7 13.38 1.43 12.34
CA LYS A 7 12.54 0.27 12.16
C LYS A 7 12.08 0.16 10.71
N CYS A 8 12.58 -0.85 10.03
CA CYS A 8 12.24 -1.06 8.64
C CYS A 8 11.11 -2.08 8.51
N TYR A 9 10.19 -1.81 7.62
CA TYR A 9 9.07 -2.69 7.36
C TYR A 9 8.97 -3.05 5.90
N LYS A 10 10.09 -3.03 5.18
CA LYS A 10 10.07 -3.31 3.74
C LYS A 10 9.42 -4.66 3.45
N LEU A 11 9.94 -5.71 4.05
CA LEU A 11 9.36 -7.02 3.92
C LEU A 11 7.90 -7.01 4.30
N GLU A 12 7.67 -6.41 5.44
CA GLU A 12 6.34 -6.26 5.98
C GLU A 12 5.40 -5.58 5.02
N ASN A 13 5.81 -4.46 4.47
CA ASN A 13 4.97 -3.62 3.65
C ASN A 13 4.74 -4.26 2.31
N GLU A 14 5.78 -4.83 1.73
CA GLU A 14 5.65 -5.65 0.56
C GLU A 14 4.58 -6.70 0.76
N LYS A 15 4.74 -7.43 1.85
CA LYS A 15 3.87 -8.52 2.18
C LYS A 15 2.45 -8.04 2.49
N LEU A 16 2.33 -7.02 3.33
CA LEU A 16 1.03 -6.44 3.67
C LEU A 16 0.35 -5.92 2.42
N PHE A 17 1.13 -5.29 1.56
CA PHE A 17 0.63 -4.82 0.29
C PHE A 17 0.03 -5.98 -0.49
N GLU A 18 0.73 -7.11 -0.51
CA GLU A 18 0.23 -8.32 -1.15
C GLU A 18 -1.05 -8.77 -0.48
N GLU A 19 -1.04 -8.78 0.84
CA GLU A 19 -2.18 -9.23 1.62
C GLU A 19 -3.43 -8.44 1.22
N PHE A 20 -3.22 -7.17 0.97
CA PHE A 20 -4.26 -6.27 0.59
C PHE A 20 -4.56 -6.44 -0.90
N LEU A 21 -3.50 -6.58 -1.68
CA LEU A 21 -3.60 -6.79 -3.11
C LEU A 21 -4.36 -8.06 -3.47
N GLU A 22 -3.91 -9.18 -2.92
CA GLU A 22 -4.57 -10.47 -3.11
C GLU A 22 -6.03 -10.35 -2.70
N LEU A 23 -6.24 -9.65 -1.60
CA LEU A 23 -7.59 -9.34 -1.12
C LEU A 23 -8.37 -8.61 -2.19
N CYS A 24 -7.79 -7.54 -2.72
CA CYS A 24 -8.43 -6.80 -3.81
C CYS A 24 -8.80 -7.72 -4.96
N LYS A 25 -7.89 -8.61 -5.35
CA LYS A 25 -8.16 -9.55 -6.43
C LYS A 25 -9.41 -10.37 -6.14
N MET A 26 -9.74 -10.48 -4.85
CA MET A 26 -10.88 -11.25 -4.39
C MET A 26 -12.16 -10.43 -4.37
N GLN A 27 -12.08 -9.16 -3.96
CA GLN A 27 -13.27 -8.34 -3.79
C GLN A 27 -13.46 -7.33 -4.93
N THR A 28 -12.43 -7.11 -5.75
CA THR A 28 -12.52 -6.12 -6.81
C THR A 28 -12.56 -6.80 -8.16
N ALA A 29 -13.41 -7.82 -8.30
CA ALA A 29 -13.60 -8.48 -9.58
C ALA A 29 -14.04 -7.48 -10.65
N ASP A 30 -14.77 -6.47 -10.21
CA ASP A 30 -15.25 -5.43 -11.09
C ASP A 30 -14.14 -4.44 -11.42
N HIS A 31 -13.11 -4.47 -10.60
CA HIS A 31 -11.96 -3.59 -10.79
C HIS A 31 -10.65 -4.38 -10.70
N PRO A 32 -10.39 -5.27 -11.66
CA PRO A 32 -9.15 -6.02 -11.69
C PRO A 32 -7.97 -5.12 -12.04
N GLU A 33 -8.31 -3.89 -12.41
CA GLU A 33 -7.33 -2.84 -12.69
C GLU A 33 -6.78 -2.26 -11.40
N VAL A 34 -7.54 -2.44 -10.33
CA VAL A 34 -7.22 -1.87 -9.04
C VAL A 34 -5.90 -2.39 -8.51
N VAL A 35 -5.68 -3.68 -8.68
CA VAL A 35 -4.43 -4.29 -8.27
C VAL A 35 -3.24 -3.71 -9.04
N PRO A 36 -3.26 -3.73 -10.38
CA PRO A 36 -2.25 -3.07 -11.19
C PRO A 36 -2.06 -1.61 -10.79
N PHE A 37 -3.15 -0.91 -10.50
CA PHE A 37 -3.12 0.49 -10.06
C PHE A 37 -2.46 0.59 -8.69
N LEU A 38 -2.72 -0.43 -7.89
CA LEU A 38 -2.22 -0.49 -6.54
C LEU A 38 -0.75 -0.78 -6.62
N TYR A 39 -0.46 -1.81 -7.39
CA TYR A 39 0.87 -2.28 -7.60
C TYR A 39 1.74 -1.17 -8.13
N ASN A 40 1.22 -0.53 -9.17
CA ASN A 40 1.81 0.64 -9.77
C ASN A 40 2.14 1.70 -8.74
N ARG A 41 1.13 2.14 -8.00
CA ARG A 41 1.32 3.15 -6.97
C ARG A 41 2.43 2.75 -6.02
N GLN A 42 2.42 1.50 -5.62
CA GLN A 42 3.40 0.98 -4.69
C GLN A 42 4.77 0.87 -5.32
N GLN A 43 4.81 0.33 -6.53
CA GLN A 43 6.05 0.13 -7.27
C GLN A 43 6.75 1.47 -7.56
N ARG A 44 5.95 2.51 -7.74
CA ARG A 44 6.47 3.83 -8.04
C ARG A 44 6.65 4.67 -6.77
N ALA A 45 6.23 4.12 -5.66
CA ALA A 45 6.37 4.77 -4.37
C ALA A 45 7.82 4.74 -3.90
N HIS A 46 8.15 5.62 -2.97
CA HIS A 46 9.50 5.66 -2.40
C HIS A 46 9.80 4.37 -1.69
N SER A 47 10.79 3.63 -2.17
CA SER A 47 11.17 2.37 -1.56
C SER A 47 11.64 2.58 -0.11
N LEU A 48 12.16 3.77 0.19
CA LEU A 48 12.40 4.15 1.58
C LEU A 48 11.10 4.12 2.37
N PHE A 49 10.08 4.70 1.76
CA PHE A 49 8.76 4.78 2.37
C PHE A 49 8.14 3.40 2.46
N LEU A 50 8.30 2.63 1.40
CA LEU A 50 7.84 1.25 1.36
C LEU A 50 8.57 0.42 2.39
N ALA A 51 9.74 0.87 2.80
CA ALA A 51 10.47 0.24 3.89
C ALA A 51 10.32 1.02 5.20
N SER A 52 9.43 2.02 5.21
CA SER A 52 9.23 2.86 6.38
C SER A 52 8.02 2.40 7.19
N ALA A 53 8.07 2.74 8.47
CA ALA A 53 7.03 2.39 9.43
C ALA A 53 5.68 2.96 9.03
N GLU A 54 5.69 4.14 8.43
CA GLU A 54 4.45 4.81 8.03
C GLU A 54 3.62 3.93 7.11
N PHE A 55 4.25 3.30 6.13
CA PHE A 55 3.52 2.47 5.18
C PHE A 55 2.95 1.25 5.90
N CYS A 56 3.70 0.74 6.87
CA CYS A 56 3.22 -0.37 7.69
C CYS A 56 1.97 0.06 8.44
N ASN A 57 2.07 1.24 9.01
CA ASN A 57 0.96 1.87 9.71
C ASN A 57 -0.26 1.97 8.82
N ILE A 58 -0.04 2.56 7.66
CA ILE A 58 -1.09 2.81 6.68
C ILE A 58 -1.68 1.49 6.18
N LEU A 59 -0.78 0.57 5.87
CA LEU A 59 -1.13 -0.75 5.37
C LEU A 59 -1.95 -1.53 6.37
N SER A 60 -1.43 -1.64 7.57
CA SER A 60 -2.11 -2.35 8.62
C SER A 60 -3.47 -1.73 8.88
N ARG A 61 -3.53 -0.40 8.73
CA ARG A 61 -4.79 0.31 8.84
C ARG A 61 -5.78 -0.13 7.79
N VAL A 62 -5.38 -0.02 6.53
CA VAL A 62 -6.30 -0.31 5.43
C VAL A 62 -6.66 -1.78 5.38
N LEU A 63 -5.68 -2.64 5.58
CA LEU A 63 -5.93 -4.08 5.57
C LEU A 63 -6.97 -4.47 6.61
N SER A 64 -6.73 -4.05 7.82
CA SER A 64 -7.65 -4.35 8.92
C SER A 64 -9.04 -3.79 8.63
N ARG A 65 -9.07 -2.58 8.08
CA ARG A 65 -10.32 -1.95 7.68
C ARG A 65 -10.95 -2.71 6.52
N ALA A 66 -10.10 -3.13 5.60
CA ALA A 66 -10.55 -3.74 4.35
C ALA A 66 -11.26 -5.07 4.57
N ARG A 67 -10.72 -5.89 5.46
CA ARG A 67 -11.33 -7.18 5.76
C ARG A 67 -12.61 -7.00 6.55
N SER A 68 -12.70 -5.87 7.22
CA SER A 68 -13.86 -5.54 8.02
C SER A 68 -14.91 -4.83 7.18
N ARG A 69 -14.44 -4.06 6.23
CA ARG A 69 -15.28 -3.30 5.33
C ARG A 69 -14.83 -3.45 3.89
N PRO A 70 -15.12 -4.61 3.31
CA PRO A 70 -14.75 -4.92 1.93
C PRO A 70 -15.50 -4.05 0.92
N ALA A 71 -16.51 -3.33 1.41
CA ALA A 71 -17.20 -2.34 0.57
C ALA A 71 -16.36 -1.09 0.50
N LYS A 72 -15.70 -0.81 1.61
CA LYS A 72 -14.84 0.34 1.72
C LYS A 72 -13.44 0.04 1.23
N LEU A 73 -13.23 -1.17 0.72
CA LEU A 73 -11.98 -1.54 0.11
C LEU A 73 -11.50 -0.44 -0.83
N TYR A 74 -12.32 -0.07 -1.82
CA TYR A 74 -12.01 1.05 -2.68
C TYR A 74 -11.53 2.28 -1.93
N VAL A 75 -12.02 2.48 -0.73
CA VAL A 75 -11.58 3.61 0.05
C VAL A 75 -10.13 3.40 0.42
N TYR A 76 -9.86 2.20 0.87
CA TYR A 76 -8.56 1.75 1.31
C TYR A 76 -7.61 1.63 0.13
N ILE A 77 -8.11 1.09 -0.97
CA ILE A 77 -7.37 1.00 -2.22
C ILE A 77 -6.94 2.37 -2.67
N ASN A 78 -7.92 3.25 -2.80
CA ASN A 78 -7.66 4.63 -3.20
C ASN A 78 -6.84 5.35 -2.13
N GLU A 79 -7.03 4.95 -0.86
CA GLU A 79 -6.27 5.50 0.25
C GLU A 79 -4.79 5.19 0.12
N LEU A 80 -4.49 3.93 -0.08
CA LEU A 80 -3.13 3.44 -0.16
C LEU A 80 -2.52 3.97 -1.43
N CYS A 81 -3.35 3.99 -2.46
CA CYS A 81 -2.99 4.57 -3.73
C CYS A 81 -2.64 6.04 -3.56
N THR A 82 -3.44 6.75 -2.78
CA THR A 82 -3.19 8.16 -2.47
C THR A 82 -1.91 8.29 -1.66
N VAL A 83 -1.78 7.40 -0.67
CA VAL A 83 -0.56 7.29 0.13
C VAL A 83 0.68 7.12 -0.74
N LEU A 84 0.61 6.19 -1.66
CA LEU A 84 1.73 5.87 -2.53
C LEU A 84 1.98 6.99 -3.52
N LYS A 85 0.92 7.70 -3.88
CA LYS A 85 0.98 8.83 -4.73
C LYS A 85 1.57 10.00 -3.95
N ALA A 86 1.32 10.00 -2.66
CA ALA A 86 1.78 11.05 -1.79
C ALA A 86 3.27 10.90 -1.53
N HIS A 87 3.70 9.66 -1.40
CA HIS A 87 5.08 9.35 -1.06
C HIS A 87 5.74 8.56 -2.17
N SER A 88 5.42 8.93 -3.40
CA SER A 88 5.99 8.30 -4.58
C SER A 88 7.36 8.89 -4.86
N ALA A 89 8.33 8.02 -5.09
CA ALA A 89 9.68 8.44 -5.41
C ALA A 89 9.76 8.79 -6.88
N LYS A 90 9.29 7.87 -7.71
CA LYS A 90 9.25 8.07 -9.16
C LYS A 90 8.11 9.01 -9.56
N LYS A 91 7.55 9.71 -8.59
CA LYS A 91 6.49 10.69 -8.81
C LYS A 91 6.85 11.75 -9.87
N LYS A 92 5.87 12.58 -10.18
CA LYS A 92 6.00 13.60 -11.21
C LYS A 92 5.68 14.95 -10.55
N LEU A 93 6.72 15.65 -10.14
CA LEU A 93 6.55 16.83 -9.28
C LEU A 93 6.77 18.13 -10.05
N ASN A 94 6.65 18.08 -11.35
CA ASN A 94 6.87 19.26 -12.18
C ASN A 94 6.52 18.95 -13.63
N GLY A 1 21.56 3.83 15.35
CA GLY A 1 20.48 4.75 15.77
C GLY A 1 20.15 5.77 14.70
N SER A 2 18.91 5.74 14.21
CA SER A 2 18.46 6.67 13.19
C SER A 2 16.96 6.52 12.97
N HIS A 3 16.35 7.52 12.33
CA HIS A 3 14.93 7.47 12.02
C HIS A 3 14.67 6.30 11.07
N MET A 4 15.31 6.36 9.91
CA MET A 4 15.25 5.26 8.96
C MET A 4 16.43 4.31 9.20
N GLY A 5 16.30 3.49 10.23
CA GLY A 5 17.37 2.58 10.60
C GLY A 5 16.95 1.63 11.70
N LYS A 6 15.70 1.73 12.12
CA LYS A 6 15.17 0.90 13.19
C LYS A 6 13.81 0.35 12.80
N LYS A 7 13.72 -0.98 12.67
CA LYS A 7 12.46 -1.73 12.61
C LYS A 7 12.27 -2.26 11.20
N CYS A 8 12.41 -1.35 10.23
CA CYS A 8 12.28 -1.66 8.81
C CYS A 8 11.04 -2.49 8.49
N TYR A 9 10.08 -1.84 7.85
CA TYR A 9 8.84 -2.51 7.52
C TYR A 9 8.81 -2.87 6.04
N LYS A 10 9.97 -2.89 5.40
CA LYS A 10 10.05 -3.23 3.97
C LYS A 10 9.37 -4.57 3.70
N LEU A 11 9.79 -5.60 4.41
CA LEU A 11 9.18 -6.90 4.31
C LEU A 11 7.71 -6.86 4.64
N GLU A 12 7.42 -6.27 5.79
CA GLU A 12 6.08 -6.12 6.27
C GLU A 12 5.19 -5.45 5.24
N ASN A 13 5.61 -4.29 4.79
CA ASN A 13 4.84 -3.48 3.87
C ASN A 13 4.64 -4.18 2.55
N GLU A 14 5.70 -4.79 2.01
CA GLU A 14 5.56 -5.59 0.81
C GLU A 14 4.48 -6.63 1.01
N LYS A 15 4.65 -7.43 2.05
CA LYS A 15 3.75 -8.50 2.36
C LYS A 15 2.34 -7.97 2.56
N LEU A 16 2.21 -7.00 3.44
CA LEU A 16 0.92 -6.37 3.73
C LEU A 16 0.27 -5.89 2.44
N PHE A 17 1.07 -5.25 1.59
CA PHE A 17 0.60 -4.81 0.29
C PHE A 17 0.03 -5.98 -0.49
N GLU A 18 0.78 -7.08 -0.56
CA GLU A 18 0.34 -8.27 -1.27
C GLU A 18 -0.91 -8.85 -0.63
N GLU A 19 -0.97 -8.81 0.68
CA GLU A 19 -2.10 -9.35 1.43
C GLU A 19 -3.36 -8.57 1.10
N PHE A 20 -3.16 -7.28 0.90
CA PHE A 20 -4.21 -6.37 0.56
C PHE A 20 -4.53 -6.50 -0.93
N LEU A 21 -3.47 -6.58 -1.73
CA LEU A 21 -3.58 -6.75 -3.17
C LEU A 21 -4.38 -8.01 -3.53
N GLU A 22 -3.95 -9.15 -3.00
CA GLU A 22 -4.68 -10.40 -3.18
C GLU A 22 -6.11 -10.24 -2.75
N LEU A 23 -6.29 -9.63 -1.60
CA LEU A 23 -7.63 -9.29 -1.11
C LEU A 23 -8.41 -8.52 -2.17
N CYS A 24 -7.79 -7.51 -2.74
CA CYS A 24 -8.44 -6.73 -3.78
C CYS A 24 -8.83 -7.62 -4.95
N LYS A 25 -7.93 -8.49 -5.39
CA LYS A 25 -8.22 -9.43 -6.47
C LYS A 25 -9.45 -10.28 -6.15
N MET A 26 -9.77 -10.36 -4.86
CA MET A 26 -10.91 -11.14 -4.41
C MET A 26 -12.18 -10.30 -4.38
N GLN A 27 -12.07 -9.04 -3.96
CA GLN A 27 -13.24 -8.19 -3.79
C GLN A 27 -13.53 -7.36 -5.06
N THR A 28 -12.49 -7.08 -5.84
CA THR A 28 -12.60 -6.11 -6.92
C THR A 28 -12.64 -6.83 -8.26
N ALA A 29 -13.49 -7.85 -8.37
CA ALA A 29 -13.69 -8.54 -9.64
C ALA A 29 -14.09 -7.58 -10.75
N ASP A 30 -14.82 -6.54 -10.40
CA ASP A 30 -15.25 -5.55 -11.38
C ASP A 30 -14.09 -4.64 -11.74
N HIS A 31 -13.09 -4.62 -10.89
CA HIS A 31 -11.93 -3.77 -11.09
C HIS A 31 -10.64 -4.52 -10.83
N PRO A 32 -10.30 -5.49 -11.71
CA PRO A 32 -9.04 -6.20 -11.62
C PRO A 32 -7.88 -5.29 -11.99
N GLU A 33 -8.22 -4.10 -12.47
CA GLU A 33 -7.25 -3.07 -12.79
C GLU A 33 -6.74 -2.40 -11.51
N VAL A 34 -7.52 -2.54 -10.45
CA VAL A 34 -7.24 -1.88 -9.20
C VAL A 34 -5.95 -2.39 -8.58
N VAL A 35 -5.68 -3.67 -8.75
CA VAL A 35 -4.43 -4.25 -8.31
C VAL A 35 -3.23 -3.70 -9.06
N PRO A 36 -3.21 -3.76 -10.40
CA PRO A 36 -2.18 -3.11 -11.21
C PRO A 36 -2.03 -1.63 -10.85
N PHE A 37 -3.14 -0.97 -10.59
CA PHE A 37 -3.18 0.44 -10.19
C PHE A 37 -2.58 0.59 -8.79
N LEU A 38 -2.79 -0.42 -7.98
CA LEU A 38 -2.30 -0.45 -6.62
C LEU A 38 -0.82 -0.72 -6.66
N TYR A 39 -0.50 -1.76 -7.41
CA TYR A 39 0.84 -2.23 -7.58
C TYR A 39 1.71 -1.12 -8.10
N ASN A 40 1.22 -0.50 -9.15
CA ASN A 40 1.83 0.65 -9.77
C ASN A 40 2.17 1.72 -8.75
N ARG A 41 1.17 2.19 -8.04
CA ARG A 41 1.36 3.22 -7.02
C ARG A 41 2.46 2.83 -6.04
N GLN A 42 2.46 1.56 -5.68
CA GLN A 42 3.44 1.04 -4.74
C GLN A 42 4.81 0.86 -5.38
N GLN A 43 4.80 0.39 -6.62
CA GLN A 43 6.02 0.18 -7.40
C GLN A 43 6.72 1.50 -7.68
N ARG A 44 5.94 2.54 -7.90
CA ARG A 44 6.47 3.87 -8.16
C ARG A 44 6.70 4.64 -6.86
N ALA A 45 6.30 4.02 -5.76
CA ALA A 45 6.47 4.62 -4.44
C ALA A 45 7.92 4.53 -4.00
N HIS A 46 8.25 5.23 -2.94
CA HIS A 46 9.61 5.30 -2.45
C HIS A 46 9.98 4.06 -1.69
N SER A 47 11.05 3.39 -2.11
CA SER A 47 11.58 2.22 -1.43
C SER A 47 11.79 2.46 0.07
N LEU A 48 12.23 3.66 0.43
CA LEU A 48 12.34 4.05 1.82
C LEU A 48 10.99 4.06 2.49
N PHE A 49 10.02 4.57 1.78
CA PHE A 49 8.65 4.66 2.26
C PHE A 49 8.04 3.27 2.37
N LEU A 50 8.30 2.46 1.35
CA LEU A 50 7.88 1.07 1.34
C LEU A 50 8.53 0.29 2.47
N ALA A 51 9.62 0.82 2.99
CA ALA A 51 10.28 0.22 4.15
C ALA A 51 10.06 1.05 5.41
N SER A 52 9.24 2.09 5.31
CA SER A 52 9.06 3.01 6.42
C SER A 52 7.84 2.65 7.25
N ALA A 53 7.83 3.13 8.47
CA ALA A 53 6.76 2.87 9.41
C ALA A 53 5.42 3.39 8.90
N GLU A 54 5.45 4.53 8.22
CA GLU A 54 4.24 5.16 7.72
C GLU A 54 3.43 4.20 6.85
N PHE A 55 4.10 3.55 5.91
CA PHE A 55 3.40 2.64 5.00
C PHE A 55 2.82 1.48 5.79
N CYS A 56 3.55 1.03 6.81
CA CYS A 56 3.08 -0.05 7.68
C CYS A 56 1.82 0.40 8.39
N ASN A 57 1.88 1.61 8.93
CA ASN A 57 0.76 2.25 9.60
C ASN A 57 -0.46 2.22 8.70
N ILE A 58 -0.28 2.78 7.52
CA ILE A 58 -1.32 2.92 6.53
C ILE A 58 -1.84 1.55 6.10
N LEU A 59 -0.91 0.65 5.87
CA LEU A 59 -1.20 -0.69 5.44
C LEU A 59 -1.97 -1.50 6.47
N SER A 60 -1.44 -1.55 7.67
CA SER A 60 -2.07 -2.28 8.75
C SER A 60 -3.46 -1.73 9.01
N ARG A 61 -3.60 -0.42 8.85
CA ARG A 61 -4.90 0.24 8.92
C ARG A 61 -5.84 -0.31 7.87
N VAL A 62 -5.44 -0.18 6.61
CA VAL A 62 -6.33 -0.50 5.51
C VAL A 62 -6.65 -1.96 5.43
N LEU A 63 -5.64 -2.80 5.59
CA LEU A 63 -5.85 -4.23 5.51
C LEU A 63 -6.89 -4.69 6.50
N SER A 64 -6.65 -4.36 7.74
CA SER A 64 -7.54 -4.75 8.83
C SER A 64 -8.94 -4.21 8.60
N ARG A 65 -9.02 -2.97 8.14
CA ARG A 65 -10.30 -2.36 7.79
C ARG A 65 -10.91 -3.06 6.59
N ALA A 66 -10.04 -3.44 5.66
CA ALA A 66 -10.44 -4.08 4.42
C ALA A 66 -11.00 -5.48 4.66
N ARG A 67 -10.43 -6.19 5.62
CA ARG A 67 -10.90 -7.53 5.96
C ARG A 67 -12.33 -7.45 6.51
N SER A 68 -12.58 -6.46 7.35
CA SER A 68 -13.88 -6.29 8.01
C SER A 68 -14.86 -5.58 7.11
N ARG A 69 -14.32 -4.69 6.31
CA ARG A 69 -15.11 -3.81 5.49
C ARG A 69 -14.62 -3.83 4.06
N PRO A 70 -14.86 -4.94 3.36
CA PRO A 70 -14.46 -5.09 1.96
C PRO A 70 -15.29 -4.22 1.02
N ALA A 71 -16.27 -3.51 1.59
CA ALA A 71 -17.04 -2.54 0.82
C ALA A 71 -16.27 -1.24 0.77
N LYS A 72 -15.53 -1.01 1.84
CA LYS A 72 -14.68 0.15 1.95
C LYS A 72 -13.30 -0.11 1.38
N LEU A 73 -13.09 -1.32 0.83
CA LEU A 73 -11.83 -1.64 0.18
C LEU A 73 -11.34 -0.54 -0.75
N TYR A 74 -12.23 0.03 -1.55
CA TYR A 74 -11.89 1.14 -2.40
C TYR A 74 -11.40 2.33 -1.61
N VAL A 75 -11.93 2.51 -0.42
CA VAL A 75 -11.52 3.63 0.41
C VAL A 75 -10.05 3.45 0.71
N TYR A 76 -9.75 2.20 0.98
CA TYR A 76 -8.42 1.74 1.32
C TYR A 76 -7.53 1.71 0.08
N ILE A 77 -8.07 1.20 -1.01
CA ILE A 77 -7.40 1.20 -2.30
C ILE A 77 -7.05 2.62 -2.70
N ASN A 78 -8.06 3.49 -2.70
CA ASN A 78 -7.84 4.90 -2.98
C ASN A 78 -6.90 5.53 -1.94
N GLU A 79 -7.04 5.12 -0.67
CA GLU A 79 -6.15 5.59 0.39
C GLU A 79 -4.70 5.27 0.07
N LEU A 80 -4.45 3.99 -0.09
CA LEU A 80 -3.12 3.48 -0.32
C LEU A 80 -2.56 4.06 -1.61
N CYS A 81 -3.39 4.13 -2.62
CA CYS A 81 -3.02 4.75 -3.88
C CYS A 81 -2.59 6.20 -3.66
N THR A 82 -3.38 6.92 -2.88
CA THR A 82 -3.09 8.30 -2.54
C THR A 82 -1.81 8.36 -1.71
N VAL A 83 -1.73 7.49 -0.72
CA VAL A 83 -0.55 7.29 0.10
C VAL A 83 0.70 7.08 -0.74
N LEU A 84 0.60 6.14 -1.66
CA LEU A 84 1.73 5.77 -2.49
C LEU A 84 2.08 6.90 -3.44
N LYS A 85 1.06 7.60 -3.93
CA LYS A 85 1.22 8.71 -4.83
C LYS A 85 1.79 9.89 -4.06
N ALA A 86 1.53 9.89 -2.75
CA ALA A 86 1.99 10.92 -1.88
C ALA A 86 3.47 10.74 -1.59
N HIS A 87 3.88 9.49 -1.53
CA HIS A 87 5.24 9.15 -1.14
C HIS A 87 5.92 8.30 -2.20
N SER A 88 5.71 8.66 -3.46
CA SER A 88 6.40 8.05 -4.54
C SER A 88 7.85 8.54 -4.56
N ALA A 89 8.76 7.69 -4.99
CA ALA A 89 10.15 8.09 -5.11
C ALA A 89 10.35 8.94 -6.35
N LYS A 90 10.01 8.38 -7.50
CA LYS A 90 10.21 9.07 -8.77
C LYS A 90 8.87 9.50 -9.40
N LYS A 91 8.30 10.60 -8.92
CA LYS A 91 7.14 11.22 -9.59
C LYS A 91 7.59 11.99 -10.83
N LYS A 92 8.81 11.70 -11.24
CA LYS A 92 9.43 12.32 -12.39
C LYS A 92 9.17 11.47 -13.63
N LEU A 93 8.52 10.33 -13.38
CA LEU A 93 8.31 9.30 -14.40
C LEU A 93 9.65 8.68 -14.75
N ASN A 94 10.36 9.28 -15.70
CA ASN A 94 11.72 8.86 -16.02
C ASN A 94 12.72 9.62 -15.14
N GLY A 1 15.94 16.99 16.86
CA GLY A 1 16.22 15.74 16.10
C GLY A 1 15.14 14.71 16.31
N SER A 2 15.53 13.44 16.18
CA SER A 2 14.62 12.31 16.35
C SER A 2 13.64 12.20 15.19
N HIS A 3 13.05 11.02 15.04
CA HIS A 3 12.09 10.73 13.97
C HIS A 3 12.72 10.99 12.59
N MET A 4 13.92 10.45 12.39
CA MET A 4 14.60 10.52 11.10
C MET A 4 15.39 9.24 10.87
N GLY A 5 14.88 8.15 11.42
CA GLY A 5 15.55 6.88 11.34
C GLY A 5 15.11 5.97 12.47
N LYS A 6 14.32 4.95 12.15
CA LYS A 6 13.76 4.06 13.15
C LYS A 6 13.44 2.71 12.54
N LYS A 7 12.65 1.90 13.26
CA LYS A 7 12.15 0.61 12.78
C LYS A 7 11.83 0.59 11.29
N CYS A 8 12.33 -0.44 10.62
CA CYS A 8 12.05 -0.66 9.21
C CYS A 8 10.96 -1.71 9.07
N TYR A 9 10.12 -1.57 8.05
CA TYR A 9 9.04 -2.53 7.82
C TYR A 9 8.96 -2.96 6.37
N LYS A 10 10.07 -2.88 5.64
CA LYS A 10 10.06 -3.09 4.20
C LYS A 10 9.37 -4.40 3.83
N LEU A 11 9.84 -5.49 4.41
CA LEU A 11 9.27 -6.79 4.15
C LEU A 11 7.81 -6.83 4.53
N GLU A 12 7.53 -6.39 5.74
CA GLU A 12 6.19 -6.37 6.27
C GLU A 12 5.27 -5.62 5.33
N ASN A 13 5.71 -4.44 4.91
CA ASN A 13 4.92 -3.59 4.03
C ASN A 13 4.71 -4.22 2.67
N GLU A 14 5.76 -4.77 2.08
CA GLU A 14 5.64 -5.51 0.84
C GLU A 14 4.57 -6.58 0.98
N LYS A 15 4.73 -7.39 2.00
CA LYS A 15 3.81 -8.46 2.30
C LYS A 15 2.40 -7.95 2.50
N LEU A 16 2.26 -7.00 3.40
CA LEU A 16 0.96 -6.39 3.70
C LEU A 16 0.31 -5.89 2.42
N PHE A 17 1.11 -5.26 1.58
CA PHE A 17 0.63 -4.80 0.29
C PHE A 17 0.07 -5.97 -0.51
N GLU A 18 0.82 -7.06 -0.57
CA GLU A 18 0.38 -8.25 -1.27
C GLU A 18 -0.88 -8.81 -0.64
N GLU A 19 -0.91 -8.83 0.68
CA GLU A 19 -2.05 -9.38 1.41
C GLU A 19 -3.30 -8.61 1.06
N PHE A 20 -3.11 -7.31 0.88
CA PHE A 20 -4.18 -6.41 0.55
C PHE A 20 -4.50 -6.53 -0.93
N LEU A 21 -3.44 -6.62 -1.74
CA LEU A 21 -3.56 -6.78 -3.17
C LEU A 21 -4.34 -8.04 -3.54
N GLU A 22 -3.90 -9.17 -3.03
CA GLU A 22 -4.59 -10.44 -3.24
C GLU A 22 -6.02 -10.33 -2.78
N LEU A 23 -6.20 -9.73 -1.61
CA LEU A 23 -7.52 -9.42 -1.08
C LEU A 23 -8.34 -8.66 -2.09
N CYS A 24 -7.75 -7.61 -2.67
CA CYS A 24 -8.44 -6.82 -3.68
C CYS A 24 -8.87 -7.71 -4.84
N LYS A 25 -7.96 -8.58 -5.31
CA LYS A 25 -8.27 -9.49 -6.41
C LYS A 25 -9.49 -10.35 -6.07
N MET A 26 -9.79 -10.46 -4.78
CA MET A 26 -10.89 -11.27 -4.31
C MET A 26 -12.18 -10.46 -4.23
N GLN A 27 -12.10 -9.21 -3.77
CA GLN A 27 -13.30 -8.41 -3.58
C GLN A 27 -13.55 -7.44 -4.74
N THR A 28 -12.54 -7.18 -5.56
CA THR A 28 -12.69 -6.19 -6.63
C THR A 28 -12.78 -6.87 -7.99
N ALA A 29 -13.61 -7.89 -8.09
CA ALA A 29 -13.84 -8.56 -9.36
C ALA A 29 -14.26 -7.57 -10.45
N ASP A 30 -15.01 -6.55 -10.05
CA ASP A 30 -15.47 -5.53 -10.99
C ASP A 30 -14.31 -4.60 -11.35
N HIS A 31 -13.32 -4.57 -10.50
CA HIS A 31 -12.17 -3.69 -10.69
C HIS A 31 -10.85 -4.44 -10.56
N PRO A 32 -10.55 -5.34 -11.49
CA PRO A 32 -9.28 -6.06 -11.51
C PRO A 32 -8.12 -5.14 -11.88
N GLU A 33 -8.48 -3.93 -12.32
CA GLU A 33 -7.54 -2.87 -12.65
C GLU A 33 -6.96 -2.25 -11.39
N VAL A 34 -7.69 -2.41 -10.30
CA VAL A 34 -7.36 -1.81 -9.03
C VAL A 34 -6.04 -2.33 -8.50
N VAL A 35 -5.80 -3.61 -8.70
CA VAL A 35 -4.56 -4.21 -8.30
C VAL A 35 -3.36 -3.65 -9.07
N PRO A 36 -3.39 -3.67 -10.41
CA PRO A 36 -2.38 -3.00 -11.22
C PRO A 36 -2.15 -1.54 -10.81
N PHE A 37 -3.25 -0.85 -10.49
CA PHE A 37 -3.19 0.54 -10.06
C PHE A 37 -2.53 0.63 -8.69
N LEU A 38 -2.78 -0.39 -7.90
CA LEU A 38 -2.27 -0.47 -6.55
C LEU A 38 -0.81 -0.78 -6.64
N TYR A 39 -0.54 -1.77 -7.47
CA TYR A 39 0.78 -2.27 -7.68
C TYR A 39 1.66 -1.16 -8.20
N ASN A 40 1.16 -0.50 -9.22
CA ASN A 40 1.78 0.65 -9.84
C ASN A 40 2.18 1.69 -8.81
N ARG A 41 1.20 2.16 -8.07
CA ARG A 41 1.44 3.16 -7.03
C ARG A 41 2.55 2.72 -6.09
N GLN A 42 2.50 1.46 -5.68
CA GLN A 42 3.45 0.93 -4.72
C GLN A 42 4.81 0.69 -5.36
N GLN A 43 4.79 0.15 -6.56
CA GLN A 43 6.01 -0.12 -7.31
C GLN A 43 6.79 1.16 -7.56
N ARG A 44 6.05 2.24 -7.82
CA ARG A 44 6.66 3.53 -8.11
C ARG A 44 6.76 4.39 -6.85
N ALA A 45 6.38 3.82 -5.73
CA ALA A 45 6.49 4.50 -4.44
C ALA A 45 7.94 4.49 -3.95
N HIS A 46 8.23 5.37 -3.01
CA HIS A 46 9.57 5.48 -2.43
C HIS A 46 9.95 4.23 -1.67
N SER A 47 11.06 3.61 -2.08
CA SER A 47 11.62 2.46 -1.37
C SER A 47 11.79 2.73 0.12
N LEU A 48 12.21 3.94 0.50
CA LEU A 48 12.27 4.33 1.90
C LEU A 48 10.92 4.25 2.56
N PHE A 49 9.92 4.74 1.84
CA PHE A 49 8.56 4.77 2.35
C PHE A 49 8.01 3.35 2.42
N LEU A 50 8.29 2.57 1.38
CA LEU A 50 7.92 1.16 1.36
C LEU A 50 8.56 0.43 2.52
N ALA A 51 9.70 0.94 2.97
CA ALA A 51 10.38 0.36 4.12
C ALA A 51 10.11 1.14 5.41
N SER A 52 9.24 2.15 5.36
CA SER A 52 9.02 3.00 6.53
C SER A 52 7.91 2.47 7.41
N ALA A 53 7.91 2.92 8.63
CA ALA A 53 6.84 2.67 9.55
C ALA A 53 5.52 3.23 9.00
N GLU A 54 5.62 4.35 8.29
CA GLU A 54 4.42 5.02 7.78
C GLU A 54 3.59 4.09 6.91
N PHE A 55 4.24 3.41 5.98
CA PHE A 55 3.52 2.51 5.08
C PHE A 55 2.93 1.36 5.87
N CYS A 56 3.65 0.90 6.88
CA CYS A 56 3.17 -0.15 7.76
C CYS A 56 1.89 0.30 8.44
N ASN A 57 1.94 1.53 8.94
CA ASN A 57 0.79 2.17 9.57
C ASN A 57 -0.41 2.15 8.64
N ILE A 58 -0.20 2.70 7.46
CA ILE A 58 -1.23 2.88 6.45
C ILE A 58 -1.76 1.52 5.99
N LEU A 59 -0.84 0.61 5.79
CA LEU A 59 -1.14 -0.74 5.34
C LEU A 59 -1.94 -1.51 6.34
N SER A 60 -1.41 -1.60 7.55
CA SER A 60 -2.07 -2.33 8.61
C SER A 60 -3.46 -1.78 8.85
N ARG A 61 -3.60 -0.46 8.70
CA ARG A 61 -4.89 0.18 8.75
C ARG A 61 -5.84 -0.39 7.73
N VAL A 62 -5.45 -0.28 6.48
CA VAL A 62 -6.35 -0.58 5.38
C VAL A 62 -6.68 -2.04 5.30
N LEU A 63 -5.70 -2.90 5.47
CA LEU A 63 -5.93 -4.34 5.41
C LEU A 63 -6.97 -4.77 6.43
N SER A 64 -6.72 -4.40 7.66
CA SER A 64 -7.61 -4.70 8.77
C SER A 64 -9.01 -4.17 8.52
N ARG A 65 -9.08 -2.94 8.04
CA ARG A 65 -10.35 -2.32 7.71
C ARG A 65 -10.97 -3.01 6.50
N ALA A 66 -10.13 -3.39 5.56
CA ALA A 66 -10.58 -4.00 4.30
C ALA A 66 -11.24 -5.36 4.52
N ARG A 67 -10.68 -6.16 5.41
CA ARG A 67 -11.26 -7.46 5.71
C ARG A 67 -12.65 -7.32 6.30
N SER A 68 -12.82 -6.27 7.08
CA SER A 68 -14.06 -5.99 7.78
C SER A 68 -15.02 -5.25 6.87
N ARG A 69 -14.46 -4.41 6.04
CA ARG A 69 -15.22 -3.52 5.20
C ARG A 69 -14.74 -3.59 3.77
N PRO A 70 -15.08 -4.68 3.09
CA PRO A 70 -14.71 -4.88 1.69
C PRO A 70 -15.47 -3.95 0.75
N ALA A 71 -16.43 -3.19 1.28
CA ALA A 71 -17.10 -2.16 0.49
C ALA A 71 -16.26 -0.91 0.52
N LYS A 72 -15.65 -0.69 1.68
CA LYS A 72 -14.77 0.43 1.88
C LYS A 72 -13.38 0.11 1.35
N LEU A 73 -13.21 -1.10 0.83
CA LEU A 73 -11.98 -1.49 0.17
C LEU A 73 -11.48 -0.43 -0.80
N TYR A 74 -12.36 0.15 -1.60
CA TYR A 74 -11.98 1.23 -2.48
C TYR A 74 -11.46 2.41 -1.72
N VAL A 75 -11.97 2.63 -0.52
CA VAL A 75 -11.50 3.73 0.31
C VAL A 75 -10.04 3.49 0.63
N TYR A 76 -9.78 2.24 0.93
CA TYR A 76 -8.48 1.74 1.32
C TYR A 76 -7.55 1.69 0.12
N ILE A 77 -8.05 1.14 -0.97
CA ILE A 77 -7.35 1.11 -2.23
C ILE A 77 -6.97 2.51 -2.66
N ASN A 78 -7.97 3.38 -2.70
CA ASN A 78 -7.74 4.79 -3.02
C ASN A 78 -6.82 5.44 -1.98
N GLU A 79 -6.97 5.07 -0.72
CA GLU A 79 -6.10 5.56 0.35
C GLU A 79 -4.65 5.24 0.05
N LEU A 80 -4.39 3.96 -0.09
CA LEU A 80 -3.05 3.47 -0.31
C LEU A 80 -2.49 4.05 -1.60
N CYS A 81 -3.33 4.11 -2.63
CA CYS A 81 -2.97 4.74 -3.88
C CYS A 81 -2.56 6.19 -3.66
N THR A 82 -3.37 6.90 -2.87
CA THR A 82 -3.11 8.29 -2.53
C THR A 82 -1.85 8.41 -1.69
N VAL A 83 -1.74 7.53 -0.71
CA VAL A 83 -0.55 7.36 0.09
C VAL A 83 0.71 7.20 -0.76
N LEU A 84 0.62 6.33 -1.74
CA LEU A 84 1.76 6.03 -2.60
C LEU A 84 1.98 7.17 -3.58
N LYS A 85 0.91 7.88 -3.92
CA LYS A 85 0.97 9.06 -4.73
C LYS A 85 1.68 10.14 -3.94
N ALA A 86 1.51 10.07 -2.64
CA ALA A 86 2.07 11.04 -1.74
C ALA A 86 3.57 10.82 -1.60
N HIS A 87 3.98 9.56 -1.60
CA HIS A 87 5.37 9.20 -1.29
C HIS A 87 5.96 8.31 -2.37
N SER A 88 5.72 8.68 -3.62
CA SER A 88 6.31 7.99 -4.75
C SER A 88 7.72 8.52 -5.02
N ALA A 89 8.68 7.62 -5.25
CA ALA A 89 10.06 8.02 -5.48
C ALA A 89 10.30 8.32 -6.97
N LYS A 90 9.25 8.19 -7.77
CA LYS A 90 9.37 8.38 -9.20
C LYS A 90 9.07 9.85 -9.54
N LYS A 91 8.63 10.59 -8.54
CA LYS A 91 8.38 12.01 -8.68
C LYS A 91 9.25 12.76 -7.68
N LYS A 92 10.19 13.54 -8.21
CA LYS A 92 11.19 14.21 -7.38
C LYS A 92 10.55 15.13 -6.36
N LEU A 93 11.17 15.20 -5.19
CA LEU A 93 10.69 16.03 -4.10
C LEU A 93 11.51 17.32 -4.05
N ASN A 94 12.01 17.73 -5.21
CA ASN A 94 12.92 18.86 -5.32
C ASN A 94 13.18 19.17 -6.79
N GLY A 1 21.28 11.71 12.58
CA GLY A 1 20.09 10.85 12.38
C GLY A 1 20.24 9.51 13.09
N SER A 2 19.87 9.48 14.36
CA SER A 2 19.99 8.28 15.17
C SER A 2 18.87 7.29 14.85
N HIS A 3 18.97 6.68 13.68
CA HIS A 3 18.01 5.66 13.28
C HIS A 3 18.68 4.62 12.40
N MET A 4 19.34 5.07 11.32
CA MET A 4 20.00 4.18 10.37
C MET A 4 19.01 3.12 9.91
N GLY A 5 17.88 3.57 9.38
CA GLY A 5 16.78 2.67 9.06
C GLY A 5 16.12 2.08 10.30
N LYS A 6 16.92 1.39 11.11
CA LYS A 6 16.50 0.78 12.37
C LYS A 6 15.93 -0.59 12.09
N LYS A 7 14.66 -0.62 11.76
CA LYS A 7 13.98 -1.85 11.43
C LYS A 7 14.00 -2.05 9.91
N CYS A 8 12.95 -2.69 9.39
CA CYS A 8 12.88 -3.04 7.98
C CYS A 8 11.45 -3.31 7.60
N TYR A 9 10.66 -2.25 7.61
CA TYR A 9 9.28 -2.30 7.23
C TYR A 9 9.09 -2.66 5.75
N LYS A 10 10.19 -2.69 4.99
CA LYS A 10 10.12 -3.00 3.56
C LYS A 10 9.39 -4.31 3.33
N LEU A 11 9.88 -5.37 3.96
CA LEU A 11 9.28 -6.67 3.83
C LEU A 11 7.88 -6.69 4.40
N GLU A 12 7.73 -6.10 5.58
CA GLU A 12 6.46 -5.93 6.21
C GLU A 12 5.47 -5.31 5.23
N ASN A 13 5.83 -4.17 4.69
CA ASN A 13 5.00 -3.43 3.78
C ASN A 13 4.76 -4.16 2.47
N GLU A 14 5.79 -4.77 1.91
CA GLU A 14 5.63 -5.56 0.71
C GLU A 14 4.54 -6.59 0.92
N LYS A 15 4.70 -7.37 1.98
CA LYS A 15 3.79 -8.43 2.29
C LYS A 15 2.38 -7.92 2.52
N LEU A 16 2.28 -6.94 3.41
CA LEU A 16 0.99 -6.32 3.70
C LEU A 16 0.33 -5.83 2.42
N PHE A 17 1.12 -5.23 1.55
CA PHE A 17 0.64 -4.79 0.26
C PHE A 17 0.07 -5.96 -0.52
N GLU A 18 0.83 -7.05 -0.60
CA GLU A 18 0.39 -8.25 -1.32
C GLU A 18 -0.84 -8.84 -0.65
N GLU A 19 -0.86 -8.79 0.67
CA GLU A 19 -1.98 -9.31 1.44
C GLU A 19 -3.25 -8.54 1.11
N PHE A 20 -3.07 -7.24 0.89
CA PHE A 20 -4.14 -6.36 0.57
C PHE A 20 -4.48 -6.52 -0.91
N LEU A 21 -3.43 -6.62 -1.72
CA LEU A 21 -3.56 -6.81 -3.16
C LEU A 21 -4.36 -8.06 -3.50
N GLU A 22 -3.92 -9.20 -2.96
CA GLU A 22 -4.65 -10.46 -3.11
C GLU A 22 -6.09 -10.29 -2.69
N LEU A 23 -6.26 -9.68 -1.54
CA LEU A 23 -7.58 -9.35 -1.03
C LEU A 23 -8.37 -8.58 -2.07
N CYS A 24 -7.77 -7.55 -2.64
CA CYS A 24 -8.43 -6.76 -3.68
C CYS A 24 -8.86 -7.65 -4.83
N LYS A 25 -7.95 -8.51 -5.30
CA LYS A 25 -8.27 -9.43 -6.40
C LYS A 25 -9.50 -10.27 -6.07
N MET A 26 -9.78 -10.40 -4.77
CA MET A 26 -10.89 -11.19 -4.31
C MET A 26 -12.19 -10.38 -4.26
N GLN A 27 -12.10 -9.11 -3.87
CA GLN A 27 -13.30 -8.30 -3.68
C GLN A 27 -13.53 -7.28 -4.82
N THR A 28 -12.50 -6.96 -5.59
CA THR A 28 -12.61 -5.89 -6.58
C THR A 28 -12.88 -6.45 -7.96
N ALA A 29 -13.78 -7.40 -8.05
CA ALA A 29 -14.21 -7.95 -9.33
C ALA A 29 -14.52 -6.87 -10.36
N ASP A 30 -15.20 -5.83 -9.93
CA ASP A 30 -15.60 -4.76 -10.80
C ASP A 30 -14.46 -3.80 -11.09
N HIS A 31 -13.37 -3.94 -10.34
CA HIS A 31 -12.15 -3.16 -10.59
C HIS A 31 -10.91 -4.04 -10.49
N PRO A 32 -10.72 -4.95 -11.44
CA PRO A 32 -9.54 -5.80 -11.47
C PRO A 32 -8.28 -4.99 -11.77
N GLU A 33 -8.51 -3.82 -12.35
CA GLU A 33 -7.45 -2.86 -12.67
C GLU A 33 -6.88 -2.22 -11.41
N VAL A 34 -7.61 -2.38 -10.32
CA VAL A 34 -7.25 -1.78 -9.05
C VAL A 34 -5.94 -2.35 -8.53
N VAL A 35 -5.74 -3.63 -8.74
CA VAL A 35 -4.51 -4.27 -8.33
C VAL A 35 -3.30 -3.74 -9.12
N PRO A 36 -3.34 -3.78 -10.46
CA PRO A 36 -2.33 -3.13 -11.28
C PRO A 36 -2.09 -1.68 -10.89
N PHE A 37 -3.16 -0.96 -10.57
CA PHE A 37 -3.09 0.43 -10.14
C PHE A 37 -2.44 0.52 -8.77
N LEU A 38 -2.70 -0.49 -7.97
CA LEU A 38 -2.20 -0.55 -6.62
C LEU A 38 -0.73 -0.87 -6.68
N TYR A 39 -0.47 -1.89 -7.48
CA TYR A 39 0.84 -2.41 -7.69
C TYR A 39 1.73 -1.31 -8.21
N ASN A 40 1.23 -0.67 -9.24
CA ASN A 40 1.87 0.48 -9.86
C ASN A 40 2.26 1.52 -8.83
N ARG A 41 1.28 2.02 -8.11
CA ARG A 41 1.52 3.04 -7.10
C ARG A 41 2.60 2.61 -6.12
N GLN A 42 2.56 1.36 -5.70
CA GLN A 42 3.49 0.84 -4.73
C GLN A 42 4.86 0.64 -5.37
N GLN A 43 4.86 0.11 -6.58
CA GLN A 43 6.09 -0.13 -7.33
C GLN A 43 6.82 1.19 -7.59
N ARG A 44 6.06 2.25 -7.79
CA ARG A 44 6.61 3.57 -8.08
C ARG A 44 6.73 4.44 -6.83
N ALA A 45 6.32 3.89 -5.70
CA ALA A 45 6.43 4.59 -4.42
C ALA A 45 7.89 4.64 -3.97
N HIS A 46 8.17 5.48 -2.96
CA HIS A 46 9.52 5.62 -2.43
C HIS A 46 9.94 4.37 -1.69
N SER A 47 11.05 3.79 -2.11
CA SER A 47 11.63 2.63 -1.44
C SER A 47 11.80 2.88 0.06
N LEU A 48 12.23 4.08 0.44
CA LEU A 48 12.32 4.46 1.85
C LEU A 48 10.97 4.36 2.53
N PHE A 49 9.96 4.84 1.82
CA PHE A 49 8.61 4.83 2.34
C PHE A 49 8.07 3.40 2.39
N LEU A 50 8.37 2.64 1.36
CA LEU A 50 8.00 1.24 1.30
C LEU A 50 8.71 0.46 2.40
N ALA A 51 9.82 1.00 2.88
CA ALA A 51 10.51 0.40 4.01
C ALA A 51 10.40 1.31 5.22
N SER A 52 9.36 2.14 5.24
CA SER A 52 9.10 2.99 6.38
C SER A 52 7.84 2.55 7.12
N ALA A 53 7.90 2.68 8.45
CA ALA A 53 6.81 2.38 9.36
C ALA A 53 5.47 2.97 8.93
N GLU A 54 5.50 4.16 8.35
CA GLU A 54 4.27 4.84 7.96
C GLU A 54 3.44 4.00 6.99
N PHE A 55 4.10 3.40 6.01
CA PHE A 55 3.38 2.57 5.04
C PHE A 55 2.80 1.36 5.75
N CYS A 56 3.53 0.87 6.74
CA CYS A 56 3.07 -0.25 7.57
C CYS A 56 1.85 0.16 8.35
N ASN A 57 1.93 1.35 8.92
CA ASN A 57 0.82 1.98 9.63
C ASN A 57 -0.41 2.02 8.74
N ILE A 58 -0.22 2.61 7.57
CA ILE A 58 -1.28 2.81 6.58
C ILE A 58 -1.82 1.49 6.10
N LEU A 59 -0.91 0.57 5.83
CA LEU A 59 -1.23 -0.76 5.38
C LEU A 59 -2.02 -1.54 6.40
N SER A 60 -1.48 -1.63 7.59
CA SER A 60 -2.12 -2.33 8.67
C SER A 60 -3.50 -1.75 8.94
N ARG A 61 -3.61 -0.44 8.77
CA ARG A 61 -4.89 0.24 8.82
C ARG A 61 -5.85 -0.35 7.81
N VAL A 62 -5.46 -0.25 6.55
CA VAL A 62 -6.37 -0.55 5.46
C VAL A 62 -6.67 -2.03 5.35
N LEU A 63 -5.67 -2.87 5.49
CA LEU A 63 -5.88 -4.31 5.40
C LEU A 63 -6.92 -4.80 6.39
N SER A 64 -6.69 -4.44 7.64
CA SER A 64 -7.58 -4.80 8.73
C SER A 64 -8.98 -4.25 8.49
N ARG A 65 -9.04 -2.99 8.06
CA ARG A 65 -10.30 -2.35 7.78
C ARG A 65 -10.93 -2.91 6.50
N ALA A 66 -10.09 -3.33 5.58
CA ALA A 66 -10.55 -3.92 4.32
C ALA A 66 -11.21 -5.28 4.54
N ARG A 67 -10.61 -6.08 5.42
CA ARG A 67 -11.19 -7.38 5.74
C ARG A 67 -12.47 -7.22 6.55
N SER A 68 -12.57 -6.09 7.22
CA SER A 68 -13.72 -5.78 8.05
C SER A 68 -14.80 -5.08 7.22
N ARG A 69 -14.34 -4.21 6.35
CA ARG A 69 -15.19 -3.40 5.52
C ARG A 69 -14.78 -3.48 4.07
N PRO A 70 -15.09 -4.61 3.44
CA PRO A 70 -14.77 -4.84 2.03
C PRO A 70 -15.55 -3.92 1.10
N ALA A 71 -16.52 -3.19 1.66
CA ALA A 71 -17.23 -2.17 0.89
C ALA A 71 -16.37 -0.93 0.80
N LYS A 72 -15.63 -0.70 1.87
CA LYS A 72 -14.76 0.45 1.98
C LYS A 72 -13.39 0.14 1.39
N LEU A 73 -13.23 -1.07 0.86
CA LEU A 73 -12.00 -1.47 0.18
C LEU A 73 -11.50 -0.40 -0.79
N TYR A 74 -12.39 0.16 -1.61
CA TYR A 74 -12.04 1.22 -2.51
C TYR A 74 -11.55 2.44 -1.75
N VAL A 75 -12.04 2.64 -0.55
CA VAL A 75 -11.59 3.75 0.25
C VAL A 75 -10.13 3.54 0.60
N TYR A 76 -9.87 2.29 0.96
CA TYR A 76 -8.55 1.81 1.36
C TYR A 76 -7.60 1.74 0.17
N ILE A 77 -8.12 1.23 -0.93
CA ILE A 77 -7.39 1.19 -2.19
C ILE A 77 -7.04 2.59 -2.63
N ASN A 78 -8.06 3.45 -2.65
CA ASN A 78 -7.85 4.85 -2.97
C ASN A 78 -6.88 5.48 -1.98
N GLU A 79 -7.04 5.13 -0.70
CA GLU A 79 -6.15 5.59 0.35
C GLU A 79 -4.71 5.25 0.04
N LEU A 80 -4.46 3.97 -0.10
CA LEU A 80 -3.12 3.46 -0.32
C LEU A 80 -2.55 4.02 -1.61
N CYS A 81 -3.37 4.11 -2.63
CA CYS A 81 -2.96 4.72 -3.90
C CYS A 81 -2.54 6.17 -3.66
N THR A 82 -3.36 6.88 -2.88
CA THR A 82 -3.08 8.27 -2.55
C THR A 82 -1.83 8.36 -1.70
N VAL A 83 -1.75 7.49 -0.71
CA VAL A 83 -0.57 7.30 0.12
C VAL A 83 0.68 7.10 -0.74
N LEU A 84 0.60 6.20 -1.70
CA LEU A 84 1.73 5.87 -2.55
C LEU A 84 2.01 7.01 -3.51
N LYS A 85 0.97 7.75 -3.86
CA LYS A 85 1.09 8.94 -4.67
C LYS A 85 1.78 10.02 -3.86
N ALA A 86 1.49 10.02 -2.57
CA ALA A 86 1.94 11.05 -1.68
C ALA A 86 3.41 10.85 -1.37
N HIS A 87 3.83 9.59 -1.43
CA HIS A 87 5.19 9.22 -1.07
C HIS A 87 5.81 8.39 -2.18
N SER A 88 5.53 8.79 -3.41
CA SER A 88 6.17 8.18 -4.57
C SER A 88 7.48 8.86 -4.83
N ALA A 89 8.55 8.08 -4.84
CA ALA A 89 9.89 8.59 -5.00
C ALA A 89 10.02 9.34 -6.31
N LYS A 90 9.50 8.73 -7.35
CA LYS A 90 9.54 9.29 -8.70
C LYS A 90 8.83 10.64 -8.84
N LYS A 91 7.89 10.98 -7.96
CA LYS A 91 7.02 12.13 -8.24
C LYS A 91 6.27 12.67 -7.02
N LYS A 92 6.85 12.57 -5.83
CA LYS A 92 6.18 13.06 -4.62
C LYS A 92 6.31 14.58 -4.49
N LEU A 93 6.00 15.29 -5.57
CA LEU A 93 6.00 16.75 -5.56
C LEU A 93 4.73 17.27 -4.90
N ASN A 94 4.46 16.79 -3.70
CA ASN A 94 3.27 17.17 -2.96
C ASN A 94 3.60 17.37 -1.49
N GLY A 1 19.49 4.04 16.55
CA GLY A 1 19.91 3.67 17.93
C GLY A 1 20.92 2.54 17.92
N SER A 2 20.69 1.54 18.75
CA SER A 2 21.56 0.38 18.80
C SER A 2 20.89 -0.83 18.15
N HIS A 3 19.71 -1.18 18.63
CA HIS A 3 18.97 -2.31 18.09
C HIS A 3 18.11 -1.86 16.92
N MET A 4 17.49 -0.70 17.08
CA MET A 4 16.63 -0.15 16.04
C MET A 4 17.36 0.91 15.23
N GLY A 5 17.59 0.60 13.96
CA GLY A 5 18.15 1.58 13.05
C GLY A 5 17.06 2.23 12.23
N LYS A 6 16.45 3.27 12.80
CA LYS A 6 15.33 3.98 12.19
C LYS A 6 14.04 3.22 12.42
N LYS A 7 13.76 2.23 11.56
CA LYS A 7 12.53 1.44 11.67
C LYS A 7 12.60 0.22 10.76
N CYS A 8 12.45 0.47 9.47
CA CYS A 8 12.46 -0.57 8.44
C CYS A 8 11.31 -1.58 8.60
N TYR A 9 10.35 -1.51 7.70
CA TYR A 9 9.28 -2.49 7.62
C TYR A 9 9.10 -2.97 6.19
N LYS A 10 10.18 -2.97 5.43
CA LYS A 10 10.14 -3.28 4.01
C LYS A 10 9.42 -4.61 3.74
N LEU A 11 9.90 -5.67 4.36
CA LEU A 11 9.29 -6.98 4.20
C LEU A 11 7.82 -6.94 4.53
N GLU A 12 7.53 -6.35 5.67
CA GLU A 12 6.21 -6.27 6.16
C GLU A 12 5.31 -5.55 5.19
N ASN A 13 5.78 -4.43 4.69
CA ASN A 13 4.99 -3.57 3.81
C ASN A 13 4.75 -4.25 2.47
N GLU A 14 5.81 -4.82 1.91
CA GLU A 14 5.70 -5.67 0.76
C GLU A 14 4.64 -6.73 0.96
N LYS A 15 4.76 -7.43 2.07
CA LYS A 15 3.88 -8.48 2.42
C LYS A 15 2.45 -7.97 2.57
N LEU A 16 2.28 -6.98 3.43
CA LEU A 16 0.96 -6.39 3.70
C LEU A 16 0.33 -5.90 2.42
N PHE A 17 1.12 -5.28 1.56
CA PHE A 17 0.65 -4.83 0.27
C PHE A 17 0.09 -6.00 -0.51
N GLU A 18 0.81 -7.10 -0.55
CA GLU A 18 0.35 -8.30 -1.24
C GLU A 18 -0.88 -8.87 -0.57
N GLU A 19 -0.89 -8.86 0.76
CA GLU A 19 -2.01 -9.38 1.53
C GLU A 19 -3.28 -8.64 1.13
N PHE A 20 -3.11 -7.34 0.97
CA PHE A 20 -4.19 -6.44 0.64
C PHE A 20 -4.49 -6.56 -0.85
N LEU A 21 -3.43 -6.65 -1.65
CA LEU A 21 -3.55 -6.83 -3.08
C LEU A 21 -4.32 -8.09 -3.43
N GLU A 22 -3.87 -9.21 -2.91
CA GLU A 22 -4.58 -10.50 -3.07
C GLU A 22 -6.02 -10.34 -2.64
N LEU A 23 -6.19 -9.73 -1.48
CA LEU A 23 -7.51 -9.39 -0.97
C LEU A 23 -8.31 -8.65 -2.01
N CYS A 24 -7.72 -7.61 -2.59
CA CYS A 24 -8.40 -6.85 -3.63
C CYS A 24 -8.74 -7.76 -4.82
N LYS A 25 -7.82 -8.62 -5.21
CA LYS A 25 -8.06 -9.56 -6.32
C LYS A 25 -9.28 -10.44 -6.00
N MET A 26 -9.60 -10.53 -4.73
CA MET A 26 -10.74 -11.32 -4.27
C MET A 26 -12.04 -10.52 -4.29
N GLN A 27 -11.98 -9.25 -3.87
CA GLN A 27 -13.18 -8.45 -3.74
C GLN A 27 -13.38 -7.46 -4.88
N THR A 28 -12.36 -7.24 -5.70
CA THR A 28 -12.46 -6.26 -6.77
C THR A 28 -12.48 -6.93 -8.14
N ALA A 29 -13.27 -7.98 -8.28
CA ALA A 29 -13.42 -8.65 -9.58
C ALA A 29 -13.95 -7.68 -10.63
N ASP A 30 -14.72 -6.70 -10.20
CA ASP A 30 -15.28 -5.71 -11.10
C ASP A 30 -14.21 -4.69 -11.46
N HIS A 31 -13.19 -4.64 -10.65
CA HIS A 31 -12.08 -3.72 -10.86
C HIS A 31 -10.74 -4.43 -10.71
N PRO A 32 -10.44 -5.36 -11.63
CA PRO A 32 -9.17 -6.08 -11.63
C PRO A 32 -8.02 -5.15 -11.96
N GLU A 33 -8.38 -3.95 -12.38
CA GLU A 33 -7.44 -2.88 -12.69
C GLU A 33 -6.90 -2.26 -11.41
N VAL A 34 -7.65 -2.44 -10.34
CA VAL A 34 -7.35 -1.83 -9.07
C VAL A 34 -6.04 -2.35 -8.51
N VAL A 35 -5.78 -3.62 -8.70
CA VAL A 35 -4.53 -4.21 -8.29
C VAL A 35 -3.34 -3.64 -9.06
N PRO A 36 -3.35 -3.69 -10.39
CA PRO A 36 -2.33 -3.01 -11.21
C PRO A 36 -2.16 -1.54 -10.82
N PHE A 37 -3.27 -0.89 -10.47
CA PHE A 37 -3.27 0.50 -10.05
C PHE A 37 -2.62 0.62 -8.69
N LEU A 38 -2.84 -0.40 -7.88
CA LEU A 38 -2.33 -0.43 -6.54
C LEU A 38 -0.85 -0.70 -6.62
N TYR A 39 -0.55 -1.70 -7.43
CA TYR A 39 0.78 -2.17 -7.64
C TYR A 39 1.63 -1.05 -8.18
N ASN A 40 1.10 -0.40 -9.21
CA ASN A 40 1.72 0.74 -9.84
C ASN A 40 2.14 1.79 -8.83
N ARG A 41 1.18 2.26 -8.05
CA ARG A 41 1.44 3.28 -7.04
C ARG A 41 2.54 2.84 -6.08
N GLN A 42 2.50 1.57 -5.70
CA GLN A 42 3.47 1.02 -4.75
C GLN A 42 4.82 0.83 -5.43
N GLN A 43 4.79 0.31 -6.64
CA GLN A 43 5.99 0.09 -7.43
C GLN A 43 6.73 1.40 -7.69
N ARG A 44 5.96 2.46 -7.89
CA ARG A 44 6.53 3.77 -8.17
C ARG A 44 6.66 4.62 -6.91
N ALA A 45 6.32 4.02 -5.78
CA ALA A 45 6.48 4.68 -4.50
C ALA A 45 7.93 4.61 -4.03
N HIS A 46 8.27 5.44 -3.05
CA HIS A 46 9.62 5.51 -2.54
C HIS A 46 9.98 4.25 -1.79
N SER A 47 11.06 3.60 -2.21
CA SER A 47 11.55 2.39 -1.56
C SER A 47 11.78 2.63 -0.07
N LEU A 48 12.22 3.83 0.31
CA LEU A 48 12.34 4.21 1.71
C LEU A 48 11.00 4.19 2.39
N PHE A 49 10.00 4.70 1.70
CA PHE A 49 8.64 4.75 2.22
C PHE A 49 8.05 3.35 2.29
N LEU A 50 8.31 2.56 1.26
CA LEU A 50 7.89 1.17 1.22
C LEU A 50 8.56 0.38 2.34
N ALA A 51 9.68 0.90 2.83
CA ALA A 51 10.35 0.29 3.95
C ALA A 51 10.18 1.14 5.21
N SER A 52 9.29 2.13 5.17
CA SER A 52 9.11 3.03 6.29
C SER A 52 7.98 2.56 7.20
N ALA A 53 8.04 3.03 8.44
CA ALA A 53 7.03 2.72 9.44
C ALA A 53 5.65 3.19 9.00
N GLU A 54 5.60 4.36 8.38
CA GLU A 54 4.35 4.96 7.94
C GLU A 54 3.55 4.02 7.05
N PHE A 55 4.20 3.40 6.08
CA PHE A 55 3.50 2.51 5.16
C PHE A 55 2.96 1.31 5.92
N CYS A 56 3.73 0.85 6.90
CA CYS A 56 3.31 -0.24 7.76
C CYS A 56 2.02 0.14 8.47
N ASN A 57 2.04 1.34 9.01
CA ASN A 57 0.87 1.94 9.66
C ASN A 57 -0.33 1.94 8.74
N ILE A 58 -0.13 2.55 7.59
CA ILE A 58 -1.18 2.76 6.60
C ILE A 58 -1.73 1.43 6.11
N LEU A 59 -0.81 0.52 5.84
CA LEU A 59 -1.13 -0.80 5.33
C LEU A 59 -1.94 -1.61 6.31
N SER A 60 -1.43 -1.72 7.52
CA SER A 60 -2.09 -2.49 8.54
C SER A 60 -3.49 -1.91 8.82
N ARG A 61 -3.59 -0.59 8.72
CA ARG A 61 -4.87 0.09 8.84
C ARG A 61 -5.84 -0.38 7.79
N VAL A 62 -5.47 -0.20 6.53
CA VAL A 62 -6.39 -0.45 5.43
C VAL A 62 -6.76 -1.91 5.33
N LEU A 63 -5.79 -2.78 5.54
CA LEU A 63 -6.04 -4.22 5.52
C LEU A 63 -7.11 -4.60 6.52
N SER A 64 -6.89 -4.17 7.75
CA SER A 64 -7.80 -4.45 8.84
C SER A 64 -9.18 -3.85 8.59
N ARG A 65 -9.19 -2.65 8.03
CA ARG A 65 -10.44 -2.01 7.63
C ARG A 65 -11.08 -2.79 6.49
N ALA A 66 -10.26 -3.17 5.53
CA ALA A 66 -10.71 -3.78 4.28
C ALA A 66 -11.47 -5.09 4.52
N ARG A 67 -10.98 -5.89 5.45
CA ARG A 67 -11.66 -7.13 5.79
C ARG A 67 -12.97 -6.86 6.52
N SER A 68 -13.03 -5.72 7.19
CA SER A 68 -14.21 -5.34 7.95
C SER A 68 -15.22 -4.67 7.04
N ARG A 69 -14.70 -3.89 6.13
CA ARG A 69 -15.48 -3.12 5.21
C ARG A 69 -14.98 -3.29 3.79
N PRO A 70 -15.28 -4.45 3.19
CA PRO A 70 -14.91 -4.75 1.81
C PRO A 70 -15.59 -3.83 0.80
N ALA A 71 -16.61 -3.10 1.26
CA ALA A 71 -17.24 -2.09 0.42
C ALA A 71 -16.38 -0.84 0.39
N LYS A 72 -15.72 -0.61 1.52
CA LYS A 72 -14.84 0.53 1.67
C LYS A 72 -13.44 0.18 1.18
N LEU A 73 -13.28 -1.05 0.71
CA LEU A 73 -12.04 -1.48 0.08
C LEU A 73 -11.52 -0.44 -0.91
N TYR A 74 -12.41 0.12 -1.72
CA TYR A 74 -12.03 1.17 -2.64
C TYR A 74 -11.50 2.37 -1.89
N VAL A 75 -12.01 2.62 -0.70
CA VAL A 75 -11.53 3.74 0.10
C VAL A 75 -10.09 3.48 0.45
N TYR A 76 -9.86 2.25 0.85
CA TYR A 76 -8.57 1.76 1.29
C TYR A 76 -7.61 1.64 0.12
N ILE A 77 -8.10 1.07 -0.98
CA ILE A 77 -7.36 1.01 -2.22
C ILE A 77 -6.97 2.40 -2.67
N ASN A 78 -7.97 3.27 -2.75
CA ASN A 78 -7.73 4.67 -3.11
C ASN A 78 -6.81 5.32 -2.09
N GLU A 79 -7.00 4.96 -0.82
CA GLU A 79 -6.20 5.51 0.28
C GLU A 79 -4.74 5.19 0.11
N LEU A 80 -4.46 3.91 -0.04
CA LEU A 80 -3.11 3.44 -0.20
C LEU A 80 -2.51 4.03 -1.47
N CYS A 81 -3.32 4.10 -2.52
CA CYS A 81 -2.92 4.73 -3.76
C CYS A 81 -2.53 6.19 -3.53
N THR A 82 -3.36 6.87 -2.74
CA THR A 82 -3.12 8.26 -2.38
C THR A 82 -1.84 8.37 -1.56
N VAL A 83 -1.74 7.50 -0.58
CA VAL A 83 -0.55 7.32 0.22
C VAL A 83 0.70 7.12 -0.63
N LEU A 84 0.60 6.19 -1.56
CA LEU A 84 1.72 5.86 -2.41
C LEU A 84 2.06 7.02 -3.33
N LYS A 85 1.03 7.71 -3.80
CA LYS A 85 1.20 8.87 -4.65
C LYS A 85 1.83 9.99 -3.86
N ALA A 86 1.52 10.00 -2.58
CA ALA A 86 1.98 11.03 -1.70
C ALA A 86 3.47 10.87 -1.45
N HIS A 87 3.90 9.62 -1.49
CA HIS A 87 5.27 9.27 -1.15
C HIS A 87 5.90 8.45 -2.25
N SER A 88 5.63 8.83 -3.49
CA SER A 88 6.28 8.24 -4.62
C SER A 88 7.67 8.82 -4.77
N ALA A 89 8.66 7.96 -4.93
CA ALA A 89 10.06 8.35 -4.86
C ALA A 89 10.39 9.58 -5.68
N LYS A 90 9.96 9.60 -6.94
CA LYS A 90 10.20 10.77 -7.78
C LYS A 90 8.90 11.28 -8.42
N LYS A 91 7.83 11.27 -7.65
CA LYS A 91 6.54 11.81 -8.12
C LYS A 91 6.08 12.90 -7.15
N LYS A 92 7.03 13.72 -6.73
CA LYS A 92 6.73 14.84 -5.84
C LYS A 92 6.08 15.95 -6.64
N LEU A 93 6.81 16.48 -7.62
CA LEU A 93 6.34 17.59 -8.46
C LEU A 93 5.72 18.70 -7.62
N ASN A 94 6.36 18.97 -6.49
CA ASN A 94 5.89 19.98 -5.56
C ASN A 94 7.11 20.74 -5.06
N GLY A 1 24.83 3.94 18.55
CA GLY A 1 23.99 3.00 17.78
C GLY A 1 23.08 3.71 16.81
N SER A 2 23.57 3.91 15.59
CA SER A 2 22.82 4.60 14.55
C SER A 2 22.87 3.77 13.27
N HIS A 3 22.15 2.67 13.26
CA HIS A 3 22.21 1.72 12.17
C HIS A 3 21.12 1.97 11.14
N MET A 4 21.45 2.75 10.11
CA MET A 4 20.57 3.03 8.97
C MET A 4 19.38 3.92 9.37
N GLY A 5 18.52 3.40 10.23
CA GLY A 5 17.33 4.11 10.63
C GLY A 5 16.71 3.46 11.83
N LYS A 6 15.51 3.88 12.21
CA LYS A 6 14.83 3.27 13.35
C LYS A 6 14.19 1.94 12.95
N LYS A 7 12.90 2.00 12.63
CA LYS A 7 12.12 0.81 12.33
C LYS A 7 11.78 0.72 10.85
N CYS A 8 12.30 -0.31 10.19
CA CYS A 8 11.99 -0.54 8.79
C CYS A 8 10.98 -1.67 8.68
N TYR A 9 10.09 -1.58 7.70
CA TYR A 9 9.05 -2.59 7.55
C TYR A 9 8.89 -3.06 6.12
N LYS A 10 9.94 -3.02 5.30
CA LYS A 10 9.75 -3.31 3.88
C LYS A 10 9.14 -4.69 3.67
N LEU A 11 9.72 -5.73 4.25
CA LEU A 11 9.15 -7.06 4.14
C LEU A 11 7.69 -7.07 4.56
N GLU A 12 7.42 -6.47 5.70
CA GLU A 12 6.10 -6.40 6.22
C GLU A 12 5.18 -5.67 5.27
N ASN A 13 5.62 -4.54 4.76
CA ASN A 13 4.81 -3.69 3.90
C ASN A 13 4.63 -4.30 2.53
N GLU A 14 5.70 -4.83 1.96
CA GLU A 14 5.65 -5.61 0.77
C GLU A 14 4.59 -6.70 0.90
N LYS A 15 4.71 -7.46 1.97
CA LYS A 15 3.79 -8.51 2.31
C LYS A 15 2.37 -8.00 2.53
N LEU A 16 2.23 -6.99 3.37
CA LEU A 16 0.93 -6.40 3.66
C LEU A 16 0.29 -5.88 2.39
N PHE A 17 1.11 -5.30 1.52
CA PHE A 17 0.67 -4.88 0.22
C PHE A 17 0.08 -6.05 -0.55
N GLU A 18 0.82 -7.15 -0.60
CA GLU A 18 0.34 -8.36 -1.27
C GLU A 18 -0.94 -8.85 -0.63
N GLU A 19 -0.96 -8.80 0.70
CA GLU A 19 -2.11 -9.27 1.46
C GLU A 19 -3.34 -8.47 1.09
N PHE A 20 -3.11 -7.20 0.84
CA PHE A 20 -4.14 -6.27 0.47
C PHE A 20 -4.46 -6.44 -1.01
N LEU A 21 -3.40 -6.60 -1.81
CA LEU A 21 -3.51 -6.82 -3.24
C LEU A 21 -4.31 -8.06 -3.58
N GLU A 22 -3.88 -9.20 -3.04
CA GLU A 22 -4.61 -10.47 -3.20
C GLU A 22 -6.04 -10.29 -2.76
N LEU A 23 -6.20 -9.63 -1.63
CA LEU A 23 -7.51 -9.27 -1.13
C LEU A 23 -8.31 -8.53 -2.19
N CYS A 24 -7.71 -7.50 -2.75
CA CYS A 24 -8.37 -6.73 -3.80
C CYS A 24 -8.76 -7.63 -4.96
N LYS A 25 -7.85 -8.52 -5.37
CA LYS A 25 -8.14 -9.46 -6.46
C LYS A 25 -9.39 -10.28 -6.14
N MET A 26 -9.70 -10.38 -4.86
CA MET A 26 -10.85 -11.13 -4.39
C MET A 26 -12.13 -10.28 -4.40
N GLN A 27 -12.02 -9.00 -4.07
CA GLN A 27 -13.20 -8.15 -3.90
C GLN A 27 -13.37 -7.09 -4.99
N THR A 28 -12.35 -6.84 -5.79
CA THR A 28 -12.45 -5.80 -6.81
C THR A 28 -12.64 -6.41 -8.18
N ALA A 29 -13.58 -7.33 -8.29
CA ALA A 29 -13.92 -7.93 -9.57
C ALA A 29 -14.29 -6.88 -10.61
N ASP A 30 -14.94 -5.81 -10.15
CA ASP A 30 -15.35 -4.73 -11.05
C ASP A 30 -14.15 -3.88 -11.44
N HIS A 31 -13.09 -3.99 -10.66
CA HIS A 31 -11.87 -3.22 -10.91
C HIS A 31 -10.63 -4.09 -10.73
N PRO A 32 -10.42 -5.08 -11.62
CA PRO A 32 -9.22 -5.89 -11.60
C PRO A 32 -8.00 -5.08 -12.01
N GLU A 33 -8.26 -3.87 -12.49
CA GLU A 33 -7.24 -2.89 -12.82
C GLU A 33 -6.68 -2.25 -11.55
N VAL A 34 -7.44 -2.37 -10.46
CA VAL A 34 -7.10 -1.75 -9.21
C VAL A 34 -5.81 -2.32 -8.64
N VAL A 35 -5.63 -3.62 -8.81
CA VAL A 35 -4.41 -4.27 -8.38
C VAL A 35 -3.19 -3.75 -9.13
N PRO A 36 -3.19 -3.79 -10.47
CA PRO A 36 -2.16 -3.15 -11.28
C PRO A 36 -1.94 -1.68 -10.88
N PHE A 37 -3.04 -1.00 -10.58
CA PHE A 37 -3.01 0.42 -10.18
C PHE A 37 -2.42 0.55 -8.79
N LEU A 38 -2.64 -0.47 -7.97
CA LEU A 38 -2.13 -0.54 -6.63
C LEU A 38 -0.66 -0.85 -6.71
N TYR A 39 -0.39 -1.86 -7.51
CA TYR A 39 0.93 -2.35 -7.75
C TYR A 39 1.79 -1.22 -8.26
N ASN A 40 1.26 -0.55 -9.27
CA ASN A 40 1.88 0.62 -9.87
C ASN A 40 2.24 1.66 -8.84
N ARG A 41 1.24 2.11 -8.08
CA ARG A 41 1.48 3.08 -7.02
C ARG A 41 2.58 2.62 -6.08
N GLN A 42 2.53 1.35 -5.73
CA GLN A 42 3.48 0.73 -4.81
C GLN A 42 4.87 0.64 -5.45
N GLN A 43 4.89 0.14 -6.68
CA GLN A 43 6.13 -0.06 -7.43
C GLN A 43 6.82 1.28 -7.73
N ARG A 44 6.03 2.32 -7.89
CA ARG A 44 6.56 3.64 -8.21
C ARG A 44 6.78 4.47 -6.95
N ALA A 45 6.37 3.93 -5.82
CA ALA A 45 6.54 4.61 -4.54
C ALA A 45 7.98 4.55 -4.07
N HIS A 46 8.31 5.38 -3.10
CA HIS A 46 9.65 5.43 -2.55
C HIS A 46 9.92 4.16 -1.77
N SER A 47 10.95 3.43 -2.19
CA SER A 47 11.36 2.22 -1.49
C SER A 47 11.63 2.50 -0.01
N LEU A 48 12.15 3.69 0.30
CA LEU A 48 12.31 4.12 1.69
C LEU A 48 10.97 4.15 2.40
N PHE A 49 9.99 4.68 1.71
CA PHE A 49 8.64 4.80 2.25
C PHE A 49 7.99 3.41 2.36
N LEU A 50 8.19 2.60 1.33
CA LEU A 50 7.67 1.25 1.32
C LEU A 50 8.30 0.44 2.43
N ALA A 51 9.49 0.86 2.86
CA ALA A 51 10.17 0.22 3.97
C ALA A 51 10.06 1.06 5.23
N SER A 52 9.24 2.09 5.19
CA SER A 52 9.11 2.99 6.32
C SER A 52 7.94 2.60 7.20
N ALA A 53 8.02 3.02 8.45
CA ALA A 53 6.98 2.75 9.43
C ALA A 53 5.62 3.29 8.99
N GLU A 54 5.62 4.43 8.31
CA GLU A 54 4.38 5.06 7.88
C GLU A 54 3.55 4.13 7.00
N PHE A 55 4.19 3.46 6.04
CA PHE A 55 3.45 2.60 5.13
C PHE A 55 2.93 1.40 5.90
N CYS A 56 3.70 0.95 6.88
CA CYS A 56 3.26 -0.11 7.77
C CYS A 56 2.01 0.31 8.50
N ASN A 57 2.07 1.52 9.04
CA ASN A 57 0.95 2.15 9.72
C ASN A 57 -0.29 2.14 8.84
N ILE A 58 -0.12 2.70 7.67
CA ILE A 58 -1.19 2.89 6.70
C ILE A 58 -1.75 1.55 6.24
N LEU A 59 -0.85 0.64 5.93
CA LEU A 59 -1.18 -0.70 5.48
C LEU A 59 -1.97 -1.46 6.53
N SER A 60 -1.42 -1.50 7.71
CA SER A 60 -2.03 -2.21 8.81
C SER A 60 -3.41 -1.64 9.09
N ARG A 61 -3.55 -0.33 8.92
CA ARG A 61 -4.83 0.33 9.01
C ARG A 61 -5.80 -0.24 7.99
N VAL A 62 -5.44 -0.17 6.71
CA VAL A 62 -6.38 -0.44 5.64
C VAL A 62 -6.74 -1.90 5.54
N LEU A 63 -5.75 -2.77 5.65
CA LEU A 63 -6.00 -4.20 5.55
C LEU A 63 -7.01 -4.67 6.56
N SER A 64 -6.73 -4.31 7.80
CA SER A 64 -7.61 -4.64 8.93
C SER A 64 -9.02 -4.09 8.68
N ARG A 65 -9.09 -2.87 8.17
CA ARG A 65 -10.35 -2.23 7.84
C ARG A 65 -11.00 -2.91 6.64
N ALA A 66 -10.15 -3.33 5.70
CA ALA A 66 -10.58 -3.92 4.44
C ALA A 66 -11.27 -5.26 4.64
N ARG A 67 -10.70 -6.10 5.48
CA ARG A 67 -11.29 -7.40 5.76
C ARG A 67 -12.62 -7.27 6.50
N SER A 68 -12.74 -6.19 7.24
CA SER A 68 -13.96 -5.90 7.99
C SER A 68 -14.97 -5.21 7.10
N ARG A 69 -14.45 -4.41 6.20
CA ARG A 69 -15.25 -3.59 5.34
C ARG A 69 -14.79 -3.70 3.91
N PRO A 70 -15.07 -4.83 3.28
CA PRO A 70 -14.70 -5.08 1.89
C PRO A 70 -15.48 -4.20 0.93
N ALA A 71 -16.47 -3.46 1.45
CA ALA A 71 -17.19 -2.48 0.66
C ALA A 71 -16.40 -1.19 0.62
N LYS A 72 -15.72 -0.95 1.74
CA LYS A 72 -14.88 0.23 1.88
C LYS A 72 -13.49 -0.03 1.34
N LEU A 73 -13.28 -1.21 0.76
CA LEU A 73 -12.03 -1.52 0.10
C LEU A 73 -11.57 -0.38 -0.80
N TYR A 74 -12.41 0.02 -1.77
CA TYR A 74 -12.12 1.17 -2.59
C TYR A 74 -11.66 2.38 -1.78
N VAL A 75 -12.10 2.51 -0.56
CA VAL A 75 -11.63 3.60 0.29
C VAL A 75 -10.17 3.38 0.59
N TYR A 76 -9.89 2.16 0.99
CA TYR A 76 -8.57 1.70 1.38
C TYR A 76 -7.65 1.66 0.17
N ILE A 77 -8.17 1.18 -0.94
CA ILE A 77 -7.46 1.18 -2.21
C ILE A 77 -7.12 2.60 -2.61
N ASN A 78 -8.13 3.46 -2.58
CA ASN A 78 -7.92 4.88 -2.87
C ASN A 78 -6.96 5.49 -1.85
N GLU A 79 -7.11 5.07 -0.60
CA GLU A 79 -6.29 5.56 0.50
C GLU A 79 -4.83 5.23 0.28
N LEU A 80 -4.55 3.96 0.09
CA LEU A 80 -3.20 3.48 -0.11
C LEU A 80 -2.63 4.03 -1.41
N CYS A 81 -3.48 4.14 -2.43
CA CYS A 81 -3.07 4.73 -3.69
C CYS A 81 -2.70 6.19 -3.48
N THR A 82 -3.49 6.87 -2.65
CA THR A 82 -3.25 8.26 -2.30
C THR A 82 -1.95 8.38 -1.53
N VAL A 83 -1.73 7.40 -0.67
CA VAL A 83 -0.53 7.27 0.13
C VAL A 83 0.70 7.09 -0.73
N LEU A 84 0.60 6.18 -1.68
CA LEU A 84 1.70 5.86 -2.56
C LEU A 84 1.93 6.98 -3.57
N LYS A 85 0.86 7.69 -3.90
CA LYS A 85 0.93 8.85 -4.75
C LYS A 85 1.58 9.98 -3.99
N ALA A 86 1.37 9.96 -2.68
CA ALA A 86 1.89 10.99 -1.81
C ALA A 86 3.38 10.81 -1.62
N HIS A 87 3.80 9.56 -1.51
CA HIS A 87 5.19 9.25 -1.19
C HIS A 87 5.83 8.43 -2.30
N SER A 88 5.50 8.79 -3.52
CA SER A 88 6.14 8.21 -4.68
C SER A 88 7.52 8.83 -4.84
N ALA A 89 8.52 7.96 -4.95
CA ALA A 89 9.94 8.33 -4.95
C ALA A 89 10.23 9.51 -5.86
N LYS A 90 9.58 9.54 -7.02
CA LYS A 90 9.58 10.72 -7.86
C LYS A 90 8.35 10.69 -8.76
N LYS A 91 7.62 11.80 -8.79
CA LYS A 91 6.34 11.86 -9.49
C LYS A 91 6.53 12.22 -10.96
N LYS A 92 7.14 11.32 -11.71
CA LYS A 92 7.23 11.44 -13.17
C LYS A 92 7.76 10.14 -13.77
N LEU A 93 7.26 9.01 -13.26
CA LEU A 93 7.78 7.68 -13.57
C LEU A 93 9.19 7.47 -13.01
N ASN A 94 10.07 8.43 -13.24
CA ASN A 94 11.43 8.38 -12.71
C ASN A 94 12.10 9.74 -12.88
N GLY A 1 2.67 -8.77 19.85
CA GLY A 1 3.94 -8.72 19.08
C GLY A 1 3.73 -8.94 17.60
N SER A 2 4.62 -8.37 16.79
CA SER A 2 4.53 -8.50 15.35
C SER A 2 5.81 -7.96 14.72
N HIS A 3 5.98 -8.21 13.41
CA HIS A 3 7.11 -7.71 12.61
C HIS A 3 8.45 -7.86 13.35
N MET A 4 9.36 -6.93 13.11
CA MET A 4 10.65 -6.90 13.80
C MET A 4 10.50 -6.16 15.14
N GLY A 5 11.51 -5.40 15.52
CA GLY A 5 11.40 -4.59 16.72
C GLY A 5 10.61 -3.34 16.43
N LYS A 6 11.16 -2.49 15.57
CA LYS A 6 10.47 -1.32 15.06
C LYS A 6 11.14 -0.86 13.78
N LYS A 7 10.49 0.06 13.07
CA LYS A 7 10.97 0.57 11.79
C LYS A 7 11.40 -0.52 10.79
N CYS A 8 11.76 -0.06 9.59
CA CYS A 8 12.10 -0.96 8.49
C CYS A 8 11.02 -2.01 8.30
N TYR A 9 10.02 -1.64 7.56
CA TYR A 9 8.88 -2.50 7.36
C TYR A 9 8.81 -2.94 5.92
N LYS A 10 9.95 -2.99 5.25
CA LYS A 10 9.99 -3.36 3.83
C LYS A 10 9.33 -4.73 3.62
N LEU A 11 9.83 -5.74 4.31
CA LEU A 11 9.24 -7.06 4.24
C LEU A 11 7.78 -7.02 4.59
N GLU A 12 7.48 -6.31 5.65
CA GLU A 12 6.14 -6.15 6.13
C GLU A 12 5.25 -5.50 5.09
N ASN A 13 5.69 -4.38 4.54
CA ASN A 13 4.88 -3.57 3.68
C ASN A 13 4.66 -4.24 2.34
N GLU A 14 5.72 -4.80 1.77
CA GLU A 14 5.60 -5.63 0.62
C GLU A 14 4.54 -6.69 0.82
N LYS A 15 4.70 -7.42 1.91
CA LYS A 15 3.80 -8.48 2.29
C LYS A 15 2.39 -7.98 2.48
N LEU A 16 2.26 -7.00 3.37
CA LEU A 16 0.97 -6.39 3.67
C LEU A 16 0.32 -5.90 2.40
N PHE A 17 1.12 -5.28 1.53
CA PHE A 17 0.65 -4.85 0.24
C PHE A 17 0.05 -6.02 -0.52
N GLU A 18 0.79 -7.14 -0.57
CA GLU A 18 0.29 -8.34 -1.21
C GLU A 18 -0.97 -8.82 -0.55
N GLU A 19 -1.00 -8.76 0.78
CA GLU A 19 -2.14 -9.28 1.54
C GLU A 19 -3.38 -8.51 1.16
N PHE A 20 -3.18 -7.23 0.93
CA PHE A 20 -4.23 -6.33 0.57
C PHE A 20 -4.53 -6.49 -0.92
N LEU A 21 -3.47 -6.60 -1.72
CA LEU A 21 -3.56 -6.83 -3.15
C LEU A 21 -4.35 -8.09 -3.48
N GLU A 22 -3.89 -9.22 -2.94
CA GLU A 22 -4.59 -10.49 -3.08
C GLU A 22 -6.02 -10.35 -2.65
N LEU A 23 -6.19 -9.73 -1.49
CA LEU A 23 -7.50 -9.39 -0.96
C LEU A 23 -8.33 -8.69 -2.03
N CYS A 24 -7.76 -7.65 -2.63
CA CYS A 24 -8.46 -6.92 -3.67
C CYS A 24 -8.81 -7.84 -4.83
N LYS A 25 -7.88 -8.70 -5.24
CA LYS A 25 -8.12 -9.63 -6.33
C LYS A 25 -9.31 -10.54 -6.00
N MET A 26 -9.64 -10.63 -4.71
CA MET A 26 -10.76 -11.41 -4.24
C MET A 26 -12.06 -10.59 -4.26
N GLN A 27 -11.99 -9.32 -3.86
CA GLN A 27 -13.19 -8.51 -3.70
C GLN A 27 -13.37 -7.48 -4.83
N THR A 28 -12.38 -7.33 -5.68
CA THR A 28 -12.47 -6.38 -6.79
C THR A 28 -12.39 -7.10 -8.12
N ALA A 29 -13.15 -8.17 -8.28
CA ALA A 29 -13.17 -8.88 -9.55
C ALA A 29 -13.69 -8.00 -10.67
N ASP A 30 -14.57 -7.08 -10.29
CA ASP A 30 -15.12 -6.11 -11.23
C ASP A 30 -14.09 -5.04 -11.56
N HIS A 31 -13.10 -4.93 -10.69
CA HIS A 31 -12.03 -3.96 -10.87
C HIS A 31 -10.67 -4.64 -10.73
N PRO A 32 -10.33 -5.52 -11.67
CA PRO A 32 -9.02 -6.18 -11.69
C PRO A 32 -7.92 -5.20 -12.07
N GLU A 33 -8.35 -3.99 -12.39
CA GLU A 33 -7.47 -2.86 -12.69
C GLU A 33 -6.93 -2.22 -11.41
N VAL A 34 -7.67 -2.43 -10.34
CA VAL A 34 -7.36 -1.84 -9.05
C VAL A 34 -6.03 -2.36 -8.51
N VAL A 35 -5.78 -3.62 -8.72
CA VAL A 35 -4.53 -4.23 -8.33
C VAL A 35 -3.34 -3.62 -9.07
N PRO A 36 -3.36 -3.60 -10.41
CA PRO A 36 -2.37 -2.88 -11.19
C PRO A 36 -2.18 -1.44 -10.71
N PHE A 37 -3.29 -0.73 -10.47
CA PHE A 37 -3.28 0.63 -9.92
C PHE A 37 -2.60 0.65 -8.57
N LEU A 38 -2.83 -0.40 -7.81
CA LEU A 38 -2.28 -0.50 -6.48
C LEU A 38 -0.81 -0.78 -6.59
N TYR A 39 -0.53 -1.79 -7.40
CA TYR A 39 0.79 -2.27 -7.63
C TYR A 39 1.67 -1.16 -8.14
N ASN A 40 1.15 -0.50 -9.15
CA ASN A 40 1.78 0.64 -9.79
C ASN A 40 2.17 1.70 -8.80
N ARG A 41 1.18 2.23 -8.08
CA ARG A 41 1.42 3.25 -7.07
C ARG A 41 2.47 2.80 -6.08
N GLN A 42 2.41 1.53 -5.72
CA GLN A 42 3.34 0.93 -4.77
C GLN A 42 4.72 0.81 -5.40
N GLN A 43 4.74 0.37 -6.63
CA GLN A 43 5.98 0.19 -7.39
C GLN A 43 6.68 1.52 -7.65
N ARG A 44 5.91 2.58 -7.86
CA ARG A 44 6.47 3.90 -8.14
C ARG A 44 6.65 4.72 -6.88
N ALA A 45 6.31 4.12 -5.76
CA ALA A 45 6.47 4.77 -4.46
C ALA A 45 7.93 4.74 -4.01
N HIS A 46 8.22 5.49 -2.97
CA HIS A 46 9.55 5.54 -2.39
C HIS A 46 9.87 4.23 -1.68
N SER A 47 10.92 3.56 -2.13
CA SER A 47 11.39 2.33 -1.51
C SER A 47 11.63 2.52 -0.01
N LEU A 48 12.10 3.70 0.38
CA LEU A 48 12.25 4.03 1.80
C LEU A 48 10.91 4.02 2.50
N PHE A 49 9.93 4.55 1.82
CA PHE A 49 8.57 4.63 2.34
C PHE A 49 7.96 3.23 2.38
N LEU A 50 8.21 2.46 1.34
CA LEU A 50 7.77 1.06 1.30
C LEU A 50 8.46 0.27 2.39
N ALA A 51 9.56 0.78 2.90
CA ALA A 51 10.22 0.17 4.04
C ALA A 51 10.05 1.02 5.30
N SER A 52 9.16 2.00 5.24
CA SER A 52 9.00 2.92 6.36
C SER A 52 7.83 2.52 7.24
N ALA A 53 7.86 3.02 8.47
CA ALA A 53 6.84 2.75 9.45
C ALA A 53 5.50 3.31 9.01
N GLU A 54 5.51 4.45 8.34
CA GLU A 54 4.29 5.08 7.89
C GLU A 54 3.47 4.16 6.98
N PHE A 55 4.13 3.52 6.02
CA PHE A 55 3.43 2.63 5.11
C PHE A 55 2.91 1.44 5.89
N CYS A 56 3.70 1.00 6.86
CA CYS A 56 3.28 -0.08 7.77
C CYS A 56 1.99 0.31 8.45
N ASN A 57 2.00 1.51 9.01
CA ASN A 57 0.84 2.10 9.66
C ASN A 57 -0.36 2.08 8.74
N ILE A 58 -0.18 2.67 7.58
CA ILE A 58 -1.23 2.85 6.60
C ILE A 58 -1.76 1.51 6.12
N LEU A 59 -0.83 0.61 5.85
CA LEU A 59 -1.14 -0.73 5.38
C LEU A 59 -1.94 -1.53 6.37
N SER A 60 -1.42 -1.62 7.57
CA SER A 60 -2.05 -2.38 8.63
C SER A 60 -3.44 -1.80 8.92
N ARG A 61 -3.57 -0.49 8.78
CA ARG A 61 -4.85 0.17 8.89
C ARG A 61 -5.81 -0.32 7.83
N VAL A 62 -5.41 -0.15 6.57
CA VAL A 62 -6.32 -0.42 5.46
C VAL A 62 -6.67 -1.88 5.34
N LEU A 63 -5.69 -2.75 5.51
CA LEU A 63 -5.95 -4.17 5.44
C LEU A 63 -7.02 -4.56 6.43
N SER A 64 -6.77 -4.25 7.66
CA SER A 64 -7.65 -4.62 8.76
C SER A 64 -9.05 -4.06 8.54
N ARG A 65 -9.12 -2.85 8.00
CA ARG A 65 -10.37 -2.24 7.65
C ARG A 65 -10.98 -2.92 6.43
N ALA A 66 -10.13 -3.26 5.47
CA ALA A 66 -10.57 -3.84 4.21
C ALA A 66 -11.19 -5.24 4.40
N ARG A 67 -10.53 -6.06 5.20
CA ARG A 67 -11.01 -7.40 5.49
C ARG A 67 -12.39 -7.35 6.15
N SER A 68 -12.63 -6.31 6.91
CA SER A 68 -13.90 -6.12 7.62
C SER A 68 -14.90 -5.39 6.75
N ARG A 69 -14.37 -4.46 5.98
CA ARG A 69 -15.19 -3.56 5.19
C ARG A 69 -14.74 -3.55 3.74
N PRO A 70 -15.03 -4.64 3.02
CA PRO A 70 -14.69 -4.75 1.61
C PRO A 70 -15.54 -3.84 0.73
N ALA A 71 -16.47 -3.12 1.35
CA ALA A 71 -17.21 -2.09 0.64
C ALA A 71 -16.38 -0.83 0.63
N LYS A 72 -15.65 -0.65 1.71
CA LYS A 72 -14.77 0.48 1.86
C LYS A 72 -13.39 0.14 1.32
N LEU A 73 -13.24 -1.08 0.83
CA LEU A 73 -12.02 -1.50 0.15
C LEU A 73 -11.51 -0.45 -0.83
N TYR A 74 -12.40 0.12 -1.64
CA TYR A 74 -12.03 1.17 -2.54
C TYR A 74 -11.50 2.37 -1.80
N VAL A 75 -12.01 2.62 -0.61
CA VAL A 75 -11.52 3.73 0.19
C VAL A 75 -10.07 3.50 0.50
N TYR A 76 -9.81 2.27 0.89
CA TYR A 76 -8.50 1.78 1.29
C TYR A 76 -7.57 1.68 0.10
N ILE A 77 -8.07 1.11 -0.98
CA ILE A 77 -7.36 1.04 -2.24
C ILE A 77 -6.94 2.43 -2.68
N ASN A 78 -7.92 3.31 -2.77
CA ASN A 78 -7.66 4.69 -3.12
C ASN A 78 -6.76 5.36 -2.09
N GLU A 79 -6.94 5.03 -0.82
CA GLU A 79 -6.09 5.55 0.26
C GLU A 79 -4.65 5.25 -0.01
N LEU A 80 -4.36 3.96 -0.13
CA LEU A 80 -3.02 3.46 -0.26
C LEU A 80 -2.41 4.01 -1.54
N CYS A 81 -3.22 4.01 -2.58
CA CYS A 81 -2.82 4.55 -3.87
C CYS A 81 -2.48 6.04 -3.74
N THR A 82 -3.26 6.75 -2.94
CA THR A 82 -3.01 8.15 -2.65
C THR A 82 -1.77 8.29 -1.77
N VAL A 83 -1.70 7.47 -0.75
CA VAL A 83 -0.53 7.33 0.11
C VAL A 83 0.75 7.15 -0.70
N LEU A 84 0.72 6.22 -1.63
CA LEU A 84 1.87 5.89 -2.44
C LEU A 84 2.20 7.04 -3.39
N LYS A 85 1.17 7.78 -3.80
CA LYS A 85 1.30 8.92 -4.64
C LYS A 85 1.85 10.09 -3.84
N ALA A 86 1.62 10.03 -2.54
CA ALA A 86 2.07 11.04 -1.63
C ALA A 86 3.57 10.87 -1.36
N HIS A 87 4.00 9.62 -1.41
CA HIS A 87 5.38 9.28 -1.07
C HIS A 87 6.03 8.44 -2.16
N SER A 88 5.86 8.88 -3.39
CA SER A 88 6.51 8.27 -4.53
C SER A 88 7.97 8.72 -4.61
N ALA A 89 8.86 7.82 -5.05
CA ALA A 89 10.28 8.16 -5.20
C ALA A 89 10.54 8.63 -6.64
N LYS A 90 9.46 8.67 -7.40
CA LYS A 90 9.46 9.13 -8.78
C LYS A 90 8.01 9.41 -9.12
N LYS A 91 7.76 10.29 -10.07
CA LYS A 91 6.41 10.82 -10.24
C LYS A 91 6.39 11.89 -11.32
N LYS A 92 6.10 11.47 -12.54
CA LYS A 92 5.98 12.40 -13.64
C LYS A 92 4.64 12.17 -14.35
N LEU A 93 3.78 13.20 -14.32
CA LEU A 93 2.48 13.19 -14.99
C LEU A 93 1.45 12.41 -14.14
N ASN A 94 1.89 11.32 -13.53
CA ASN A 94 1.04 10.51 -12.67
C ASN A 94 1.85 9.96 -11.52
N GLY A 1 24.59 11.55 9.85
CA GLY A 1 23.39 11.28 10.68
C GLY A 1 22.41 10.36 9.98
N SER A 2 21.14 10.45 10.36
CA SER A 2 20.08 9.63 9.77
C SER A 2 20.32 8.15 10.04
N HIS A 3 20.78 7.86 11.25
CA HIS A 3 21.02 6.48 11.66
C HIS A 3 19.72 5.85 12.18
N MET A 4 19.16 4.95 11.39
CA MET A 4 17.92 4.28 11.76
C MET A 4 18.22 2.92 12.36
N GLY A 5 18.73 2.02 11.51
CA GLY A 5 19.04 0.66 11.93
C GLY A 5 17.90 0.04 12.73
N LYS A 6 16.74 -0.03 12.14
CA LYS A 6 15.53 -0.37 12.88
C LYS A 6 14.72 -1.44 12.13
N LYS A 7 13.60 -1.81 12.74
CA LYS A 7 12.58 -2.64 12.12
C LYS A 7 12.45 -2.36 10.62
N CYS A 8 12.76 -3.36 9.81
CA CYS A 8 12.80 -3.18 8.37
C CYS A 8 11.41 -3.40 7.77
N TYR A 9 10.66 -2.32 7.71
CA TYR A 9 9.28 -2.34 7.25
C TYR A 9 9.17 -2.70 5.77
N LYS A 10 10.29 -2.68 5.04
CA LYS A 10 10.27 -2.98 3.60
C LYS A 10 9.57 -4.30 3.32
N LEU A 11 10.05 -5.36 3.95
CA LEU A 11 9.44 -6.66 3.81
C LEU A 11 8.00 -6.66 4.30
N GLU A 12 7.81 -6.10 5.48
CA GLU A 12 6.52 -5.98 6.08
C GLU A 12 5.52 -5.35 5.11
N ASN A 13 5.89 -4.18 4.61
CA ASN A 13 5.04 -3.41 3.74
C ASN A 13 4.76 -4.12 2.43
N GLU A 14 5.79 -4.70 1.82
CA GLU A 14 5.60 -5.49 0.62
C GLU A 14 4.56 -6.55 0.87
N LYS A 15 4.77 -7.30 1.95
CA LYS A 15 3.95 -8.42 2.28
C LYS A 15 2.52 -7.98 2.59
N LEU A 16 2.38 -6.94 3.41
CA LEU A 16 1.06 -6.38 3.72
C LEU A 16 0.37 -5.91 2.45
N PHE A 17 1.14 -5.25 1.59
CA PHE A 17 0.64 -4.80 0.32
C PHE A 17 0.08 -5.97 -0.49
N GLU A 18 0.82 -7.07 -0.50
CA GLU A 18 0.36 -8.28 -1.17
C GLU A 18 -0.90 -8.79 -0.52
N GLU A 19 -0.93 -8.80 0.81
CA GLU A 19 -2.10 -9.26 1.55
C GLU A 19 -3.34 -8.48 1.12
N PHE A 20 -3.14 -7.20 0.92
CA PHE A 20 -4.18 -6.29 0.55
C PHE A 20 -4.48 -6.44 -0.93
N LEU A 21 -3.41 -6.57 -1.73
CA LEU A 21 -3.51 -6.79 -3.16
C LEU A 21 -4.31 -8.05 -3.48
N GLU A 22 -3.87 -9.17 -2.90
CA GLU A 22 -4.59 -10.45 -3.02
C GLU A 22 -6.03 -10.28 -2.61
N LEU A 23 -6.22 -9.62 -1.48
CA LEU A 23 -7.55 -9.28 -0.97
C LEU A 23 -8.34 -8.57 -2.04
N CYS A 24 -7.74 -7.55 -2.63
CA CYS A 24 -8.39 -6.79 -3.69
C CYS A 24 -8.79 -7.71 -4.83
N LYS A 25 -7.89 -8.58 -5.26
CA LYS A 25 -8.18 -9.53 -6.34
C LYS A 25 -9.41 -10.38 -5.99
N MET A 26 -9.69 -10.50 -4.70
CA MET A 26 -10.80 -11.30 -4.23
C MET A 26 -12.10 -10.50 -4.22
N GLN A 27 -12.04 -9.22 -3.86
CA GLN A 27 -13.24 -8.41 -3.71
C GLN A 27 -13.45 -7.41 -4.85
N THR A 28 -12.43 -7.13 -5.64
CA THR A 28 -12.54 -6.08 -6.66
C THR A 28 -12.66 -6.69 -8.04
N ALA A 29 -13.51 -7.69 -8.18
CA ALA A 29 -13.76 -8.29 -9.48
C ALA A 29 -14.21 -7.25 -10.50
N ASP A 30 -14.99 -6.27 -10.05
CA ASP A 30 -15.49 -5.24 -10.94
C ASP A 30 -14.44 -4.14 -11.14
N HIS A 31 -13.35 -4.25 -10.40
CA HIS A 31 -12.21 -3.34 -10.57
C HIS A 31 -10.90 -4.13 -10.57
N PRO A 32 -10.67 -4.95 -11.60
CA PRO A 32 -9.47 -5.76 -11.69
C PRO A 32 -8.22 -4.91 -11.91
N GLU A 33 -8.44 -3.70 -12.42
CA GLU A 33 -7.37 -2.75 -12.65
C GLU A 33 -6.83 -2.18 -11.35
N VAL A 34 -7.58 -2.39 -10.28
CA VAL A 34 -7.25 -1.84 -8.98
C VAL A 34 -5.93 -2.39 -8.47
N VAL A 35 -5.69 -3.66 -8.69
CA VAL A 35 -4.44 -4.27 -8.30
C VAL A 35 -3.26 -3.69 -9.08
N PRO A 36 -3.29 -3.71 -10.42
CA PRO A 36 -2.29 -3.03 -11.25
C PRO A 36 -2.11 -1.57 -10.82
N PHE A 37 -3.21 -0.88 -10.50
CA PHE A 37 -3.19 0.50 -10.07
C PHE A 37 -2.51 0.60 -8.70
N LEU A 38 -2.72 -0.43 -7.91
CA LEU A 38 -2.18 -0.49 -6.57
C LEU A 38 -0.72 -0.78 -6.68
N TYR A 39 -0.45 -1.78 -7.48
CA TYR A 39 0.87 -2.28 -7.70
C TYR A 39 1.76 -1.18 -8.24
N ASN A 40 1.23 -0.53 -9.26
CA ASN A 40 1.84 0.62 -9.87
C ASN A 40 2.21 1.66 -8.84
N ARG A 41 1.23 2.11 -8.07
CA ARG A 41 1.45 3.10 -7.03
C ARG A 41 2.59 2.67 -6.11
N GLN A 42 2.60 1.38 -5.79
CA GLN A 42 3.62 0.82 -4.93
C GLN A 42 4.97 0.81 -5.64
N GLN A 43 4.96 0.33 -6.87
CA GLN A 43 6.16 0.20 -7.67
C GLN A 43 6.80 1.56 -7.94
N ARG A 44 5.98 2.61 -7.97
CA ARG A 44 6.46 3.97 -8.21
C ARG A 44 6.65 4.75 -6.90
N ALA A 45 6.32 4.12 -5.79
CA ALA A 45 6.48 4.74 -4.47
C ALA A 45 7.93 4.77 -4.04
N HIS A 46 8.22 5.56 -3.01
CA HIS A 46 9.55 5.61 -2.42
C HIS A 46 9.88 4.30 -1.76
N SER A 47 10.87 3.60 -2.28
CA SER A 47 11.32 2.36 -1.69
C SER A 47 11.67 2.55 -0.21
N LEU A 48 12.19 3.72 0.14
CA LEU A 48 12.42 4.08 1.53
C LEU A 48 11.13 4.10 2.32
N PHE A 49 10.10 4.67 1.72
CA PHE A 49 8.79 4.76 2.35
C PHE A 49 8.14 3.37 2.41
N LEU A 50 8.39 2.59 1.38
CA LEU A 50 7.95 1.20 1.34
C LEU A 50 8.71 0.40 2.39
N ALA A 51 9.80 0.96 2.87
CA ALA A 51 10.51 0.40 4.01
C ALA A 51 10.35 1.29 5.22
N SER A 52 9.28 2.08 5.23
CA SER A 52 8.99 2.95 6.35
C SER A 52 7.72 2.54 7.10
N ALA A 53 7.82 2.65 8.43
CA ALA A 53 6.74 2.36 9.37
C ALA A 53 5.40 2.96 8.99
N GLU A 54 5.40 4.18 8.46
CA GLU A 54 4.16 4.86 8.11
C GLU A 54 3.33 3.98 7.17
N PHE A 55 3.97 3.39 6.18
CA PHE A 55 3.27 2.57 5.22
C PHE A 55 2.75 1.32 5.91
N CYS A 56 3.53 0.79 6.83
CA CYS A 56 3.14 -0.37 7.61
C CYS A 56 1.91 -0.03 8.43
N ASN A 57 1.98 1.14 9.04
CA ASN A 57 0.86 1.70 9.78
C ASN A 57 -0.38 1.74 8.91
N ILE A 58 -0.23 2.40 7.77
CA ILE A 58 -1.31 2.63 6.83
C ILE A 58 -1.84 1.31 6.28
N LEU A 59 -0.92 0.42 5.95
CA LEU A 59 -1.24 -0.90 5.44
C LEU A 59 -2.02 -1.71 6.45
N SER A 60 -1.50 -1.78 7.66
CA SER A 60 -2.17 -2.47 8.74
C SER A 60 -3.54 -1.87 8.96
N ARG A 61 -3.61 -0.55 8.83
CA ARG A 61 -4.86 0.17 8.92
C ARG A 61 -5.84 -0.30 7.86
N VAL A 62 -5.44 -0.17 6.60
CA VAL A 62 -6.35 -0.43 5.50
C VAL A 62 -6.71 -1.90 5.40
N LEU A 63 -5.73 -2.77 5.57
CA LEU A 63 -5.98 -4.21 5.52
C LEU A 63 -7.06 -4.60 6.53
N SER A 64 -6.83 -4.19 7.75
CA SER A 64 -7.76 -4.47 8.84
C SER A 64 -9.13 -3.86 8.57
N ARG A 65 -9.14 -2.63 8.06
CA ARG A 65 -10.37 -1.95 7.71
C ARG A 65 -11.02 -2.61 6.50
N ALA A 66 -10.19 -3.07 5.59
CA ALA A 66 -10.63 -3.71 4.35
C ALA A 66 -11.36 -5.02 4.62
N ARG A 67 -10.85 -5.80 5.55
CA ARG A 67 -11.52 -7.03 5.94
C ARG A 67 -12.75 -6.74 6.78
N SER A 68 -12.77 -5.57 7.37
CA SER A 68 -13.93 -5.12 8.16
C SER A 68 -15.00 -4.62 7.23
N ARG A 69 -14.56 -3.93 6.21
CA ARG A 69 -15.44 -3.32 5.28
C ARG A 69 -14.92 -3.41 3.87
N PRO A 70 -15.13 -4.57 3.28
CA PRO A 70 -14.82 -4.84 1.89
C PRO A 70 -15.61 -3.94 0.92
N ALA A 71 -16.58 -3.20 1.44
CA ALA A 71 -17.24 -2.17 0.63
C ALA A 71 -16.36 -0.95 0.55
N LYS A 72 -15.69 -0.69 1.65
CA LYS A 72 -14.81 0.47 1.77
C LYS A 72 -13.42 0.14 1.24
N LEU A 73 -13.24 -1.09 0.76
CA LEU A 73 -12.01 -1.50 0.13
C LEU A 73 -11.49 -0.46 -0.85
N TYR A 74 -12.38 0.09 -1.68
CA TYR A 74 -12.02 1.13 -2.60
C TYR A 74 -11.53 2.36 -1.88
N VAL A 75 -12.04 2.61 -0.68
CA VAL A 75 -11.54 3.72 0.12
C VAL A 75 -10.09 3.47 0.45
N TYR A 76 -9.86 2.25 0.88
CA TYR A 76 -8.55 1.77 1.30
C TYR A 76 -7.59 1.67 0.12
N ILE A 77 -8.09 1.10 -0.97
CA ILE A 77 -7.35 1.04 -2.22
C ILE A 77 -6.97 2.42 -2.67
N ASN A 78 -7.97 3.29 -2.76
CA ASN A 78 -7.74 4.69 -3.14
C ASN A 78 -6.82 5.35 -2.12
N GLU A 79 -6.98 4.96 -0.86
CA GLU A 79 -6.19 5.52 0.24
C GLU A 79 -4.72 5.18 0.09
N LEU A 80 -4.45 3.91 -0.07
CA LEU A 80 -3.09 3.43 -0.25
C LEU A 80 -2.51 3.98 -1.54
N CYS A 81 -3.36 4.06 -2.56
CA CYS A 81 -2.98 4.69 -3.82
C CYS A 81 -2.61 6.15 -3.57
N THR A 82 -3.40 6.81 -2.74
CA THR A 82 -3.15 8.20 -2.35
C THR A 82 -1.83 8.28 -1.59
N VAL A 83 -1.68 7.39 -0.64
CA VAL A 83 -0.46 7.22 0.14
C VAL A 83 0.77 7.07 -0.75
N LEU A 84 0.71 6.17 -1.70
CA LEU A 84 1.84 5.88 -2.56
C LEU A 84 2.06 7.02 -3.55
N LYS A 85 0.99 7.72 -3.90
CA LYS A 85 1.06 8.90 -4.74
C LYS A 85 1.64 10.05 -3.94
N ALA A 86 1.41 10.00 -2.64
CA ALA A 86 1.85 11.03 -1.75
C ALA A 86 3.33 10.89 -1.48
N HIS A 87 3.77 9.64 -1.43
CA HIS A 87 5.14 9.33 -1.07
C HIS A 87 5.84 8.59 -2.21
N SER A 88 5.63 9.08 -3.41
CA SER A 88 6.33 8.59 -4.56
C SER A 88 7.80 9.00 -4.49
N ALA A 89 8.70 8.07 -4.80
CA ALA A 89 10.12 8.24 -4.50
C ALA A 89 10.70 9.51 -5.09
N LYS A 90 10.51 9.67 -6.38
CA LYS A 90 10.95 10.87 -7.07
C LYS A 90 9.75 11.65 -7.56
N LYS A 91 9.03 12.23 -6.60
CA LYS A 91 7.85 13.04 -6.91
C LYS A 91 8.30 14.34 -7.58
N LYS A 92 9.20 15.06 -6.92
CA LYS A 92 9.97 16.11 -7.58
C LYS A 92 10.71 15.52 -8.77
N LEU A 93 11.10 16.37 -9.71
CA LEU A 93 11.60 15.90 -11.01
C LEU A 93 12.40 17.01 -11.68
N ASN A 94 13.10 17.78 -10.87
CA ASN A 94 13.80 18.97 -11.35
C ASN A 94 14.71 19.51 -10.25
N GLY A 1 26.17 -5.62 13.74
CA GLY A 1 27.03 -6.03 12.60
C GLY A 1 26.39 -7.12 11.77
N SER A 2 26.40 -6.92 10.46
CA SER A 2 25.80 -7.86 9.49
C SER A 2 24.28 -7.86 9.60
N HIS A 3 23.76 -8.27 10.76
CA HIS A 3 22.32 -8.28 11.00
C HIS A 3 22.01 -7.52 12.28
N MET A 4 21.39 -6.35 12.12
CA MET A 4 20.92 -5.58 13.27
C MET A 4 19.44 -5.83 13.45
N GLY A 5 18.69 -5.74 12.35
CA GLY A 5 17.28 -6.08 12.36
C GLY A 5 16.47 -5.24 13.33
N LYS A 6 16.14 -4.02 12.93
CA LYS A 6 15.33 -3.15 13.77
C LYS A 6 13.87 -3.36 13.41
N LYS A 7 13.64 -3.89 12.21
CA LYS A 7 12.31 -4.12 11.64
C LYS A 7 12.43 -4.26 10.14
N CYS A 8 12.83 -3.16 9.51
CA CYS A 8 12.82 -3.04 8.06
C CYS A 8 11.44 -3.34 7.52
N TYR A 9 10.63 -2.31 7.55
CA TYR A 9 9.23 -2.38 7.17
C TYR A 9 9.05 -2.76 5.71
N LYS A 10 10.16 -2.87 4.96
CA LYS A 10 10.10 -3.28 3.56
C LYS A 10 9.34 -4.60 3.44
N LEU A 11 9.79 -5.61 4.18
CA LEU A 11 9.14 -6.90 4.17
C LEU A 11 7.68 -6.78 4.56
N GLU A 12 7.46 -6.08 5.66
CA GLU A 12 6.13 -5.81 6.12
C GLU A 12 5.28 -5.19 5.04
N ASN A 13 5.76 -4.09 4.48
CA ASN A 13 4.97 -3.33 3.53
C ASN A 13 4.74 -4.09 2.25
N GLU A 14 5.76 -4.78 1.78
CA GLU A 14 5.63 -5.69 0.69
C GLU A 14 4.51 -6.67 0.93
N LYS A 15 4.65 -7.41 2.03
CA LYS A 15 3.75 -8.46 2.40
C LYS A 15 2.34 -7.92 2.61
N LEU A 16 2.24 -6.92 3.47
CA LEU A 16 0.97 -6.28 3.77
C LEU A 16 0.30 -5.82 2.50
N PHE A 17 1.09 -5.24 1.61
CA PHE A 17 0.61 -4.82 0.31
C PHE A 17 0.03 -6.00 -0.46
N GLU A 18 0.78 -7.10 -0.51
CA GLU A 18 0.31 -8.30 -1.20
C GLU A 18 -0.93 -8.84 -0.52
N GLU A 19 -0.95 -8.81 0.79
CA GLU A 19 -2.06 -9.31 1.57
C GLU A 19 -3.32 -8.54 1.23
N PHE A 20 -3.14 -7.26 0.98
CA PHE A 20 -4.21 -6.38 0.62
C PHE A 20 -4.52 -6.54 -0.87
N LEU A 21 -3.47 -6.63 -1.66
CA LEU A 21 -3.57 -6.82 -3.10
C LEU A 21 -4.33 -8.09 -3.47
N GLU A 22 -3.86 -9.22 -2.95
CA GLU A 22 -4.55 -10.50 -3.15
C GLU A 22 -5.99 -10.39 -2.70
N LEU A 23 -6.16 -9.73 -1.57
CA LEU A 23 -7.49 -9.41 -1.06
C LEU A 23 -8.29 -8.66 -2.12
N CYS A 24 -7.70 -7.62 -2.70
CA CYS A 24 -8.38 -6.86 -3.74
C CYS A 24 -8.78 -7.76 -4.89
N LYS A 25 -7.87 -8.64 -5.32
CA LYS A 25 -8.18 -9.57 -6.40
C LYS A 25 -9.39 -10.43 -6.06
N MET A 26 -9.70 -10.50 -4.77
CA MET A 26 -10.82 -11.28 -4.28
C MET A 26 -12.10 -10.45 -4.24
N GLN A 27 -12.00 -9.18 -3.85
CA GLN A 27 -13.19 -8.34 -3.70
C GLN A 27 -13.36 -7.33 -4.84
N THR A 28 -12.36 -7.20 -5.71
CA THR A 28 -12.45 -6.29 -6.84
C THR A 28 -12.40 -7.05 -8.15
N ALA A 29 -13.14 -8.15 -8.25
CA ALA A 29 -13.22 -8.87 -9.52
C ALA A 29 -13.82 -7.99 -10.61
N ASP A 30 -14.67 -7.06 -10.18
CA ASP A 30 -15.30 -6.12 -11.10
C ASP A 30 -14.35 -4.99 -11.42
N HIS A 31 -13.29 -4.91 -10.63
CA HIS A 31 -12.25 -3.88 -10.81
C HIS A 31 -10.85 -4.48 -10.74
N PRO A 32 -10.51 -5.36 -11.69
CA PRO A 32 -9.23 -6.05 -11.71
C PRO A 32 -8.06 -5.11 -12.05
N GLU A 33 -8.38 -3.90 -12.49
CA GLU A 33 -7.35 -2.89 -12.80
C GLU A 33 -6.84 -2.24 -11.53
N VAL A 34 -7.59 -2.42 -10.46
CA VAL A 34 -7.30 -1.81 -9.19
C VAL A 34 -6.01 -2.34 -8.59
N VAL A 35 -5.78 -3.63 -8.76
CA VAL A 35 -4.56 -4.25 -8.30
C VAL A 35 -3.32 -3.70 -9.04
N PRO A 36 -3.33 -3.72 -10.38
CA PRO A 36 -2.30 -3.04 -11.18
C PRO A 36 -2.08 -1.60 -10.73
N PHE A 37 -3.17 -0.84 -10.55
CA PHE A 37 -3.10 0.54 -10.08
C PHE A 37 -2.49 0.59 -8.69
N LEU A 38 -2.75 -0.44 -7.92
CA LEU A 38 -2.26 -0.52 -6.57
C LEU A 38 -0.79 -0.83 -6.63
N TYR A 39 -0.50 -1.85 -7.43
CA TYR A 39 0.82 -2.36 -7.61
C TYR A 39 1.72 -1.28 -8.13
N ASN A 40 1.25 -0.62 -9.16
CA ASN A 40 1.90 0.51 -9.79
C ASN A 40 2.26 1.56 -8.77
N ARG A 41 1.26 2.06 -8.06
CA ARG A 41 1.46 3.05 -7.03
C ARG A 41 2.53 2.64 -6.03
N GLN A 42 2.48 1.39 -5.62
CA GLN A 42 3.42 0.87 -4.65
C GLN A 42 4.80 0.73 -5.28
N GLN A 43 4.83 0.16 -6.47
CA GLN A 43 6.09 -0.06 -7.20
C GLN A 43 6.81 1.26 -7.47
N ARG A 44 6.04 2.31 -7.73
CA ARG A 44 6.59 3.61 -8.07
C ARG A 44 6.65 4.53 -6.86
N ALA A 45 6.32 3.99 -5.70
CA ALA A 45 6.45 4.72 -4.43
C ALA A 45 7.91 4.79 -4.00
N HIS A 46 8.18 5.57 -2.97
CA HIS A 46 9.52 5.65 -2.41
C HIS A 46 9.88 4.35 -1.73
N SER A 47 10.94 3.71 -2.20
CA SER A 47 11.43 2.48 -1.60
C SER A 47 11.70 2.66 -0.10
N LEU A 48 12.21 3.83 0.29
CA LEU A 48 12.38 4.16 1.70
C LEU A 48 11.05 4.11 2.44
N PHE A 49 10.05 4.65 1.78
CA PHE A 49 8.70 4.68 2.32
C PHE A 49 8.12 3.27 2.36
N LEU A 50 8.41 2.50 1.33
CA LEU A 50 7.99 1.12 1.26
C LEU A 50 8.72 0.27 2.30
N ALA A 51 9.80 0.82 2.83
CA ALA A 51 10.45 0.19 3.97
C ALA A 51 10.38 1.09 5.19
N SER A 52 9.38 1.98 5.21
CA SER A 52 9.14 2.82 6.36
C SER A 52 7.85 2.42 7.07
N ALA A 53 7.87 2.57 8.40
CA ALA A 53 6.76 2.29 9.27
C ALA A 53 5.46 2.95 8.83
N GLU A 54 5.55 4.15 8.24
CA GLU A 54 4.35 4.86 7.84
C GLU A 54 3.50 4.01 6.90
N PHE A 55 4.12 3.39 5.91
CA PHE A 55 3.39 2.55 4.97
C PHE A 55 2.81 1.36 5.71
N CYS A 56 3.56 0.83 6.65
CA CYS A 56 3.10 -0.30 7.46
C CYS A 56 1.89 0.11 8.26
N ASN A 57 2.00 1.27 8.87
CA ASN A 57 0.90 1.90 9.60
C ASN A 57 -0.34 1.95 8.73
N ILE A 58 -0.17 2.58 7.58
CA ILE A 58 -1.24 2.81 6.62
C ILE A 58 -1.80 1.49 6.12
N LEU A 59 -0.89 0.58 5.83
CA LEU A 59 -1.20 -0.75 5.34
C LEU A 59 -2.01 -1.53 6.36
N SER A 60 -1.48 -1.62 7.55
CA SER A 60 -2.13 -2.32 8.63
C SER A 60 -3.49 -1.70 8.90
N ARG A 61 -3.57 -0.38 8.73
CA ARG A 61 -4.84 0.34 8.80
C ARG A 61 -5.81 -0.22 7.79
N VAL A 62 -5.43 -0.16 6.52
CA VAL A 62 -6.34 -0.47 5.43
C VAL A 62 -6.68 -1.94 5.36
N LEU A 63 -5.69 -2.80 5.52
CA LEU A 63 -5.92 -4.23 5.47
C LEU A 63 -6.96 -4.68 6.48
N SER A 64 -6.72 -4.29 7.71
CA SER A 64 -7.61 -4.61 8.83
C SER A 64 -9.01 -4.05 8.59
N ARG A 65 -9.06 -2.83 8.07
CA ARG A 65 -10.32 -2.20 7.72
C ARG A 65 -10.96 -2.95 6.56
N ALA A 66 -10.13 -3.31 5.59
CA ALA A 66 -10.59 -3.92 4.34
C ALA A 66 -11.25 -5.27 4.57
N ARG A 67 -10.69 -6.06 5.46
CA ARG A 67 -11.27 -7.36 5.79
C ARG A 67 -12.62 -7.22 6.48
N SER A 68 -12.81 -6.09 7.13
CA SER A 68 -14.05 -5.80 7.82
C SER A 68 -15.03 -5.10 6.91
N ARG A 69 -14.48 -4.25 6.06
CA ARG A 69 -15.27 -3.41 5.21
C ARG A 69 -14.78 -3.48 3.78
N PRO A 70 -15.06 -4.59 3.11
CA PRO A 70 -14.70 -4.79 1.71
C PRO A 70 -15.49 -3.88 0.78
N ALA A 71 -16.48 -3.17 1.33
CA ALA A 71 -17.18 -2.14 0.58
C ALA A 71 -16.33 -0.89 0.55
N LYS A 72 -15.65 -0.68 1.66
CA LYS A 72 -14.76 0.44 1.82
C LYS A 72 -13.38 0.11 1.28
N LEU A 73 -13.23 -1.10 0.74
CA LEU A 73 -12.00 -1.50 0.08
C LEU A 73 -11.49 -0.42 -0.85
N TYR A 74 -12.35 0.18 -1.66
CA TYR A 74 -11.96 1.26 -2.52
C TYR A 74 -11.45 2.44 -1.73
N VAL A 75 -11.98 2.65 -0.54
CA VAL A 75 -11.52 3.75 0.28
C VAL A 75 -10.06 3.50 0.57
N TYR A 76 -9.81 2.26 0.89
CA TYR A 76 -8.51 1.76 1.27
C TYR A 76 -7.59 1.68 0.05
N ILE A 77 -8.12 1.16 -1.05
CA ILE A 77 -7.44 1.14 -2.33
C ILE A 77 -7.04 2.54 -2.74
N ASN A 78 -8.03 3.41 -2.79
CA ASN A 78 -7.78 4.82 -3.08
C ASN A 78 -6.86 5.44 -2.04
N GLU A 79 -7.02 5.02 -0.78
CA GLU A 79 -6.21 5.54 0.32
C GLU A 79 -4.75 5.23 0.12
N LEU A 80 -4.48 3.95 -0.06
CA LEU A 80 -3.12 3.47 -0.24
C LEU A 80 -2.53 4.07 -1.50
N CYS A 81 -3.35 4.17 -2.54
CA CYS A 81 -2.94 4.81 -3.78
C CYS A 81 -2.56 6.27 -3.52
N THR A 82 -3.38 6.95 -2.72
CA THR A 82 -3.15 8.34 -2.35
C THR A 82 -1.87 8.45 -1.54
N VAL A 83 -1.73 7.54 -0.59
CA VAL A 83 -0.52 7.37 0.19
C VAL A 83 0.71 7.21 -0.69
N LEU A 84 0.59 6.34 -1.66
CA LEU A 84 1.68 6.05 -2.58
C LEU A 84 1.94 7.23 -3.51
N LYS A 85 0.86 7.92 -3.83
CA LYS A 85 0.89 9.11 -4.65
C LYS A 85 1.49 10.26 -3.87
N ALA A 86 1.34 10.15 -2.56
CA ALA A 86 1.86 11.13 -1.65
C ALA A 86 3.35 10.94 -1.50
N HIS A 87 3.78 9.69 -1.37
CA HIS A 87 5.15 9.38 -1.03
C HIS A 87 5.83 8.62 -2.15
N SER A 88 5.68 9.11 -3.35
CA SER A 88 6.35 8.57 -4.50
C SER A 88 7.81 9.03 -4.51
N ALA A 89 8.72 8.17 -4.93
CA ALA A 89 10.12 8.52 -5.01
C ALA A 89 10.43 9.10 -6.38
N LYS A 90 9.40 9.21 -7.20
CA LYS A 90 9.56 9.60 -8.59
C LYS A 90 8.87 10.94 -8.85
N LYS A 91 8.41 11.60 -7.80
CA LYS A 91 7.70 12.86 -7.94
C LYS A 91 8.62 14.06 -7.69
N LYS A 92 9.84 13.74 -7.22
CA LYS A 92 10.91 14.72 -7.04
C LYS A 92 10.62 15.66 -5.88
N LEU A 93 10.60 15.13 -4.67
CA LEU A 93 10.39 15.94 -3.48
C LEU A 93 11.64 16.74 -3.10
N ASN A 94 12.36 17.21 -4.10
CA ASN A 94 13.55 18.03 -3.89
C ASN A 94 13.95 18.69 -5.20
N GLY A 1 24.36 -5.38 19.27
CA GLY A 1 23.84 -6.02 20.50
C GLY A 1 22.48 -5.46 20.89
N SER A 2 21.42 -6.08 20.39
CA SER A 2 20.05 -5.69 20.69
C SER A 2 19.76 -4.26 20.21
N HIS A 3 19.57 -4.13 18.91
CA HIS A 3 19.16 -2.87 18.31
C HIS A 3 18.49 -3.11 16.96
N MET A 4 19.20 -3.83 16.09
CA MET A 4 18.69 -4.27 14.79
C MET A 4 18.47 -3.08 13.85
N GLY A 5 17.41 -2.34 14.10
CA GLY A 5 17.10 -1.20 13.26
C GLY A 5 16.12 -0.25 13.92
N LYS A 6 15.99 0.95 13.36
CA LYS A 6 15.10 1.97 13.91
C LYS A 6 13.64 1.50 13.86
N LYS A 7 13.24 0.99 12.70
CA LYS A 7 11.85 0.64 12.40
C LYS A 7 11.68 0.49 10.91
N CYS A 8 12.21 -0.58 10.36
CA CYS A 8 12.11 -0.83 8.93
C CYS A 8 11.11 -1.93 8.70
N TYR A 9 10.20 -1.72 7.76
CA TYR A 9 9.12 -2.67 7.53
C TYR A 9 8.99 -3.02 6.07
N LYS A 10 10.09 -2.98 5.32
CA LYS A 10 10.04 -3.24 3.88
C LYS A 10 9.35 -4.57 3.57
N LEU A 11 9.86 -5.66 4.11
CA LEU A 11 9.28 -6.97 3.88
C LEU A 11 7.83 -7.01 4.29
N GLU A 12 7.57 -6.49 5.46
CA GLU A 12 6.27 -6.41 6.00
C GLU A 12 5.33 -5.65 5.10
N ASN A 13 5.77 -4.49 4.64
CA ASN A 13 4.94 -3.64 3.81
C ASN A 13 4.69 -4.25 2.47
N GLU A 14 5.72 -4.84 1.88
CA GLU A 14 5.58 -5.65 0.71
C GLU A 14 4.50 -6.68 0.91
N LYS A 15 4.65 -7.46 1.96
CA LYS A 15 3.74 -8.51 2.31
C LYS A 15 2.33 -7.99 2.53
N LEU A 16 2.23 -7.01 3.43
CA LEU A 16 0.96 -6.38 3.74
C LEU A 16 0.29 -5.89 2.47
N PHE A 17 1.08 -5.26 1.62
CA PHE A 17 0.61 -4.81 0.33
C PHE A 17 0.03 -5.97 -0.47
N GLU A 18 0.80 -7.06 -0.56
CA GLU A 18 0.33 -8.25 -1.27
C GLU A 18 -0.92 -8.78 -0.63
N GLU A 19 -0.95 -8.81 0.69
CA GLU A 19 -2.11 -9.30 1.43
C GLU A 19 -3.34 -8.51 1.07
N PHE A 20 -3.14 -7.21 0.87
CA PHE A 20 -4.20 -6.32 0.53
C PHE A 20 -4.51 -6.47 -0.96
N LEU A 21 -3.46 -6.62 -1.76
CA LEU A 21 -3.59 -6.85 -3.18
C LEU A 21 -4.37 -8.12 -3.49
N GLU A 22 -3.92 -9.24 -2.92
CA GLU A 22 -4.63 -10.52 -3.04
C GLU A 22 -6.08 -10.35 -2.63
N LEU A 23 -6.26 -9.67 -1.52
CA LEU A 23 -7.58 -9.31 -1.03
C LEU A 23 -8.37 -8.61 -2.12
N CYS A 24 -7.79 -7.59 -2.70
CA CYS A 24 -8.44 -6.85 -3.78
C CYS A 24 -8.82 -7.78 -4.91
N LYS A 25 -7.90 -8.67 -5.30
CA LYS A 25 -8.18 -9.63 -6.37
C LYS A 25 -9.40 -10.48 -6.03
N MET A 26 -9.71 -10.56 -4.74
CA MET A 26 -10.84 -11.34 -4.27
C MET A 26 -12.14 -10.54 -4.31
N GLN A 27 -12.07 -9.24 -4.01
CA GLN A 27 -13.26 -8.43 -3.87
C GLN A 27 -13.47 -7.41 -5.01
N THR A 28 -12.43 -7.08 -5.75
CA THR A 28 -12.54 -6.01 -6.75
C THR A 28 -12.74 -6.58 -8.14
N ALA A 29 -13.63 -7.56 -8.25
CA ALA A 29 -13.95 -8.15 -9.54
C ALA A 29 -14.31 -7.13 -10.60
N ASP A 30 -15.03 -6.09 -10.20
CA ASP A 30 -15.47 -5.07 -11.13
C ASP A 30 -14.35 -4.06 -11.40
N HIS A 31 -13.28 -4.17 -10.62
CA HIS A 31 -12.09 -3.35 -10.82
C HIS A 31 -10.81 -4.16 -10.70
N PRO A 32 -10.55 -5.07 -11.65
CA PRO A 32 -9.32 -5.86 -11.65
C PRO A 32 -8.10 -4.99 -11.96
N GLU A 33 -8.37 -3.78 -12.45
CA GLU A 33 -7.33 -2.79 -12.73
C GLU A 33 -6.79 -2.20 -11.43
N VAL A 34 -7.55 -2.38 -10.37
CA VAL A 34 -7.24 -1.81 -9.08
C VAL A 34 -5.93 -2.37 -8.54
N VAL A 35 -5.72 -3.65 -8.75
CA VAL A 35 -4.49 -4.29 -8.33
C VAL A 35 -3.27 -3.73 -9.06
N PRO A 36 -3.28 -3.73 -10.41
CA PRO A 36 -2.26 -3.05 -11.20
C PRO A 36 -2.05 -1.60 -10.74
N PHE A 37 -3.15 -0.87 -10.55
CA PHE A 37 -3.11 0.52 -10.07
C PHE A 37 -2.48 0.57 -8.69
N LEU A 38 -2.73 -0.46 -7.91
CA LEU A 38 -2.22 -0.53 -6.57
C LEU A 38 -0.75 -0.82 -6.63
N TYR A 39 -0.47 -1.84 -7.44
CA TYR A 39 0.85 -2.34 -7.64
C TYR A 39 1.74 -1.23 -8.15
N ASN A 40 1.23 -0.56 -9.18
CA ASN A 40 1.89 0.55 -9.83
C ASN A 40 2.23 1.63 -8.83
N ARG A 41 1.23 2.10 -8.11
CA ARG A 41 1.43 3.12 -7.09
C ARG A 41 2.54 2.72 -6.13
N GLN A 42 2.51 1.47 -5.72
CA GLN A 42 3.46 0.95 -4.75
C GLN A 42 4.83 0.80 -5.40
N GLN A 43 4.86 0.22 -6.59
CA GLN A 43 6.09 0.00 -7.32
C GLN A 43 6.82 1.32 -7.62
N ARG A 44 6.04 2.37 -7.83
CA ARG A 44 6.59 3.68 -8.16
C ARG A 44 6.69 4.58 -6.94
N ALA A 45 6.35 4.02 -5.79
CA ALA A 45 6.47 4.72 -4.51
C ALA A 45 7.93 4.77 -4.05
N HIS A 46 8.20 5.55 -3.03
CA HIS A 46 9.54 5.64 -2.45
C HIS A 46 9.86 4.36 -1.72
N SER A 47 10.91 3.68 -2.16
CA SER A 47 11.37 2.47 -1.51
C SER A 47 11.64 2.70 -0.02
N LEU A 48 12.10 3.89 0.34
CA LEU A 48 12.27 4.25 1.75
C LEU A 48 10.94 4.23 2.48
N PHE A 49 9.94 4.75 1.81
CA PHE A 49 8.60 4.81 2.38
C PHE A 49 8.01 3.40 2.44
N LEU A 50 8.23 2.64 1.38
CA LEU A 50 7.81 1.24 1.32
C LEU A 50 8.51 0.43 2.39
N ALA A 51 9.69 0.87 2.79
CA ALA A 51 10.41 0.23 3.87
C ALA A 51 10.23 0.99 5.18
N SER A 52 9.39 2.02 5.19
CA SER A 52 9.25 2.85 6.37
C SER A 52 8.06 2.40 7.22
N ALA A 53 8.10 2.84 8.45
CA ALA A 53 7.06 2.57 9.43
C ALA A 53 5.70 3.05 8.95
N GLU A 54 5.67 4.23 8.32
CA GLU A 54 4.41 4.84 7.92
C GLU A 54 3.59 3.95 6.99
N PHE A 55 4.24 3.31 6.03
CA PHE A 55 3.52 2.44 5.12
C PHE A 55 2.96 1.25 5.88
N CYS A 56 3.69 0.80 6.90
CA CYS A 56 3.22 -0.27 7.76
C CYS A 56 1.99 0.19 8.51
N ASN A 57 2.06 1.40 9.04
CA ASN A 57 0.93 2.04 9.69
C ASN A 57 -0.28 2.06 8.78
N ILE A 58 -0.09 2.62 7.60
CA ILE A 58 -1.14 2.80 6.61
C ILE A 58 -1.70 1.46 6.14
N LEU A 59 -0.79 0.54 5.87
CA LEU A 59 -1.14 -0.80 5.41
C LEU A 59 -1.94 -1.56 6.44
N SER A 60 -1.40 -1.64 7.63
CA SER A 60 -2.04 -2.36 8.72
C SER A 60 -3.43 -1.78 8.97
N ARG A 61 -3.54 -0.46 8.82
CA ARG A 61 -4.81 0.23 8.91
C ARG A 61 -5.78 -0.26 7.86
N VAL A 62 -5.41 -0.13 6.61
CA VAL A 62 -6.32 -0.41 5.51
C VAL A 62 -6.67 -1.87 5.41
N LEU A 63 -5.68 -2.74 5.54
CA LEU A 63 -5.91 -4.18 5.45
C LEU A 63 -6.97 -4.62 6.44
N SER A 64 -6.74 -4.25 7.67
CA SER A 64 -7.64 -4.57 8.78
C SER A 64 -9.03 -4.00 8.53
N ARG A 65 -9.08 -2.77 8.06
CA ARG A 65 -10.35 -2.13 7.75
C ARG A 65 -10.99 -2.77 6.52
N ALA A 66 -10.14 -3.17 5.58
CA ALA A 66 -10.59 -3.76 4.33
C ALA A 66 -11.24 -5.12 4.53
N ARG A 67 -10.69 -5.92 5.42
CA ARG A 67 -11.29 -7.22 5.73
C ARG A 67 -12.55 -7.04 6.56
N SER A 68 -12.62 -5.93 7.26
CA SER A 68 -13.78 -5.60 8.06
C SER A 68 -14.84 -4.99 7.18
N ARG A 69 -14.39 -4.28 6.19
CA ARG A 69 -15.26 -3.61 5.29
C ARG A 69 -14.76 -3.63 3.87
N PRO A 70 -15.00 -4.75 3.23
CA PRO A 70 -14.69 -4.94 1.83
C PRO A 70 -15.49 -4.03 0.90
N ALA A 71 -16.47 -3.29 1.45
CA ALA A 71 -17.18 -2.29 0.66
C ALA A 71 -16.34 -1.03 0.60
N LYS A 72 -15.69 -0.76 1.72
CA LYS A 72 -14.83 0.40 1.84
C LYS A 72 -13.44 0.10 1.31
N LEU A 73 -13.25 -1.12 0.79
CA LEU A 73 -12.01 -1.50 0.13
C LEU A 73 -11.52 -0.45 -0.83
N TYR A 74 -12.39 0.10 -1.65
CA TYR A 74 -12.03 1.17 -2.57
C TYR A 74 -11.56 2.40 -1.83
N VAL A 75 -12.05 2.59 -0.62
CA VAL A 75 -11.61 3.71 0.19
C VAL A 75 -10.15 3.50 0.54
N TYR A 76 -9.88 2.27 0.91
CA TYR A 76 -8.57 1.81 1.34
C TYR A 76 -7.61 1.71 0.16
N ILE A 77 -8.11 1.16 -0.93
CA ILE A 77 -7.37 1.10 -2.18
C ILE A 77 -7.01 2.51 -2.63
N ASN A 78 -8.03 3.36 -2.69
CA ASN A 78 -7.83 4.76 -3.05
C ASN A 78 -6.88 5.42 -2.05
N GLU A 79 -7.06 5.11 -0.77
CA GLU A 79 -6.19 5.61 0.28
C GLU A 79 -4.75 5.27 0.01
N LEU A 80 -4.49 3.99 -0.09
CA LEU A 80 -3.14 3.48 -0.27
C LEU A 80 -2.56 4.03 -1.57
N CYS A 81 -3.39 4.09 -2.60
CA CYS A 81 -2.99 4.70 -3.87
C CYS A 81 -2.57 6.15 -3.64
N THR A 82 -3.37 6.85 -2.85
CA THR A 82 -3.10 8.25 -2.51
C THR A 82 -1.84 8.34 -1.67
N VAL A 83 -1.76 7.48 -0.68
CA VAL A 83 -0.57 7.29 0.13
C VAL A 83 0.68 7.12 -0.71
N LEU A 84 0.60 6.23 -1.69
CA LEU A 84 1.73 5.94 -2.55
C LEU A 84 1.99 7.08 -3.50
N LYS A 85 0.94 7.81 -3.85
CA LYS A 85 1.03 8.99 -4.65
C LYS A 85 1.67 10.11 -3.83
N ALA A 86 1.44 10.05 -2.54
CA ALA A 86 1.91 11.05 -1.63
C ALA A 86 3.40 10.87 -1.41
N HIS A 87 3.82 9.62 -1.43
CA HIS A 87 5.19 9.29 -1.10
C HIS A 87 5.84 8.53 -2.25
N SER A 88 5.60 8.99 -3.45
CA SER A 88 6.29 8.50 -4.61
C SER A 88 7.72 9.01 -4.58
N ALA A 89 8.67 8.12 -4.83
CA ALA A 89 10.08 8.50 -4.85
C ALA A 89 10.32 9.48 -5.99
N LYS A 90 10.02 9.03 -7.21
CA LYS A 90 10.17 9.86 -8.40
C LYS A 90 9.25 9.36 -9.51
N LYS A 91 8.57 8.23 -9.24
CA LYS A 91 7.75 7.54 -10.25
C LYS A 91 8.59 7.04 -11.42
N LYS A 92 9.89 7.35 -11.34
CA LYS A 92 10.90 7.04 -12.36
C LYS A 92 10.47 7.53 -13.74
N LEU A 93 11.29 7.25 -14.74
CA LEU A 93 11.03 7.69 -16.11
C LEU A 93 11.86 6.87 -17.08
N ASN A 94 12.12 5.64 -16.67
CA ASN A 94 12.99 4.75 -17.41
C ASN A 94 12.51 3.32 -17.23
N GLY A 1 0.52 10.00 14.84
CA GLY A 1 1.17 9.41 13.64
C GLY A 1 2.33 10.26 13.14
N SER A 2 3.34 10.39 13.99
CA SER A 2 4.51 11.18 13.64
C SER A 2 5.69 10.28 13.25
N HIS A 3 5.54 8.99 13.55
CA HIS A 3 6.56 8.00 13.23
C HIS A 3 6.57 7.72 11.73
N MET A 4 7.28 8.55 10.98
CA MET A 4 7.38 8.38 9.53
C MET A 4 8.19 7.14 9.21
N GLY A 5 9.37 7.04 9.82
CA GLY A 5 10.23 5.90 9.60
C GLY A 5 10.80 5.37 10.89
N LYS A 6 10.92 4.05 10.98
CA LYS A 6 11.49 3.40 12.14
C LYS A 6 11.74 1.94 11.80
N LYS A 7 12.17 1.17 12.81
CA LYS A 7 12.58 -0.24 12.64
C LYS A 7 13.06 -0.59 11.22
N CYS A 8 12.08 -0.95 10.38
CA CYS A 8 12.25 -1.37 8.99
C CYS A 8 11.10 -2.29 8.61
N TYR A 9 10.24 -1.82 7.74
CA TYR A 9 9.06 -2.59 7.39
C TYR A 9 8.98 -2.86 5.90
N LYS A 10 10.10 -2.88 5.21
CA LYS A 10 10.10 -3.17 3.77
C LYS A 10 9.42 -4.50 3.50
N LEU A 11 9.91 -5.55 4.13
CA LEU A 11 9.32 -6.87 3.98
C LEU A 11 7.88 -6.86 4.43
N GLU A 12 7.64 -6.26 5.57
CA GLU A 12 6.30 -6.07 6.08
C GLU A 12 5.39 -5.46 5.03
N ASN A 13 5.80 -4.33 4.49
CA ASN A 13 4.97 -3.53 3.62
C ASN A 13 4.77 -4.18 2.27
N GLU A 14 5.85 -4.76 1.73
CA GLU A 14 5.76 -5.58 0.56
C GLU A 14 4.68 -6.62 0.72
N LYS A 15 4.82 -7.39 1.80
CA LYS A 15 3.94 -8.46 2.10
C LYS A 15 2.53 -7.96 2.37
N LEU A 16 2.39 -6.99 3.26
CA LEU A 16 1.09 -6.42 3.60
C LEU A 16 0.39 -5.91 2.35
N PHE A 17 1.16 -5.27 1.48
CA PHE A 17 0.65 -4.81 0.21
C PHE A 17 0.05 -5.97 -0.57
N GLU A 18 0.80 -7.08 -0.65
CA GLU A 18 0.31 -8.27 -1.32
C GLU A 18 -0.91 -8.82 -0.63
N GLU A 19 -0.90 -8.81 0.70
CA GLU A 19 -2.02 -9.31 1.48
C GLU A 19 -3.29 -8.57 1.10
N PHE A 20 -3.13 -7.28 0.91
CA PHE A 20 -4.21 -6.39 0.57
C PHE A 20 -4.51 -6.52 -0.92
N LEU A 21 -3.46 -6.62 -1.74
CA LEU A 21 -3.59 -6.78 -3.17
C LEU A 21 -4.35 -8.05 -3.53
N GLU A 22 -3.89 -9.19 -3.03
CA GLU A 22 -4.58 -10.47 -3.22
C GLU A 22 -6.01 -10.36 -2.74
N LEU A 23 -6.17 -9.73 -1.60
CA LEU A 23 -7.48 -9.42 -1.06
C LEU A 23 -8.32 -8.69 -2.10
N CYS A 24 -7.74 -7.65 -2.69
CA CYS A 24 -8.44 -6.88 -3.70
C CYS A 24 -8.82 -7.79 -4.88
N LYS A 25 -7.90 -8.65 -5.31
CA LYS A 25 -8.18 -9.57 -6.40
C LYS A 25 -9.37 -10.47 -6.07
N MET A 26 -9.65 -10.57 -4.77
CA MET A 26 -10.77 -11.37 -4.29
C MET A 26 -12.07 -10.57 -4.28
N GLN A 27 -12.01 -9.29 -3.91
CA GLN A 27 -13.22 -8.49 -3.76
C GLN A 27 -13.46 -7.51 -4.91
N THR A 28 -12.44 -7.19 -5.69
CA THR A 28 -12.57 -6.15 -6.71
C THR A 28 -12.69 -6.75 -8.09
N ALA A 29 -13.54 -7.75 -8.24
CA ALA A 29 -13.78 -8.37 -9.53
C ALA A 29 -14.27 -7.36 -10.56
N ASP A 30 -14.97 -6.35 -10.09
CA ASP A 30 -15.49 -5.30 -10.96
C ASP A 30 -14.40 -4.29 -11.27
N HIS A 31 -13.36 -4.31 -10.47
CA HIS A 31 -12.22 -3.42 -10.67
C HIS A 31 -10.90 -4.16 -10.62
N PRO A 32 -10.66 -5.10 -11.54
CA PRO A 32 -9.37 -5.81 -11.65
C PRO A 32 -8.22 -4.87 -12.01
N GLU A 33 -8.57 -3.64 -12.41
CA GLU A 33 -7.60 -2.61 -12.70
C GLU A 33 -7.02 -2.01 -11.43
N VAL A 34 -7.74 -2.23 -10.34
CA VAL A 34 -7.40 -1.67 -9.05
C VAL A 34 -6.08 -2.22 -8.54
N VAL A 35 -5.85 -3.50 -8.75
CA VAL A 35 -4.62 -4.12 -8.37
C VAL A 35 -3.41 -3.55 -9.12
N PRO A 36 -3.43 -3.55 -10.47
CA PRO A 36 -2.41 -2.87 -11.27
C PRO A 36 -2.19 -1.43 -10.83
N PHE A 37 -3.28 -0.73 -10.51
CA PHE A 37 -3.23 0.65 -10.06
C PHE A 37 -2.56 0.71 -8.69
N LEU A 38 -2.82 -0.32 -7.91
CA LEU A 38 -2.30 -0.41 -6.57
C LEU A 38 -0.83 -0.74 -6.64
N TYR A 39 -0.57 -1.75 -7.45
CA TYR A 39 0.74 -2.30 -7.63
C TYR A 39 1.67 -1.21 -8.14
N ASN A 40 1.20 -0.55 -9.19
CA ASN A 40 1.88 0.58 -9.80
C ASN A 40 2.27 1.61 -8.77
N ARG A 41 1.27 2.13 -8.06
CA ARG A 41 1.49 3.14 -7.03
C ARG A 41 2.55 2.70 -6.05
N GLN A 42 2.48 1.45 -5.64
CA GLN A 42 3.42 0.91 -4.68
C GLN A 42 4.79 0.71 -5.30
N GLN A 43 4.79 0.16 -6.50
CA GLN A 43 6.02 -0.09 -7.24
C GLN A 43 6.80 1.20 -7.48
N ARG A 44 6.08 2.28 -7.72
CA ARG A 44 6.69 3.57 -7.98
C ARG A 44 6.88 4.37 -6.69
N ALA A 45 6.40 3.82 -5.59
CA ALA A 45 6.50 4.49 -4.29
C ALA A 45 7.94 4.47 -3.81
N HIS A 46 8.24 5.35 -2.87
CA HIS A 46 9.59 5.47 -2.33
C HIS A 46 9.97 4.21 -1.59
N SER A 47 11.08 3.59 -2.01
CA SER A 47 11.63 2.42 -1.34
C SER A 47 11.80 2.66 0.17
N LEU A 48 12.26 3.86 0.55
CA LEU A 48 12.34 4.24 1.95
C LEU A 48 10.97 4.16 2.61
N PHE A 49 9.98 4.65 1.90
CA PHE A 49 8.62 4.66 2.39
C PHE A 49 8.05 3.25 2.46
N LEU A 50 8.37 2.46 1.45
CA LEU A 50 8.00 1.05 1.43
C LEU A 50 8.66 0.30 2.58
N ALA A 51 9.75 0.83 3.08
CA ALA A 51 10.40 0.26 4.26
C ALA A 51 10.16 1.12 5.49
N SER A 52 9.26 2.09 5.38
CA SER A 52 9.04 3.03 6.46
C SER A 52 7.84 2.63 7.29
N ALA A 53 7.84 3.09 8.53
CA ALA A 53 6.77 2.84 9.47
C ALA A 53 5.43 3.35 8.95
N GLU A 54 5.46 4.49 8.28
CA GLU A 54 4.24 5.11 7.78
C GLU A 54 3.45 4.16 6.90
N PHE A 55 4.11 3.48 5.96
CA PHE A 55 3.42 2.58 5.06
C PHE A 55 2.86 1.40 5.85
N CYS A 56 3.61 0.93 6.84
CA CYS A 56 3.15 -0.16 7.69
C CYS A 56 1.89 0.26 8.41
N ASN A 57 1.94 1.49 8.92
CA ASN A 57 0.79 2.14 9.56
C ASN A 57 -0.42 2.11 8.64
N ILE A 58 -0.21 2.67 7.47
CA ILE A 58 -1.26 2.83 6.47
C ILE A 58 -1.79 1.49 6.01
N LEU A 59 -0.87 0.59 5.76
CA LEU A 59 -1.17 -0.76 5.32
C LEU A 59 -1.96 -1.54 6.35
N SER A 60 -1.44 -1.55 7.56
CA SER A 60 -2.08 -2.23 8.65
C SER A 60 -3.47 -1.65 8.90
N ARG A 61 -3.58 -0.33 8.72
CA ARG A 61 -4.87 0.34 8.79
C ARG A 61 -5.84 -0.25 7.80
N VAL A 62 -5.47 -0.18 6.53
CA VAL A 62 -6.38 -0.51 5.45
C VAL A 62 -6.70 -1.98 5.42
N LEU A 63 -5.70 -2.83 5.56
CA LEU A 63 -5.92 -4.26 5.55
C LEU A 63 -6.95 -4.68 6.57
N SER A 64 -6.70 -4.27 7.80
CA SER A 64 -7.59 -4.58 8.91
C SER A 64 -9.00 -4.06 8.65
N ARG A 65 -9.07 -2.84 8.15
CA ARG A 65 -10.35 -2.22 7.81
C ARG A 65 -10.99 -2.92 6.62
N ALA A 66 -10.15 -3.33 5.68
CA ALA A 66 -10.60 -3.94 4.43
C ALA A 66 -11.29 -5.28 4.67
N ARG A 67 -10.72 -6.08 5.56
CA ARG A 67 -11.31 -7.38 5.88
C ARG A 67 -12.65 -7.23 6.57
N SER A 68 -12.83 -6.12 7.24
CA SER A 68 -14.07 -5.83 7.94
C SER A 68 -15.05 -5.12 7.03
N ARG A 69 -14.48 -4.26 6.20
CA ARG A 69 -15.25 -3.41 5.34
C ARG A 69 -14.78 -3.51 3.91
N PRO A 70 -15.12 -4.60 3.24
CA PRO A 70 -14.77 -4.82 1.84
C PRO A 70 -15.55 -3.89 0.90
N ALA A 71 -16.51 -3.16 1.47
CA ALA A 71 -17.20 -2.11 0.72
C ALA A 71 -16.34 -0.88 0.72
N LYS A 72 -15.71 -0.67 1.87
CA LYS A 72 -14.78 0.40 2.07
C LYS A 72 -13.43 0.11 1.43
N LEU A 73 -13.26 -1.11 0.90
CA LEU A 73 -12.05 -1.51 0.21
C LEU A 73 -11.54 -0.44 -0.76
N TYR A 74 -12.43 0.12 -1.57
CA TYR A 74 -12.07 1.18 -2.48
C TYR A 74 -11.55 2.39 -1.73
N VAL A 75 -12.01 2.60 -0.52
CA VAL A 75 -11.55 3.73 0.27
C VAL A 75 -10.09 3.50 0.60
N TYR A 76 -9.84 2.25 0.94
CA TYR A 76 -8.53 1.77 1.34
C TYR A 76 -7.60 1.68 0.14
N ILE A 77 -8.12 1.13 -0.94
CA ILE A 77 -7.40 1.08 -2.21
C ILE A 77 -7.04 2.48 -2.66
N ASN A 78 -8.05 3.35 -2.69
CA ASN A 78 -7.83 4.75 -3.05
C ASN A 78 -6.89 5.41 -2.06
N GLU A 79 -7.03 5.06 -0.78
CA GLU A 79 -6.15 5.54 0.27
C GLU A 79 -4.71 5.22 -0.02
N LEU A 80 -4.44 3.94 -0.15
CA LEU A 80 -3.10 3.45 -0.35
C LEU A 80 -2.53 4.01 -1.64
N CYS A 81 -3.36 4.07 -2.67
CA CYS A 81 -2.96 4.68 -3.93
C CYS A 81 -2.55 6.13 -3.72
N THR A 82 -3.36 6.86 -2.95
CA THR A 82 -3.07 8.26 -2.64
C THR A 82 -1.81 8.36 -1.80
N VAL A 83 -1.74 7.51 -0.79
CA VAL A 83 -0.56 7.33 0.04
C VAL A 83 0.69 7.15 -0.80
N LEU A 84 0.62 6.24 -1.75
CA LEU A 84 1.76 5.91 -2.58
C LEU A 84 2.04 7.02 -3.58
N LYS A 85 0.99 7.74 -3.96
CA LYS A 85 1.11 8.88 -4.81
C LYS A 85 1.71 10.04 -4.03
N ALA A 86 1.50 9.99 -2.74
CA ALA A 86 1.98 11.01 -1.83
C ALA A 86 3.45 10.78 -1.52
N HIS A 87 3.85 9.52 -1.48
CA HIS A 87 5.19 9.15 -1.07
C HIS A 87 5.84 8.27 -2.13
N SER A 88 5.66 8.68 -3.37
CA SER A 88 6.28 8.01 -4.50
C SER A 88 7.67 8.58 -4.75
N ALA A 89 8.63 7.71 -5.03
CA ALA A 89 9.99 8.12 -5.28
C ALA A 89 10.17 8.48 -6.75
N LYS A 90 9.12 8.29 -7.54
CA LYS A 90 9.20 8.47 -8.99
C LYS A 90 7.83 8.73 -9.60
N LYS A 91 7.22 9.86 -9.25
CA LYS A 91 5.99 10.31 -9.88
C LYS A 91 6.29 10.93 -11.25
N LYS A 92 7.42 10.51 -11.82
CA LYS A 92 7.97 11.13 -13.01
C LYS A 92 8.21 12.62 -12.73
N LEU A 93 8.00 13.49 -13.73
CA LEU A 93 8.20 14.94 -13.59
C LEU A 93 9.63 15.24 -13.14
N ASN A 94 10.52 14.32 -13.52
CA ASN A 94 11.94 14.42 -13.21
C ASN A 94 12.74 14.05 -14.45
N GLY A 1 12.65 4.48 18.41
CA GLY A 1 12.71 5.29 17.17
C GLY A 1 13.50 4.61 16.07
N SER A 2 14.76 5.00 15.92
CA SER A 2 15.64 4.39 14.94
C SER A 2 16.05 2.99 15.40
N HIS A 3 15.28 1.99 14.98
CA HIS A 3 15.51 0.62 15.37
C HIS A 3 16.82 0.09 14.79
N MET A 4 16.87 -0.04 13.47
CA MET A 4 18.07 -0.53 12.80
C MET A 4 18.60 0.54 11.85
N GLY A 5 19.31 1.52 12.40
CA GLY A 5 19.83 2.60 11.61
C GLY A 5 18.79 3.68 11.37
N LYS A 6 17.60 3.25 11.01
CA LYS A 6 16.47 4.13 10.79
C LYS A 6 15.20 3.40 11.16
N LYS A 7 14.84 2.42 10.34
CA LYS A 7 13.64 1.61 10.48
C LYS A 7 13.42 0.83 9.21
N CYS A 8 13.01 -0.41 9.32
CA CYS A 8 12.85 -1.26 8.16
C CYS A 8 11.70 -2.23 8.32
N TYR A 9 10.69 -2.04 7.51
CA TYR A 9 9.52 -2.89 7.51
C TYR A 9 9.10 -3.23 6.08
N LYS A 10 10.06 -3.13 5.16
CA LYS A 10 9.74 -3.32 3.75
C LYS A 10 9.13 -4.68 3.49
N LEU A 11 9.75 -5.73 4.03
CA LEU A 11 9.20 -7.07 3.89
C LEU A 11 7.76 -7.12 4.38
N GLU A 12 7.52 -6.53 5.54
CA GLU A 12 6.21 -6.46 6.09
C GLU A 12 5.28 -5.72 5.16
N ASN A 13 5.71 -4.57 4.67
CA ASN A 13 4.85 -3.70 3.89
C ASN A 13 4.61 -4.27 2.50
N GLU A 14 5.68 -4.77 1.89
CA GLU A 14 5.58 -5.51 0.67
C GLU A 14 4.52 -6.61 0.81
N LYS A 15 4.69 -7.41 1.86
CA LYS A 15 3.82 -8.50 2.15
C LYS A 15 2.40 -8.04 2.45
N LEU A 16 2.27 -7.03 3.31
CA LEU A 16 0.96 -6.46 3.64
C LEU A 16 0.28 -5.92 2.40
N PHE A 17 1.07 -5.28 1.56
CA PHE A 17 0.60 -4.79 0.29
C PHE A 17 0.03 -5.95 -0.54
N GLU A 18 0.76 -7.06 -0.58
CA GLU A 18 0.28 -8.26 -1.26
C GLU A 18 -0.98 -8.77 -0.60
N GLU A 19 -1.00 -8.75 0.73
CA GLU A 19 -2.16 -9.18 1.49
C GLU A 19 -3.38 -8.40 1.05
N PHE A 20 -3.18 -7.12 0.83
CA PHE A 20 -4.23 -6.23 0.45
C PHE A 20 -4.53 -6.40 -1.05
N LEU A 21 -3.47 -6.56 -1.82
CA LEU A 21 -3.58 -6.81 -3.25
C LEU A 21 -4.36 -8.08 -3.56
N GLU A 22 -3.91 -9.20 -2.99
CA GLU A 22 -4.61 -10.48 -3.13
C GLU A 22 -6.06 -10.31 -2.70
N LEU A 23 -6.23 -9.61 -1.60
CA LEU A 23 -7.55 -9.24 -1.11
C LEU A 23 -8.34 -8.55 -2.21
N CYS A 24 -7.74 -7.54 -2.82
CA CYS A 24 -8.42 -6.80 -3.88
C CYS A 24 -8.80 -7.75 -5.01
N LYS A 25 -7.90 -8.66 -5.38
CA LYS A 25 -8.18 -9.64 -6.42
C LYS A 25 -9.42 -10.46 -6.08
N MET A 26 -9.75 -10.49 -4.79
CA MET A 26 -10.89 -11.24 -4.29
C MET A 26 -12.17 -10.40 -4.31
N GLN A 27 -12.05 -9.09 -4.05
CA GLN A 27 -13.24 -8.24 -3.96
C GLN A 27 -13.41 -7.28 -5.15
N THR A 28 -12.38 -7.11 -5.95
CA THR A 28 -12.45 -6.17 -7.06
C THR A 28 -12.47 -6.90 -8.40
N ALA A 29 -13.32 -7.90 -8.51
CA ALA A 29 -13.52 -8.60 -9.78
C ALA A 29 -13.83 -7.62 -10.90
N ASP A 30 -14.71 -6.68 -10.60
CA ASP A 30 -15.14 -5.70 -11.55
C ASP A 30 -14.10 -4.60 -11.72
N HIS A 31 -13.15 -4.58 -10.80
CA HIS A 31 -12.07 -3.60 -10.82
C HIS A 31 -10.72 -4.29 -10.78
N PRO A 32 -10.41 -5.13 -11.78
CA PRO A 32 -9.18 -5.92 -11.80
C PRO A 32 -7.97 -5.04 -12.04
N GLU A 33 -8.21 -3.84 -12.53
CA GLU A 33 -7.15 -2.88 -12.81
C GLU A 33 -6.64 -2.27 -11.52
N VAL A 34 -7.40 -2.44 -10.47
CA VAL A 34 -7.11 -1.85 -9.18
C VAL A 34 -5.82 -2.41 -8.60
N VAL A 35 -5.61 -3.70 -8.77
CA VAL A 35 -4.39 -4.32 -8.33
C VAL A 35 -3.16 -3.77 -9.08
N PRO A 36 -3.16 -3.82 -10.43
CA PRO A 36 -2.13 -3.16 -11.23
C PRO A 36 -1.94 -1.69 -10.85
N PHE A 37 -3.05 -1.01 -10.54
CA PHE A 37 -3.02 0.39 -10.13
C PHE A 37 -2.40 0.52 -8.74
N LEU A 38 -2.67 -0.48 -7.93
CA LEU A 38 -2.18 -0.53 -6.59
C LEU A 38 -0.71 -0.82 -6.63
N TYR A 39 -0.42 -1.85 -7.42
CA TYR A 39 0.91 -2.31 -7.65
C TYR A 39 1.75 -1.17 -8.18
N ASN A 40 1.23 -0.53 -9.20
CA ASN A 40 1.84 0.63 -9.82
C ASN A 40 2.22 1.68 -8.82
N ARG A 41 1.22 2.14 -8.08
CA ARG A 41 1.44 3.16 -7.07
C ARG A 41 2.56 2.75 -6.12
N GLN A 42 2.52 1.50 -5.69
CA GLN A 42 3.48 0.98 -4.74
C GLN A 42 4.85 0.79 -5.40
N GLN A 43 4.85 0.22 -6.60
CA GLN A 43 6.06 -0.03 -7.34
C GLN A 43 6.82 1.27 -7.65
N ARG A 44 6.06 2.34 -7.84
CA ARG A 44 6.63 3.64 -8.14
C ARG A 44 6.72 4.51 -6.89
N ALA A 45 6.32 3.95 -5.77
CA ALA A 45 6.45 4.62 -4.48
C ALA A 45 7.89 4.55 -3.99
N HIS A 46 8.22 5.41 -3.04
CA HIS A 46 9.57 5.45 -2.48
C HIS A 46 9.86 4.18 -1.73
N SER A 47 10.86 3.43 -2.20
CA SER A 47 11.27 2.19 -1.54
C SER A 47 11.61 2.43 -0.08
N LEU A 48 12.13 3.63 0.24
CA LEU A 48 12.31 4.03 1.63
C LEU A 48 11.00 4.01 2.37
N PHE A 49 10.00 4.61 1.75
CA PHE A 49 8.68 4.75 2.36
C PHE A 49 8.03 3.38 2.50
N LEU A 50 8.20 2.57 1.46
CA LEU A 50 7.71 1.21 1.46
C LEU A 50 8.40 0.39 2.54
N ALA A 51 9.58 0.82 2.95
CA ALA A 51 10.29 0.18 4.05
C ALA A 51 10.19 1.02 5.31
N SER A 52 9.38 2.06 5.26
CA SER A 52 9.23 2.97 6.38
C SER A 52 7.94 2.68 7.15
N ALA A 53 8.01 3.00 8.44
CA ALA A 53 6.97 2.66 9.39
C ALA A 53 5.61 3.21 8.98
N GLU A 54 5.61 4.36 8.32
CA GLU A 54 4.35 4.98 7.91
C GLU A 54 3.54 4.07 6.99
N PHE A 55 4.19 3.42 6.03
CA PHE A 55 3.47 2.53 5.12
C PHE A 55 2.98 1.33 5.89
N CYS A 56 3.78 0.89 6.85
CA CYS A 56 3.40 -0.20 7.73
C CYS A 56 2.15 0.20 8.51
N ASN A 57 2.18 1.42 9.02
CA ASN A 57 1.04 2.01 9.71
C ASN A 57 -0.18 1.98 8.81
N ILE A 58 -0.03 2.59 7.65
CA ILE A 58 -1.12 2.78 6.71
C ILE A 58 -1.69 1.46 6.24
N LEU A 59 -0.78 0.54 5.92
CA LEU A 59 -1.13 -0.78 5.45
C LEU A 59 -1.92 -1.55 6.48
N SER A 60 -1.36 -1.64 7.66
CA SER A 60 -2.00 -2.35 8.75
C SER A 60 -3.36 -1.74 9.05
N ARG A 61 -3.45 -0.42 8.86
CA ARG A 61 -4.70 0.29 8.97
C ARG A 61 -5.71 -0.17 7.93
N VAL A 62 -5.34 -0.07 6.66
CA VAL A 62 -6.28 -0.33 5.58
C VAL A 62 -6.67 -1.78 5.50
N LEU A 63 -5.70 -2.67 5.63
CA LEU A 63 -5.96 -4.10 5.59
C LEU A 63 -6.98 -4.51 6.63
N SER A 64 -6.71 -4.11 7.85
CA SER A 64 -7.60 -4.39 8.98
C SER A 64 -8.99 -3.83 8.72
N ARG A 65 -9.04 -2.63 8.15
CA ARG A 65 -10.30 -2.01 7.76
C ARG A 65 -10.92 -2.76 6.60
N ALA A 66 -10.08 -3.17 5.66
CA ALA A 66 -10.52 -3.78 4.41
C ALA A 66 -11.14 -5.16 4.64
N ARG A 67 -10.54 -5.93 5.52
CA ARG A 67 -11.09 -7.23 5.88
C ARG A 67 -12.41 -7.09 6.63
N SER A 68 -12.57 -5.96 7.29
CA SER A 68 -13.79 -5.66 8.02
C SER A 68 -14.81 -5.05 7.10
N ARG A 69 -14.31 -4.25 6.18
CA ARG A 69 -15.13 -3.46 5.29
C ARG A 69 -14.70 -3.62 3.86
N PRO A 70 -15.01 -4.77 3.27
CA PRO A 70 -14.68 -5.05 1.88
C PRO A 70 -15.48 -4.18 0.89
N ALA A 71 -16.49 -3.47 1.40
CA ALA A 71 -17.21 -2.51 0.56
C ALA A 71 -16.42 -1.22 0.52
N LYS A 72 -15.76 -0.96 1.63
CA LYS A 72 -14.93 0.22 1.76
C LYS A 72 -13.53 -0.06 1.26
N LEU A 73 -13.31 -1.23 0.68
CA LEU A 73 -12.03 -1.54 0.07
C LEU A 73 -11.54 -0.40 -0.79
N TYR A 74 -12.32 0.01 -1.78
CA TYR A 74 -11.97 1.17 -2.58
C TYR A 74 -11.54 2.37 -1.77
N VAL A 75 -12.04 2.51 -0.57
CA VAL A 75 -11.65 3.62 0.26
C VAL A 75 -10.19 3.44 0.61
N TYR A 76 -9.90 2.21 0.95
CA TYR A 76 -8.59 1.74 1.34
C TYR A 76 -7.66 1.65 0.14
N ILE A 77 -8.20 1.17 -0.98
CA ILE A 77 -7.50 1.14 -2.25
C ILE A 77 -7.10 2.54 -2.67
N ASN A 78 -8.10 3.43 -2.71
CA ASN A 78 -7.83 4.83 -3.02
C ASN A 78 -6.96 5.47 -1.94
N GLU A 79 -7.12 5.04 -0.69
CA GLU A 79 -6.32 5.52 0.42
C GLU A 79 -4.85 5.21 0.19
N LEU A 80 -4.56 3.93 0.02
CA LEU A 80 -3.21 3.45 -0.16
C LEU A 80 -2.63 4.01 -1.46
N CYS A 81 -3.46 4.08 -2.49
CA CYS A 81 -3.07 4.68 -3.75
C CYS A 81 -2.67 6.13 -3.55
N THR A 82 -3.46 6.85 -2.74
CA THR A 82 -3.19 8.24 -2.43
C THR A 82 -1.92 8.34 -1.59
N VAL A 83 -1.81 7.45 -0.61
CA VAL A 83 -0.60 7.28 0.17
C VAL A 83 0.63 7.13 -0.70
N LEU A 84 0.53 6.25 -1.68
CA LEU A 84 1.65 5.96 -2.56
C LEU A 84 1.87 7.10 -3.54
N LYS A 85 0.80 7.81 -3.86
CA LYS A 85 0.84 8.99 -4.68
C LYS A 85 1.46 10.12 -3.87
N ALA A 86 1.29 10.05 -2.56
CA ALA A 86 1.80 11.05 -1.66
C ALA A 86 3.29 10.87 -1.48
N HIS A 87 3.72 9.61 -1.47
CA HIS A 87 5.09 9.28 -1.16
C HIS A 87 5.73 8.47 -2.28
N SER A 88 5.46 8.87 -3.52
CA SER A 88 6.13 8.27 -4.66
C SER A 88 7.53 8.83 -4.76
N ALA A 89 8.50 7.95 -4.98
CA ALA A 89 9.89 8.35 -5.05
C ALA A 89 10.14 9.40 -6.13
N LYS A 90 9.68 9.11 -7.34
CA LYS A 90 9.86 10.02 -8.47
C LYS A 90 8.76 11.08 -8.53
N LYS A 91 7.51 10.63 -8.38
CA LYS A 91 6.36 11.53 -8.48
C LYS A 91 6.27 12.45 -7.26
N LYS A 92 6.97 13.58 -7.35
CA LYS A 92 6.97 14.58 -6.29
C LYS A 92 6.54 15.93 -6.86
N LEU A 93 6.01 15.91 -8.08
CA LEU A 93 5.73 17.14 -8.81
C LEU A 93 4.36 17.70 -8.43
N ASN A 94 3.89 17.30 -7.26
CA ASN A 94 2.66 17.82 -6.69
C ASN A 94 2.76 17.79 -5.17
N GLY A 1 23.44 11.89 12.09
CA GLY A 1 22.66 11.08 11.12
C GLY A 1 23.44 9.89 10.62
N SER A 2 23.85 9.95 9.36
CA SER A 2 24.64 8.89 8.74
C SER A 2 23.82 7.60 8.63
N HIS A 3 22.52 7.76 8.45
CA HIS A 3 21.61 6.63 8.33
C HIS A 3 20.33 7.05 7.62
N MET A 4 20.02 6.36 6.53
CA MET A 4 18.80 6.62 5.78
C MET A 4 17.74 5.59 6.16
N GLY A 5 16.48 5.95 6.04
CA GLY A 5 15.41 5.08 6.48
C GLY A 5 15.22 5.17 7.99
N LYS A 6 14.68 4.13 8.59
CA LYS A 6 14.46 4.13 10.04
C LYS A 6 14.08 2.74 10.54
N LYS A 7 12.87 2.64 11.09
CA LYS A 7 12.38 1.43 11.75
C LYS A 7 12.21 0.25 10.79
N CYS A 8 12.25 0.55 9.49
CA CYS A 8 12.33 -0.45 8.41
C CYS A 8 11.31 -1.59 8.52
N TYR A 9 10.33 -1.55 7.63
CA TYR A 9 9.33 -2.60 7.55
C TYR A 9 9.16 -3.07 6.12
N LYS A 10 10.24 -3.02 5.33
CA LYS A 10 10.18 -3.31 3.90
C LYS A 10 9.47 -4.63 3.62
N LEU A 11 9.97 -5.72 4.21
CA LEU A 11 9.36 -7.02 4.02
C LEU A 11 7.90 -7.02 4.43
N GLU A 12 7.64 -6.47 5.60
CA GLU A 12 6.31 -6.40 6.12
C GLU A 12 5.39 -5.65 5.17
N ASN A 13 5.86 -4.52 4.66
CA ASN A 13 5.05 -3.67 3.81
C ASN A 13 4.81 -4.30 2.46
N GLU A 14 5.84 -4.89 1.89
CA GLU A 14 5.71 -5.73 0.73
C GLU A 14 4.61 -6.76 0.94
N LYS A 15 4.74 -7.51 2.02
CA LYS A 15 3.86 -8.57 2.36
C LYS A 15 2.44 -8.07 2.63
N LEU A 16 2.31 -7.03 3.43
CA LEU A 16 1.01 -6.42 3.73
C LEU A 16 0.36 -5.93 2.44
N PHE A 17 1.16 -5.32 1.58
CA PHE A 17 0.69 -4.88 0.29
C PHE A 17 0.09 -6.05 -0.49
N GLU A 18 0.82 -7.17 -0.52
CA GLU A 18 0.34 -8.38 -1.17
C GLU A 18 -0.97 -8.82 -0.52
N GLU A 19 -0.99 -8.82 0.80
CA GLU A 19 -2.17 -9.23 1.55
C GLU A 19 -3.39 -8.43 1.14
N PHE A 20 -3.17 -7.15 0.91
CA PHE A 20 -4.21 -6.25 0.53
C PHE A 20 -4.51 -6.42 -0.96
N LEU A 21 -3.44 -6.59 -1.75
CA LEU A 21 -3.54 -6.83 -3.17
C LEU A 21 -4.34 -8.08 -3.50
N GLU A 22 -3.91 -9.21 -2.94
CA GLU A 22 -4.61 -10.49 -3.09
C GLU A 22 -6.06 -10.33 -2.67
N LEU A 23 -6.24 -9.65 -1.56
CA LEU A 23 -7.56 -9.29 -1.07
C LEU A 23 -8.34 -8.58 -2.14
N CYS A 24 -7.75 -7.55 -2.73
CA CYS A 24 -8.41 -6.80 -3.79
C CYS A 24 -8.79 -7.72 -4.96
N LYS A 25 -7.88 -8.63 -5.33
CA LYS A 25 -8.16 -9.58 -6.39
C LYS A 25 -9.40 -10.42 -6.06
N MET A 26 -9.74 -10.47 -4.78
CA MET A 26 -10.89 -11.21 -4.31
C MET A 26 -12.16 -10.38 -4.35
N GLN A 27 -12.08 -9.11 -3.94
CA GLN A 27 -13.27 -8.29 -3.76
C GLN A 27 -13.46 -7.25 -4.87
N THR A 28 -12.43 -6.92 -5.63
CA THR A 28 -12.54 -5.85 -6.61
C THR A 28 -12.83 -6.39 -8.00
N ALA A 29 -13.75 -7.33 -8.09
CA ALA A 29 -14.18 -7.88 -9.36
C ALA A 29 -14.50 -6.81 -10.40
N ASP A 30 -15.15 -5.74 -9.97
CA ASP A 30 -15.55 -4.68 -10.88
C ASP A 30 -14.37 -3.77 -11.20
N HIS A 31 -13.29 -3.94 -10.46
CA HIS A 31 -12.05 -3.21 -10.72
C HIS A 31 -10.82 -4.10 -10.59
N PRO A 32 -10.64 -5.03 -11.54
CA PRO A 32 -9.45 -5.88 -11.57
C PRO A 32 -8.20 -5.06 -11.88
N GLU A 33 -8.42 -3.87 -12.42
CA GLU A 33 -7.37 -2.89 -12.72
C GLU A 33 -6.77 -2.33 -11.44
N VAL A 34 -7.53 -2.44 -10.36
CA VAL A 34 -7.16 -1.85 -9.09
C VAL A 34 -5.86 -2.42 -8.56
N VAL A 35 -5.67 -3.71 -8.77
CA VAL A 35 -4.45 -4.35 -8.36
C VAL A 35 -3.23 -3.82 -9.13
N PRO A 36 -3.25 -3.86 -10.47
CA PRO A 36 -2.22 -3.22 -11.28
C PRO A 36 -2.00 -1.76 -10.89
N PHE A 37 -3.10 -1.05 -10.59
CA PHE A 37 -3.06 0.34 -10.19
C PHE A 37 -2.49 0.49 -8.78
N LEU A 38 -2.71 -0.54 -7.98
CA LEU A 38 -2.22 -0.60 -6.61
C LEU A 38 -0.75 -0.89 -6.68
N TYR A 39 -0.46 -1.90 -7.47
CA TYR A 39 0.86 -2.39 -7.68
C TYR A 39 1.72 -1.26 -8.20
N ASN A 40 1.22 -0.60 -9.21
CA ASN A 40 1.82 0.56 -9.82
C ASN A 40 2.17 1.61 -8.79
N ARG A 41 1.16 2.06 -8.05
CA ARG A 41 1.36 3.06 -7.01
C ARG A 41 2.47 2.65 -6.06
N GLN A 42 2.43 1.40 -5.63
CA GLN A 42 3.38 0.88 -4.68
C GLN A 42 4.76 0.74 -5.31
N GLN A 43 4.79 0.18 -6.50
CA GLN A 43 6.02 -0.03 -7.25
C GLN A 43 6.72 1.30 -7.53
N ARG A 44 5.93 2.34 -7.76
CA ARG A 44 6.47 3.66 -8.06
C ARG A 44 6.50 4.57 -6.85
N ALA A 45 6.18 4.01 -5.71
CA ALA A 45 6.31 4.73 -4.44
C ALA A 45 7.77 4.73 -3.99
N HIS A 46 8.07 5.52 -2.98
CA HIS A 46 9.43 5.62 -2.47
C HIS A 46 9.83 4.35 -1.76
N SER A 47 10.86 3.70 -2.26
CA SER A 47 11.41 2.49 -1.64
C SER A 47 11.68 2.68 -0.15
N LEU A 48 12.11 3.88 0.24
CA LEU A 48 12.28 4.22 1.65
C LEU A 48 10.95 4.20 2.39
N PHE A 49 9.94 4.74 1.75
CA PHE A 49 8.61 4.81 2.32
C PHE A 49 8.01 3.41 2.40
N LEU A 50 8.21 2.64 1.34
CA LEU A 50 7.78 1.26 1.28
C LEU A 50 8.51 0.43 2.32
N ALA A 51 9.67 0.91 2.75
CA ALA A 51 10.39 0.27 3.83
C ALA A 51 10.27 1.06 5.13
N SER A 52 9.38 2.05 5.16
CA SER A 52 9.25 2.89 6.34
C SER A 52 8.03 2.48 7.16
N ALA A 53 8.05 2.93 8.39
CA ALA A 53 7.01 2.64 9.37
C ALA A 53 5.65 3.10 8.90
N GLU A 54 5.59 4.26 8.27
CA GLU A 54 4.31 4.85 7.89
C GLU A 54 3.52 3.96 6.96
N PHE A 55 4.18 3.32 5.99
CA PHE A 55 3.49 2.44 5.08
C PHE A 55 2.95 1.24 5.83
N CYS A 56 3.72 0.77 6.81
CA CYS A 56 3.29 -0.32 7.68
C CYS A 56 2.02 0.10 8.40
N ASN A 57 2.06 1.31 8.93
CA ASN A 57 0.94 1.92 9.62
C ASN A 57 -0.29 1.95 8.72
N ILE A 58 -0.11 2.58 7.57
CA ILE A 58 -1.18 2.78 6.62
C ILE A 58 -1.73 1.44 6.14
N LEU A 59 -0.82 0.54 5.85
CA LEU A 59 -1.14 -0.79 5.40
C LEU A 59 -1.94 -1.57 6.42
N SER A 60 -1.40 -1.69 7.62
CA SER A 60 -2.07 -2.40 8.69
C SER A 60 -3.45 -1.79 8.93
N ARG A 61 -3.54 -0.48 8.82
CA ARG A 61 -4.79 0.25 8.94
C ARG A 61 -5.79 -0.20 7.90
N VAL A 62 -5.42 -0.06 6.64
CA VAL A 62 -6.34 -0.35 5.54
C VAL A 62 -6.69 -1.82 5.46
N LEU A 63 -5.69 -2.68 5.60
CA LEU A 63 -5.92 -4.12 5.52
C LEU A 63 -6.96 -4.59 6.50
N SER A 64 -6.75 -4.22 7.74
CA SER A 64 -7.65 -4.56 8.83
C SER A 64 -9.06 -4.03 8.56
N ARG A 65 -9.12 -2.81 8.04
CA ARG A 65 -10.38 -2.19 7.68
C ARG A 65 -10.97 -2.86 6.45
N ALA A 66 -10.10 -3.21 5.51
CA ALA A 66 -10.53 -3.77 4.23
C ALA A 66 -11.18 -5.14 4.39
N ARG A 67 -10.61 -5.97 5.24
CA ARG A 67 -11.17 -7.29 5.49
C ARG A 67 -12.47 -7.19 6.27
N SER A 68 -12.64 -6.08 6.95
CA SER A 68 -13.84 -5.80 7.73
C SER A 68 -14.88 -5.10 6.87
N ARG A 69 -14.39 -4.25 6.00
CA ARG A 69 -15.22 -3.42 5.16
C ARG A 69 -14.77 -3.51 3.72
N PRO A 70 -15.06 -4.63 3.07
CA PRO A 70 -14.70 -4.84 1.66
C PRO A 70 -15.49 -3.91 0.72
N ALA A 71 -16.47 -3.21 1.28
CA ALA A 71 -17.18 -2.19 0.52
C ALA A 71 -16.35 -0.92 0.49
N LYS A 72 -15.65 -0.71 1.57
CA LYS A 72 -14.78 0.44 1.72
C LYS A 72 -13.38 0.11 1.23
N LEU A 73 -13.19 -1.11 0.76
CA LEU A 73 -11.94 -1.51 0.13
C LEU A 73 -11.42 -0.46 -0.83
N TYR A 74 -12.31 0.09 -1.66
CA TYR A 74 -11.95 1.15 -2.56
C TYR A 74 -11.48 2.38 -1.82
N VAL A 75 -12.01 2.60 -0.63
CA VAL A 75 -11.59 3.73 0.18
C VAL A 75 -10.13 3.52 0.54
N TYR A 76 -9.86 2.30 0.92
CA TYR A 76 -8.56 1.84 1.35
C TYR A 76 -7.58 1.73 0.19
N ILE A 77 -8.07 1.20 -0.92
CA ILE A 77 -7.32 1.14 -2.16
C ILE A 77 -6.95 2.53 -2.61
N ASN A 78 -7.96 3.40 -2.71
CA ASN A 78 -7.73 4.79 -3.08
C ASN A 78 -6.86 5.49 -2.03
N GLU A 79 -7.04 5.12 -0.76
CA GLU A 79 -6.18 5.62 0.30
C GLU A 79 -4.73 5.28 0.05
N LEU A 80 -4.47 4.00 -0.05
CA LEU A 80 -3.13 3.50 -0.25
C LEU A 80 -2.55 4.06 -1.53
N CYS A 81 -3.38 4.13 -2.56
CA CYS A 81 -3.01 4.75 -3.83
C CYS A 81 -2.60 6.21 -3.60
N THR A 82 -3.41 6.92 -2.83
CA THR A 82 -3.13 8.31 -2.49
C THR A 82 -1.87 8.39 -1.66
N VAL A 83 -1.80 7.53 -0.65
CA VAL A 83 -0.61 7.34 0.16
C VAL A 83 0.65 7.19 -0.68
N LEU A 84 0.59 6.30 -1.65
CA LEU A 84 1.73 5.99 -2.49
C LEU A 84 2.03 7.14 -3.44
N LYS A 85 0.99 7.89 -3.78
CA LYS A 85 1.09 9.08 -4.57
C LYS A 85 1.70 10.20 -3.72
N ALA A 86 1.38 10.16 -2.43
CA ALA A 86 1.74 11.21 -1.51
C ALA A 86 3.17 11.01 -1.04
N HIS A 87 3.55 9.74 -0.94
CA HIS A 87 4.85 9.37 -0.44
C HIS A 87 5.62 8.61 -1.49
N SER A 88 5.52 9.10 -2.72
CA SER A 88 6.24 8.54 -3.82
C SER A 88 7.69 8.99 -3.76
N ALA A 89 8.53 8.33 -4.54
CA ALA A 89 9.95 8.61 -4.58
C ALA A 89 10.25 9.91 -5.34
N LYS A 90 9.18 10.67 -5.61
CA LYS A 90 9.23 11.90 -6.40
C LYS A 90 9.11 11.58 -7.89
N LYS A 91 7.88 11.35 -8.32
CA LYS A 91 7.53 11.24 -9.74
C LYS A 91 8.09 12.39 -10.57
N LYS A 92 9.34 12.27 -10.99
CA LYS A 92 9.90 13.19 -11.97
C LYS A 92 10.05 12.47 -13.30
N LEU A 93 10.26 13.24 -14.36
CA LEU A 93 10.44 12.70 -15.70
C LEU A 93 11.10 13.74 -16.59
N ASN A 94 12.09 14.44 -16.00
CA ASN A 94 12.85 15.51 -16.67
C ASN A 94 12.18 16.86 -16.43
N GLY A 1 15.46 13.82 2.47
CA GLY A 1 16.89 13.54 2.23
C GLY A 1 17.53 12.80 3.38
N SER A 2 18.24 11.72 3.06
CA SER A 2 18.93 10.90 4.07
C SER A 2 17.96 10.37 5.11
N HIS A 3 16.95 9.62 4.67
CA HIS A 3 16.04 8.96 5.58
C HIS A 3 16.63 7.61 5.99
N MET A 4 16.45 7.25 7.24
CA MET A 4 17.06 6.04 7.78
C MET A 4 16.00 5.01 8.16
N GLY A 5 16.37 3.74 8.09
CA GLY A 5 15.44 2.69 8.42
C GLY A 5 15.42 2.42 9.92
N LYS A 6 14.81 3.34 10.65
CA LYS A 6 14.78 3.30 12.11
C LYS A 6 13.77 2.28 12.64
N LYS A 7 13.47 1.27 11.83
CA LYS A 7 12.40 0.34 12.15
C LYS A 7 12.31 -0.72 11.06
N CYS A 8 12.32 -0.25 9.82
CA CYS A 8 12.30 -1.11 8.63
C CYS A 8 11.09 -2.04 8.57
N TYR A 9 10.20 -1.75 7.64
CA TYR A 9 9.05 -2.60 7.38
C TYR A 9 8.97 -2.95 5.91
N LYS A 10 10.10 -2.95 5.21
CA LYS A 10 10.12 -3.24 3.77
C LYS A 10 9.44 -4.58 3.49
N LEU A 11 9.91 -5.63 4.14
CA LEU A 11 9.29 -6.94 4.04
C LEU A 11 7.82 -6.87 4.37
N GLU A 12 7.56 -6.30 5.52
CA GLU A 12 6.23 -6.13 6.04
C GLU A 12 5.32 -5.43 5.05
N ASN A 13 5.75 -4.29 4.57
CA ASN A 13 4.95 -3.47 3.68
C ASN A 13 4.72 -4.16 2.35
N GLU A 14 5.76 -4.77 1.79
CA GLU A 14 5.60 -5.56 0.58
C GLU A 14 4.61 -6.68 0.82
N LYS A 15 4.77 -7.34 1.94
CA LYS A 15 3.90 -8.43 2.32
C LYS A 15 2.47 -7.96 2.54
N LEU A 16 2.31 -6.93 3.37
CA LEU A 16 1.01 -6.35 3.65
C LEU A 16 0.35 -5.89 2.38
N PHE A 17 1.13 -5.26 1.52
CA PHE A 17 0.65 -4.82 0.23
C PHE A 17 0.04 -5.98 -0.54
N GLU A 18 0.78 -7.08 -0.61
CA GLU A 18 0.29 -8.28 -1.28
C GLU A 18 -0.96 -8.81 -0.61
N GLU A 19 -0.94 -8.79 0.71
CA GLU A 19 -2.09 -9.27 1.49
C GLU A 19 -3.34 -8.51 1.10
N PHE A 20 -3.16 -7.22 0.89
CA PHE A 20 -4.23 -6.32 0.53
C PHE A 20 -4.55 -6.48 -0.95
N LEU A 21 -3.49 -6.61 -1.75
CA LEU A 21 -3.60 -6.85 -3.17
C LEU A 21 -4.38 -8.12 -3.49
N GLU A 22 -3.95 -9.23 -2.91
CA GLU A 22 -4.66 -10.50 -3.04
C GLU A 22 -6.11 -10.33 -2.65
N LEU A 23 -6.31 -9.66 -1.52
CA LEU A 23 -7.65 -9.32 -1.05
C LEU A 23 -8.40 -8.61 -2.16
N CYS A 24 -7.80 -7.55 -2.69
CA CYS A 24 -8.43 -6.80 -3.77
C CYS A 24 -8.78 -7.73 -4.93
N LYS A 25 -7.86 -8.61 -5.31
CA LYS A 25 -8.12 -9.56 -6.40
C LYS A 25 -9.35 -10.42 -6.09
N MET A 26 -9.66 -10.53 -4.80
CA MET A 26 -10.78 -11.35 -4.36
C MET A 26 -12.09 -10.55 -4.37
N GLN A 27 -12.04 -9.29 -3.95
CA GLN A 27 -13.25 -8.50 -3.78
C GLN A 27 -13.50 -7.48 -4.90
N THR A 28 -12.45 -7.09 -5.64
CA THR A 28 -12.59 -6.00 -6.59
C THR A 28 -12.87 -6.51 -7.99
N ALA A 29 -13.79 -7.45 -8.08
CA ALA A 29 -14.19 -8.00 -9.37
C ALA A 29 -14.55 -6.93 -10.39
N ASP A 30 -15.18 -5.86 -9.95
CA ASP A 30 -15.61 -4.82 -10.87
C ASP A 30 -14.47 -3.82 -11.09
N HIS A 31 -13.43 -3.94 -10.30
CA HIS A 31 -12.22 -3.12 -10.46
C HIS A 31 -10.96 -3.99 -10.47
N PRO A 32 -10.76 -4.79 -11.52
CA PRO A 32 -9.56 -5.62 -11.64
C PRO A 32 -8.32 -4.77 -11.93
N GLU A 33 -8.59 -3.55 -12.37
CA GLU A 33 -7.55 -2.55 -12.63
C GLU A 33 -6.97 -2.02 -11.33
N VAL A 34 -7.68 -2.27 -10.24
CA VAL A 34 -7.31 -1.76 -8.94
C VAL A 34 -5.98 -2.32 -8.47
N VAL A 35 -5.76 -3.59 -8.75
CA VAL A 35 -4.51 -4.22 -8.39
C VAL A 35 -3.33 -3.59 -9.12
N PRO A 36 -3.37 -3.53 -10.46
CA PRO A 36 -2.39 -2.78 -11.23
C PRO A 36 -2.20 -1.36 -10.71
N PHE A 37 -3.32 -0.66 -10.47
CA PHE A 37 -3.31 0.69 -9.91
C PHE A 37 -2.63 0.69 -8.55
N LEU A 38 -2.83 -0.37 -7.80
CA LEU A 38 -2.29 -0.49 -6.47
C LEU A 38 -0.82 -0.77 -6.59
N TYR A 39 -0.54 -1.75 -7.41
CA TYR A 39 0.79 -2.25 -7.62
C TYR A 39 1.67 -1.14 -8.11
N ASN A 40 1.17 -0.47 -9.13
CA ASN A 40 1.79 0.68 -9.74
C ASN A 40 2.19 1.70 -8.70
N ARG A 41 1.21 2.19 -7.95
CA ARG A 41 1.44 3.20 -6.93
C ARG A 41 2.55 2.76 -5.98
N GLN A 42 2.52 1.51 -5.61
CA GLN A 42 3.48 0.95 -4.67
C GLN A 42 4.84 0.75 -5.35
N GLN A 43 4.81 0.27 -6.59
CA GLN A 43 6.01 0.03 -7.36
C GLN A 43 6.77 1.33 -7.62
N ARG A 44 6.01 2.41 -7.83
CA ARG A 44 6.61 3.72 -8.10
C ARG A 44 6.77 4.54 -6.82
N ALA A 45 6.38 3.95 -5.71
CA ALA A 45 6.52 4.60 -4.41
C ALA A 45 7.96 4.57 -3.93
N HIS A 46 8.27 5.39 -2.94
CA HIS A 46 9.61 5.48 -2.40
C HIS A 46 9.98 4.21 -1.66
N SER A 47 11.06 3.57 -2.10
CA SER A 47 11.57 2.37 -1.45
C SER A 47 11.78 2.59 0.05
N LEU A 48 12.25 3.77 0.43
CA LEU A 48 12.38 4.13 1.84
C LEU A 48 11.02 4.12 2.53
N PHE A 49 10.04 4.64 1.84
CA PHE A 49 8.67 4.69 2.33
C PHE A 49 8.09 3.28 2.40
N LEU A 50 8.36 2.50 1.38
CA LEU A 50 7.94 1.10 1.34
C LEU A 50 8.63 0.31 2.44
N ALA A 51 9.73 0.83 2.96
CA ALA A 51 10.40 0.23 4.10
C ALA A 51 10.18 1.04 5.36
N SER A 52 9.32 2.04 5.29
CA SER A 52 9.11 2.94 6.43
C SER A 52 7.92 2.51 7.27
N ALA A 53 7.94 2.94 8.52
CA ALA A 53 6.89 2.63 9.47
C ALA A 53 5.53 3.15 9.02
N GLU A 54 5.54 4.32 8.38
CA GLU A 54 4.31 4.95 7.94
C GLU A 54 3.52 4.05 7.00
N PHE A 55 4.17 3.43 6.04
CA PHE A 55 3.46 2.57 5.09
C PHE A 55 2.89 1.38 5.84
N CYS A 56 3.61 0.90 6.85
CA CYS A 56 3.14 -0.20 7.67
C CYS A 56 1.89 0.25 8.42
N ASN A 57 1.98 1.44 9.00
CA ASN A 57 0.85 2.07 9.67
C ASN A 57 -0.36 2.10 8.75
N ILE A 58 -0.15 2.64 7.58
CA ILE A 58 -1.18 2.84 6.58
C ILE A 58 -1.73 1.50 6.09
N LEU A 59 -0.82 0.59 5.79
CA LEU A 59 -1.16 -0.73 5.31
C LEU A 59 -1.97 -1.52 6.33
N SER A 60 -1.45 -1.58 7.53
CA SER A 60 -2.11 -2.28 8.61
C SER A 60 -3.50 -1.70 8.83
N ARG A 61 -3.61 -0.38 8.71
CA ARG A 61 -4.88 0.30 8.78
C ARG A 61 -5.84 -0.18 7.71
N VAL A 62 -5.43 -0.03 6.46
CA VAL A 62 -6.31 -0.31 5.35
C VAL A 62 -6.66 -1.77 5.26
N LEU A 63 -5.68 -2.62 5.44
CA LEU A 63 -5.91 -4.05 5.38
C LEU A 63 -6.95 -4.46 6.39
N SER A 64 -6.70 -4.11 7.63
CA SER A 64 -7.58 -4.49 8.73
C SER A 64 -8.97 -3.91 8.52
N ARG A 65 -9.01 -2.67 8.05
CA ARG A 65 -10.27 -2.04 7.70
C ARG A 65 -10.93 -2.81 6.56
N ALA A 66 -10.11 -3.17 5.58
CA ALA A 66 -10.58 -3.84 4.36
C ALA A 66 -11.14 -5.22 4.66
N ARG A 67 -10.54 -5.92 5.62
CA ARG A 67 -11.03 -7.24 6.01
C ARG A 67 -12.44 -7.12 6.59
N SER A 68 -12.68 -6.01 7.29
CA SER A 68 -13.97 -5.76 7.95
C SER A 68 -14.94 -5.08 7.02
N ARG A 69 -14.39 -4.25 6.17
CA ARG A 69 -15.17 -3.43 5.27
C ARG A 69 -14.66 -3.56 3.85
N PRO A 70 -14.96 -4.68 3.21
CA PRO A 70 -14.58 -4.94 1.83
C PRO A 70 -15.34 -4.06 0.85
N ALA A 71 -16.34 -3.34 1.36
CA ALA A 71 -17.03 -2.33 0.56
C ALA A 71 -16.20 -1.07 0.57
N LYS A 72 -15.60 -0.83 1.72
CA LYS A 72 -14.72 0.29 1.92
C LYS A 72 -13.35 -0.01 1.33
N LEU A 73 -13.14 -1.24 0.86
CA LEU A 73 -11.90 -1.64 0.21
C LEU A 73 -11.43 -0.60 -0.80
N TYR A 74 -12.34 -0.08 -1.62
CA TYR A 74 -12.00 0.96 -2.56
C TYR A 74 -11.51 2.20 -1.84
N VAL A 75 -12.04 2.47 -0.67
CA VAL A 75 -11.60 3.62 0.10
C VAL A 75 -10.14 3.42 0.44
N TYR A 76 -9.87 2.21 0.87
CA TYR A 76 -8.57 1.77 1.33
C TYR A 76 -7.60 1.62 0.17
N ILE A 77 -8.09 1.07 -0.93
CA ILE A 77 -7.35 0.99 -2.17
C ILE A 77 -6.96 2.38 -2.62
N ASN A 78 -7.95 3.23 -2.77
CA ASN A 78 -7.72 4.62 -3.15
C ASN A 78 -6.85 5.32 -2.11
N GLU A 79 -7.06 4.97 -0.84
CA GLU A 79 -6.30 5.52 0.28
C GLU A 79 -4.82 5.23 0.15
N LEU A 80 -4.52 3.97 -0.11
CA LEU A 80 -3.16 3.48 -0.17
C LEU A 80 -2.53 4.01 -1.43
N CYS A 81 -3.33 4.00 -2.48
CA CYS A 81 -2.95 4.56 -3.74
C CYS A 81 -2.61 6.04 -3.59
N THR A 82 -3.43 6.76 -2.83
CA THR A 82 -3.17 8.16 -2.53
C THR A 82 -1.90 8.30 -1.71
N VAL A 83 -1.78 7.45 -0.70
CA VAL A 83 -0.59 7.33 0.11
C VAL A 83 0.66 7.14 -0.73
N LEU A 84 0.60 6.17 -1.62
CA LEU A 84 1.72 5.83 -2.47
C LEU A 84 2.03 6.97 -3.43
N LYS A 85 0.98 7.63 -3.90
CA LYS A 85 1.09 8.75 -4.79
C LYS A 85 1.70 9.92 -4.04
N ALA A 86 1.48 9.93 -2.74
CA ALA A 86 1.98 10.98 -1.88
C ALA A 86 3.46 10.78 -1.61
N HIS A 87 3.87 9.52 -1.62
CA HIS A 87 5.22 9.17 -1.24
C HIS A 87 5.89 8.32 -2.33
N SER A 88 5.65 8.71 -3.57
CA SER A 88 6.32 8.10 -4.70
C SER A 88 7.73 8.68 -4.81
N ALA A 89 8.71 7.82 -5.03
CA ALA A 89 10.09 8.26 -5.13
C ALA A 89 10.32 8.96 -6.47
N LYS A 90 9.99 8.27 -7.54
CA LYS A 90 10.20 8.79 -8.89
C LYS A 90 9.10 9.76 -9.33
N LYS A 91 8.76 10.70 -8.46
CA LYS A 91 7.98 11.87 -8.87
C LYS A 91 8.95 12.98 -9.26
N LYS A 92 8.49 14.25 -9.23
CA LYS A 92 9.33 15.40 -9.63
C LYS A 92 9.51 15.41 -11.14
N LEU A 93 10.12 16.48 -11.64
CA LEU A 93 10.46 16.58 -13.04
C LEU A 93 11.95 16.34 -13.21
N ASN A 94 12.52 15.67 -12.20
CA ASN A 94 13.95 15.35 -12.13
C ASN A 94 14.73 16.57 -11.70
N GLY A 1 31.43 -6.51 7.17
CA GLY A 1 30.17 -6.36 6.41
C GLY A 1 29.20 -5.42 7.09
N SER A 2 29.27 -4.14 6.76
CA SER A 2 28.37 -3.16 7.33
C SER A 2 27.34 -2.73 6.29
N HIS A 3 26.29 -3.52 6.16
CA HIS A 3 25.24 -3.26 5.19
C HIS A 3 24.49 -1.99 5.55
N MET A 4 23.87 -1.99 6.72
CA MET A 4 23.15 -0.83 7.22
C MET A 4 22.77 -1.06 8.68
N GLY A 5 21.93 -2.06 8.93
CA GLY A 5 21.48 -2.34 10.26
C GLY A 5 20.35 -1.41 10.68
N LYS A 6 19.12 -1.89 10.57
CA LYS A 6 17.94 -1.08 10.79
C LYS A 6 16.73 -1.99 10.71
N LYS A 7 15.57 -1.50 11.11
CA LYS A 7 14.32 -2.16 10.80
C LYS A 7 14.16 -2.33 9.30
N CYS A 8 13.12 -3.05 8.92
CA CYS A 8 12.90 -3.38 7.52
C CYS A 8 11.43 -3.51 7.23
N TYR A 9 10.72 -2.42 7.39
CA TYR A 9 9.31 -2.36 7.04
C TYR A 9 9.10 -2.69 5.57
N LYS A 10 10.18 -2.68 4.78
CA LYS A 10 10.13 -3.07 3.38
C LYS A 10 9.40 -4.39 3.22
N LEU A 11 9.86 -5.39 3.95
CA LEU A 11 9.25 -6.69 3.91
C LEU A 11 7.83 -6.65 4.44
N GLU A 12 7.68 -6.06 5.61
CA GLU A 12 6.40 -5.88 6.25
C GLU A 12 5.40 -5.27 5.28
N ASN A 13 5.79 -4.14 4.71
CA ASN A 13 4.95 -3.37 3.81
C ASN A 13 4.66 -4.11 2.53
N GLU A 14 5.70 -4.64 1.89
CA GLU A 14 5.49 -5.42 0.67
C GLU A 14 4.48 -6.51 0.93
N LYS A 15 4.71 -7.27 1.99
CA LYS A 15 3.85 -8.35 2.38
C LYS A 15 2.43 -7.87 2.61
N LEU A 16 2.28 -6.86 3.47
CA LEU A 16 0.96 -6.29 3.76
C LEU A 16 0.29 -5.83 2.49
N PHE A 17 1.08 -5.21 1.62
CA PHE A 17 0.60 -4.79 0.33
C PHE A 17 0.07 -5.96 -0.48
N GLU A 18 0.84 -7.05 -0.50
CA GLU A 18 0.41 -8.27 -1.18
C GLU A 18 -0.85 -8.82 -0.53
N GLU A 19 -0.87 -8.78 0.79
CA GLU A 19 -2.01 -9.30 1.54
C GLU A 19 -3.27 -8.55 1.13
N PHE A 20 -3.09 -7.26 0.91
CA PHE A 20 -4.17 -6.39 0.54
C PHE A 20 -4.46 -6.53 -0.95
N LEU A 21 -3.39 -6.65 -1.73
CA LEU A 21 -3.49 -6.87 -3.16
C LEU A 21 -4.28 -8.13 -3.49
N GLU A 22 -3.85 -9.26 -2.93
CA GLU A 22 -4.57 -10.52 -3.07
C GLU A 22 -6.00 -10.35 -2.63
N LEU A 23 -6.17 -9.68 -1.50
CA LEU A 23 -7.48 -9.32 -0.99
C LEU A 23 -8.29 -8.63 -2.07
N CYS A 24 -7.72 -7.62 -2.70
CA CYS A 24 -8.40 -6.90 -3.76
C CYS A 24 -8.75 -7.83 -4.90
N LYS A 25 -7.84 -8.73 -5.25
CA LYS A 25 -8.09 -9.71 -6.32
C LYS A 25 -9.31 -10.57 -5.96
N MET A 26 -9.64 -10.58 -4.68
CA MET A 26 -10.78 -11.34 -4.18
C MET A 26 -12.07 -10.51 -4.21
N GLN A 27 -11.99 -9.24 -3.82
CA GLN A 27 -13.18 -8.42 -3.67
C GLN A 27 -13.38 -7.40 -4.80
N THR A 28 -12.35 -7.15 -5.61
CA THR A 28 -12.46 -6.15 -6.66
C THR A 28 -12.47 -6.81 -8.03
N ALA A 29 -13.28 -7.85 -8.19
CA ALA A 29 -13.42 -8.49 -9.50
C ALA A 29 -13.92 -7.51 -10.53
N ASP A 30 -14.72 -6.56 -10.10
CA ASP A 30 -15.27 -5.54 -10.97
C ASP A 30 -14.21 -4.48 -11.27
N HIS A 31 -13.19 -4.47 -10.46
CA HIS A 31 -12.06 -3.54 -10.64
C HIS A 31 -10.73 -4.28 -10.57
N PRO A 32 -10.47 -5.18 -11.53
CA PRO A 32 -9.23 -5.95 -11.55
C PRO A 32 -8.03 -5.07 -11.86
N GLU A 33 -8.32 -3.86 -12.33
CA GLU A 33 -7.31 -2.85 -12.62
C GLU A 33 -6.76 -2.27 -11.33
N VAL A 34 -7.52 -2.45 -10.26
CA VAL A 34 -7.20 -1.88 -8.97
C VAL A 34 -5.90 -2.43 -8.43
N VAL A 35 -5.67 -3.71 -8.64
CA VAL A 35 -4.43 -4.34 -8.23
C VAL A 35 -3.24 -3.76 -8.98
N PRO A 36 -3.26 -3.76 -10.33
CA PRO A 36 -2.25 -3.07 -11.12
C PRO A 36 -2.07 -1.61 -10.67
N PHE A 37 -3.19 -0.91 -10.48
CA PHE A 37 -3.18 0.47 -10.00
C PHE A 37 -2.53 0.56 -8.63
N LEU A 38 -2.74 -0.47 -7.85
CA LEU A 38 -2.22 -0.54 -6.50
C LEU A 38 -0.74 -0.80 -6.60
N TYR A 39 -0.45 -1.81 -7.39
CA TYR A 39 0.88 -2.29 -7.63
C TYR A 39 1.73 -1.16 -8.16
N ASN A 40 1.20 -0.53 -9.18
CA ASN A 40 1.80 0.63 -9.83
C ASN A 40 2.19 1.69 -8.82
N ARG A 41 1.20 2.17 -8.08
CA ARG A 41 1.43 3.17 -7.05
C ARG A 41 2.54 2.74 -6.09
N GLN A 42 2.50 1.49 -5.68
CA GLN A 42 3.47 0.96 -4.74
C GLN A 42 4.84 0.80 -5.39
N GLN A 43 4.84 0.28 -6.61
CA GLN A 43 6.05 0.09 -7.39
C GLN A 43 6.73 1.43 -7.68
N ARG A 44 5.91 2.46 -7.86
CA ARG A 44 6.40 3.80 -8.18
C ARG A 44 6.64 4.61 -6.92
N ALA A 45 6.30 4.03 -5.78
CA ALA A 45 6.48 4.70 -4.50
C ALA A 45 7.94 4.66 -4.10
N HIS A 46 8.29 5.48 -3.12
CA HIS A 46 9.65 5.56 -2.64
C HIS A 46 10.01 4.29 -1.91
N SER A 47 11.04 3.60 -2.39
CA SER A 47 11.50 2.36 -1.78
C SER A 47 11.80 2.56 -0.30
N LEU A 48 12.31 3.72 0.07
CA LEU A 48 12.51 4.08 1.47
C LEU A 48 11.21 4.11 2.23
N PHE A 49 10.23 4.73 1.62
CA PHE A 49 8.88 4.82 2.19
C PHE A 49 8.26 3.43 2.28
N LEU A 50 8.47 2.66 1.22
CA LEU A 50 8.02 1.28 1.17
C LEU A 50 8.72 0.46 2.23
N ALA A 51 9.86 0.96 2.67
CA ALA A 51 10.55 0.39 3.82
C ALA A 51 10.47 1.34 5.02
N SER A 52 9.40 2.12 5.10
CA SER A 52 9.15 2.94 6.29
C SER A 52 7.88 2.51 7.01
N ALA A 53 7.93 2.66 8.33
CA ALA A 53 6.84 2.31 9.26
C ALA A 53 5.50 2.92 8.87
N GLU A 54 5.52 4.12 8.30
CA GLU A 54 4.28 4.81 7.92
C GLU A 54 3.43 3.96 7.00
N PHE A 55 4.04 3.38 5.98
CA PHE A 55 3.32 2.56 5.04
C PHE A 55 2.75 1.34 5.75
N CYS A 56 3.51 0.82 6.69
CA CYS A 56 3.08 -0.31 7.51
C CYS A 56 1.85 0.05 8.30
N ASN A 57 1.91 1.23 8.90
CA ASN A 57 0.80 1.81 9.63
C ASN A 57 -0.44 1.88 8.76
N ILE A 58 -0.28 2.53 7.63
CA ILE A 58 -1.35 2.75 6.68
C ILE A 58 -1.91 1.43 6.17
N LEU A 59 -0.99 0.54 5.88
CA LEU A 59 -1.28 -0.79 5.38
C LEU A 59 -2.10 -1.60 6.36
N SER A 60 -1.57 -1.75 7.56
CA SER A 60 -2.24 -2.51 8.58
C SER A 60 -3.61 -1.92 8.87
N ARG A 61 -3.71 -0.61 8.78
CA ARG A 61 -4.97 0.10 8.90
C ARG A 61 -5.94 -0.34 7.82
N VAL A 62 -5.54 -0.23 6.56
CA VAL A 62 -6.45 -0.48 5.45
C VAL A 62 -6.81 -1.94 5.36
N LEU A 63 -5.84 -2.82 5.49
CA LEU A 63 -6.08 -4.25 5.41
C LEU A 63 -7.16 -4.71 6.38
N SER A 64 -6.93 -4.36 7.63
CA SER A 64 -7.83 -4.71 8.72
C SER A 64 -9.22 -4.10 8.51
N ARG A 65 -9.25 -2.86 8.03
CA ARG A 65 -10.50 -2.21 7.70
C ARG A 65 -11.16 -2.94 6.53
N ALA A 66 -10.35 -3.21 5.52
CA ALA A 66 -10.83 -3.76 4.25
C ALA A 66 -11.48 -5.12 4.43
N ARG A 67 -10.92 -5.94 5.30
CA ARG A 67 -11.49 -7.25 5.60
C ARG A 67 -12.86 -7.12 6.25
N SER A 68 -13.04 -6.07 7.01
CA SER A 68 -14.30 -5.82 7.71
C SER A 68 -15.26 -5.08 6.80
N ARG A 69 -14.68 -4.23 5.98
CA ARG A 69 -15.43 -3.32 5.15
C ARG A 69 -14.92 -3.34 3.73
N PRO A 70 -15.22 -4.41 3.00
CA PRO A 70 -14.84 -4.56 1.61
C PRO A 70 -15.62 -3.61 0.70
N ALA A 71 -16.59 -2.89 1.26
CA ALA A 71 -17.26 -1.83 0.52
C ALA A 71 -16.37 -0.60 0.55
N LYS A 72 -15.68 -0.48 1.66
CA LYS A 72 -14.74 0.61 1.87
C LYS A 72 -13.39 0.27 1.28
N LEU A 73 -13.24 -0.98 0.82
CA LEU A 73 -12.02 -1.42 0.18
C LEU A 73 -11.49 -0.41 -0.81
N TYR A 74 -12.36 0.13 -1.65
CA TYR A 74 -11.98 1.16 -2.58
C TYR A 74 -11.43 2.37 -1.86
N VAL A 75 -11.98 2.69 -0.71
CA VAL A 75 -11.52 3.84 0.03
C VAL A 75 -10.08 3.60 0.46
N TYR A 76 -9.86 2.38 0.86
CA TYR A 76 -8.58 1.89 1.35
C TYR A 76 -7.60 1.70 0.19
N ILE A 77 -8.10 1.20 -0.92
CA ILE A 77 -7.35 1.13 -2.17
C ILE A 77 -6.96 2.52 -2.62
N ASN A 78 -7.96 3.40 -2.67
CA ASN A 78 -7.74 4.81 -2.98
C ASN A 78 -6.78 5.44 -1.97
N GLU A 79 -6.95 5.10 -0.70
CA GLU A 79 -6.08 5.60 0.36
C GLU A 79 -4.65 5.25 0.10
N LEU A 80 -4.41 3.96 -0.01
CA LEU A 80 -3.07 3.45 -0.21
C LEU A 80 -2.49 4.01 -1.49
N CYS A 81 -3.31 4.10 -2.52
CA CYS A 81 -2.91 4.73 -3.76
C CYS A 81 -2.50 6.18 -3.50
N THR A 82 -3.30 6.87 -2.71
CA THR A 82 -3.04 8.27 -2.34
C THR A 82 -1.78 8.36 -1.50
N VAL A 83 -1.67 7.47 -0.54
CA VAL A 83 -0.47 7.28 0.25
C VAL A 83 0.77 7.12 -0.61
N LEU A 84 0.66 6.23 -1.58
CA LEU A 84 1.76 5.95 -2.47
C LEU A 84 1.99 7.13 -3.40
N LYS A 85 0.91 7.81 -3.73
CA LYS A 85 0.93 9.00 -4.55
C LYS A 85 1.63 10.11 -3.79
N ALA A 86 1.43 10.09 -2.49
CA ALA A 86 1.94 11.09 -1.60
C ALA A 86 3.43 10.87 -1.37
N HIS A 87 3.83 9.61 -1.41
CA HIS A 87 5.20 9.25 -1.09
C HIS A 87 5.83 8.44 -2.22
N SER A 88 5.54 8.85 -3.44
CA SER A 88 6.19 8.29 -4.60
C SER A 88 7.57 8.92 -4.75
N ALA A 89 8.56 8.08 -4.98
CA ALA A 89 9.96 8.48 -4.93
C ALA A 89 10.25 9.73 -5.74
N LYS A 90 9.90 9.71 -7.01
CA LYS A 90 10.13 10.87 -7.89
C LYS A 90 8.82 11.52 -8.29
N LYS A 91 7.96 11.76 -7.32
CA LYS A 91 6.66 12.36 -7.59
C LYS A 91 6.64 13.82 -7.15
N LYS A 92 7.43 14.14 -6.12
CA LYS A 92 7.43 15.48 -5.58
C LYS A 92 8.69 16.23 -5.99
N LEU A 93 8.52 17.52 -6.21
CA LEU A 93 9.64 18.39 -6.56
C LEU A 93 9.51 19.70 -5.78
N ASN A 94 9.54 19.57 -4.47
CA ASN A 94 9.35 20.71 -3.58
C ASN A 94 10.27 20.56 -2.38
N GLY A 1 20.88 -8.76 3.91
CA GLY A 1 19.53 -8.17 3.74
C GLY A 1 19.08 -7.46 4.99
N SER A 2 17.77 -7.32 5.15
CA SER A 2 17.20 -6.73 6.35
C SER A 2 16.86 -7.83 7.35
N HIS A 3 17.63 -7.91 8.43
CA HIS A 3 17.47 -8.98 9.39
C HIS A 3 17.16 -8.42 10.78
N MET A 4 16.05 -7.68 10.86
CA MET A 4 15.57 -7.12 12.13
C MET A 4 16.66 -6.32 12.84
N GLY A 5 17.30 -5.42 12.11
CA GLY A 5 18.26 -4.53 12.73
C GLY A 5 17.56 -3.51 13.62
N LYS A 6 16.50 -2.94 13.11
CA LYS A 6 15.67 -2.05 13.90
C LYS A 6 14.21 -2.41 13.76
N LYS A 7 13.81 -2.83 12.55
CA LYS A 7 12.41 -3.03 12.19
C LYS A 7 12.30 -3.49 10.76
N CYS A 8 12.73 -2.62 9.86
CA CYS A 8 12.74 -2.88 8.42
C CYS A 8 11.35 -3.21 7.93
N TYR A 9 10.56 -2.17 7.91
CA TYR A 9 9.18 -2.22 7.49
C TYR A 9 9.04 -2.64 6.04
N LYS A 10 10.15 -2.68 5.31
CA LYS A 10 10.13 -3.00 3.91
C LYS A 10 9.41 -4.32 3.68
N LEU A 11 9.88 -5.35 4.36
CA LEU A 11 9.26 -6.65 4.24
C LEU A 11 7.81 -6.63 4.68
N GLU A 12 7.57 -6.01 5.83
CA GLU A 12 6.23 -5.80 6.32
C GLU A 12 5.33 -5.19 5.26
N ASN A 13 5.77 -4.06 4.75
CA ASN A 13 4.99 -3.30 3.78
C ASN A 13 4.78 -4.06 2.48
N GLU A 14 5.84 -4.69 1.98
CA GLU A 14 5.71 -5.53 0.79
C GLU A 14 4.61 -6.54 1.00
N LYS A 15 4.77 -7.31 2.06
CA LYS A 15 3.87 -8.38 2.41
C LYS A 15 2.46 -7.86 2.60
N LEU A 16 2.32 -6.88 3.47
CA LEU A 16 1.03 -6.26 3.75
C LEU A 16 0.37 -5.80 2.47
N PHE A 17 1.16 -5.20 1.58
CA PHE A 17 0.68 -4.78 0.28
C PHE A 17 0.12 -5.97 -0.49
N GLU A 18 0.88 -7.06 -0.53
CA GLU A 18 0.43 -8.28 -1.20
C GLU A 18 -0.83 -8.80 -0.54
N GLU A 19 -0.84 -8.76 0.78
CA GLU A 19 -1.98 -9.27 1.55
C GLU A 19 -3.24 -8.50 1.17
N PHE A 20 -3.05 -7.22 0.91
CA PHE A 20 -4.11 -6.34 0.54
C PHE A 20 -4.45 -6.52 -0.94
N LEU A 21 -3.38 -6.64 -1.75
CA LEU A 21 -3.51 -6.86 -3.18
C LEU A 21 -4.31 -8.11 -3.51
N GLU A 22 -3.87 -9.24 -2.96
CA GLU A 22 -4.60 -10.51 -3.12
C GLU A 22 -6.06 -10.34 -2.70
N LEU A 23 -6.23 -9.67 -1.57
CA LEU A 23 -7.56 -9.34 -1.07
C LEU A 23 -8.35 -8.60 -2.12
N CYS A 24 -7.76 -7.58 -2.71
CA CYS A 24 -8.44 -6.80 -3.74
C CYS A 24 -8.87 -7.70 -4.89
N LYS A 25 -7.99 -8.60 -5.33
CA LYS A 25 -8.31 -9.53 -6.40
C LYS A 25 -9.53 -10.38 -6.05
N MET A 26 -9.84 -10.43 -4.76
CA MET A 26 -10.96 -11.22 -4.27
C MET A 26 -12.25 -10.40 -4.22
N GLN A 27 -12.15 -9.11 -3.90
CA GLN A 27 -13.33 -8.28 -3.73
C GLN A 27 -13.53 -7.24 -4.84
N THR A 28 -12.51 -6.94 -5.64
CA THR A 28 -12.62 -5.86 -6.62
C THR A 28 -12.86 -6.42 -8.01
N ALA A 29 -13.79 -7.35 -8.14
CA ALA A 29 -14.14 -7.91 -9.43
C ALA A 29 -14.46 -6.85 -10.46
N ASP A 30 -15.17 -5.80 -10.06
CA ASP A 30 -15.54 -4.73 -10.97
C ASP A 30 -14.35 -3.85 -11.29
N HIS A 31 -13.35 -3.92 -10.44
CA HIS A 31 -12.15 -3.10 -10.60
C HIS A 31 -10.89 -3.95 -10.55
N PRO A 32 -10.68 -4.81 -11.57
CA PRO A 32 -9.49 -5.64 -11.67
C PRO A 32 -8.25 -4.81 -11.92
N GLU A 33 -8.46 -3.60 -12.42
CA GLU A 33 -7.40 -2.64 -12.67
C GLU A 33 -6.85 -2.06 -11.38
N VAL A 34 -7.59 -2.26 -10.31
CA VAL A 34 -7.26 -1.72 -9.01
C VAL A 34 -5.95 -2.30 -8.50
N VAL A 35 -5.74 -3.58 -8.75
CA VAL A 35 -4.51 -4.22 -8.35
C VAL A 35 -3.31 -3.64 -9.10
N PRO A 36 -3.34 -3.59 -10.44
CA PRO A 36 -2.35 -2.85 -11.22
C PRO A 36 -2.14 -1.42 -10.70
N PHE A 37 -3.24 -0.70 -10.49
CA PHE A 37 -3.22 0.65 -9.93
C PHE A 37 -2.56 0.66 -8.56
N LEU A 38 -2.78 -0.40 -7.81
CA LEU A 38 -2.24 -0.53 -6.48
C LEU A 38 -0.78 -0.81 -6.58
N TYR A 39 -0.50 -1.81 -7.40
CA TYR A 39 0.81 -2.32 -7.63
C TYR A 39 1.71 -1.21 -8.11
N ASN A 40 1.21 -0.54 -9.13
CA ASN A 40 1.87 0.57 -9.77
C ASN A 40 2.25 1.65 -8.78
N ARG A 41 1.25 2.17 -8.06
CA ARG A 41 1.49 3.20 -7.06
C ARG A 41 2.58 2.78 -6.10
N GLN A 42 2.54 1.51 -5.72
CA GLN A 42 3.49 0.96 -4.77
C GLN A 42 4.86 0.77 -5.41
N GLN A 43 4.84 0.26 -6.63
CA GLN A 43 6.06 0.04 -7.40
C GLN A 43 6.81 1.34 -7.65
N ARG A 44 6.05 2.41 -7.87
CA ARG A 44 6.63 3.72 -8.14
C ARG A 44 6.75 4.56 -6.87
N ALA A 45 6.38 3.96 -5.75
CA ALA A 45 6.52 4.61 -4.45
C ALA A 45 7.97 4.59 -4.00
N HIS A 46 8.28 5.40 -3.00
CA HIS A 46 9.62 5.49 -2.46
C HIS A 46 9.99 4.20 -1.75
N SER A 47 11.04 3.55 -2.23
CA SER A 47 11.59 2.35 -1.59
C SER A 47 11.83 2.60 -0.10
N LEU A 48 12.28 3.80 0.24
CA LEU A 48 12.40 4.21 1.64
C LEU A 48 11.06 4.16 2.34
N PHE A 49 10.05 4.70 1.70
CA PHE A 49 8.72 4.78 2.26
C PHE A 49 8.11 3.39 2.36
N LEU A 50 8.38 2.57 1.36
CA LEU A 50 7.98 1.18 1.35
C LEU A 50 8.70 0.40 2.43
N ALA A 51 9.78 0.97 2.95
CA ALA A 51 10.45 0.40 4.10
C ALA A 51 10.24 1.27 5.33
N SER A 52 9.23 2.13 5.28
CA SER A 52 8.94 3.01 6.39
C SER A 52 7.63 2.64 7.09
N ALA A 53 7.69 2.75 8.43
CA ALA A 53 6.59 2.45 9.33
C ALA A 53 5.25 3.04 8.90
N GLU A 54 5.27 4.23 8.31
CA GLU A 54 4.03 4.88 7.92
C GLU A 54 3.25 4.03 6.93
N PHE A 55 3.93 3.40 5.98
CA PHE A 55 3.25 2.57 5.02
C PHE A 55 2.68 1.35 5.74
N CYS A 56 3.41 0.86 6.73
CA CYS A 56 2.97 -0.26 7.56
C CYS A 56 1.74 0.16 8.35
N ASN A 57 1.84 1.34 8.92
CA ASN A 57 0.74 1.97 9.64
C ASN A 57 -0.51 1.99 8.77
N ILE A 58 -0.35 2.55 7.59
CA ILE A 58 -1.41 2.71 6.62
C ILE A 58 -1.92 1.35 6.14
N LEU A 59 -0.97 0.48 5.83
CA LEU A 59 -1.25 -0.86 5.36
C LEU A 59 -2.02 -1.68 6.38
N SER A 60 -1.46 -1.78 7.57
CA SER A 60 -2.09 -2.51 8.65
C SER A 60 -3.49 -1.93 8.90
N ARG A 61 -3.59 -0.61 8.77
CA ARG A 61 -4.86 0.07 8.88
C ARG A 61 -5.84 -0.40 7.82
N VAL A 62 -5.44 -0.24 6.57
CA VAL A 62 -6.35 -0.52 5.47
C VAL A 62 -6.70 -1.99 5.39
N LEU A 63 -5.72 -2.87 5.57
CA LEU A 63 -5.97 -4.30 5.52
C LEU A 63 -7.01 -4.72 6.54
N SER A 64 -6.77 -4.33 7.77
CA SER A 64 -7.66 -4.64 8.88
C SER A 64 -9.05 -4.07 8.63
N ARG A 65 -9.08 -2.83 8.14
CA ARG A 65 -10.33 -2.18 7.80
C ARG A 65 -10.98 -2.87 6.60
N ALA A 66 -10.16 -3.27 5.65
CA ALA A 66 -10.62 -3.88 4.39
C ALA A 66 -11.31 -5.22 4.62
N ARG A 67 -10.80 -6.00 5.57
CA ARG A 67 -11.40 -7.27 5.92
C ARG A 67 -12.72 -7.06 6.63
N SER A 68 -12.82 -5.94 7.28
CA SER A 68 -13.99 -5.59 8.05
C SER A 68 -15.00 -4.84 7.19
N ARG A 69 -14.48 -4.05 6.28
CA ARG A 69 -15.27 -3.26 5.38
C ARG A 69 -14.79 -3.42 3.97
N PRO A 70 -15.12 -4.56 3.36
CA PRO A 70 -14.76 -4.84 1.97
C PRO A 70 -15.48 -3.92 0.98
N ALA A 71 -16.46 -3.18 1.48
CA ALA A 71 -17.12 -2.16 0.67
C ALA A 71 -16.23 -0.93 0.63
N LYS A 72 -15.60 -0.67 1.75
CA LYS A 72 -14.71 0.47 1.89
C LYS A 72 -13.32 0.11 1.36
N LEU A 73 -13.17 -1.11 0.87
CA LEU A 73 -11.93 -1.52 0.21
C LEU A 73 -11.44 -0.47 -0.77
N TYR A 74 -12.33 0.09 -1.57
CA TYR A 74 -11.99 1.13 -2.48
C TYR A 74 -11.45 2.35 -1.74
N VAL A 75 -11.96 2.60 -0.55
CA VAL A 75 -11.48 3.71 0.24
C VAL A 75 -10.03 3.48 0.56
N TYR A 76 -9.78 2.24 0.92
CA TYR A 76 -8.48 1.76 1.34
C TYR A 76 -7.53 1.64 0.16
N ILE A 77 -8.05 1.10 -0.93
CA ILE A 77 -7.33 1.03 -2.19
C ILE A 77 -6.92 2.43 -2.63
N ASN A 78 -7.92 3.30 -2.74
CA ASN A 78 -7.67 4.67 -3.11
C ASN A 78 -6.77 5.35 -2.09
N GLU A 79 -6.96 5.02 -0.81
CA GLU A 79 -6.10 5.53 0.25
C GLU A 79 -4.66 5.22 -0.01
N LEU A 80 -4.38 3.94 -0.13
CA LEU A 80 -3.04 3.43 -0.27
C LEU A 80 -2.44 3.96 -1.55
N CYS A 81 -3.24 3.97 -2.59
CA CYS A 81 -2.85 4.51 -3.87
C CYS A 81 -2.50 5.99 -3.73
N THR A 82 -3.31 6.71 -2.97
CA THR A 82 -3.05 8.12 -2.68
C THR A 82 -1.80 8.26 -1.81
N VAL A 83 -1.71 7.41 -0.81
CA VAL A 83 -0.53 7.28 0.03
C VAL A 83 0.75 7.14 -0.78
N LEU A 84 0.71 6.26 -1.76
CA LEU A 84 1.86 5.99 -2.61
C LEU A 84 2.06 7.12 -3.61
N LYS A 85 0.98 7.78 -3.96
CA LYS A 85 1.00 8.95 -4.76
C LYS A 85 1.64 10.08 -3.97
N ALA A 86 1.36 10.07 -2.67
CA ALA A 86 1.77 11.11 -1.77
C ALA A 86 3.24 10.96 -1.40
N HIS A 87 3.62 9.71 -1.16
CA HIS A 87 4.95 9.40 -0.68
C HIS A 87 5.71 8.59 -1.71
N SER A 88 5.58 9.03 -2.95
CA SER A 88 6.28 8.42 -4.06
C SER A 88 7.74 8.85 -4.02
N ALA A 89 8.60 8.08 -4.68
CA ALA A 89 10.01 8.38 -4.80
C ALA A 89 10.24 9.54 -5.77
N LYS A 90 9.12 10.14 -6.19
CA LYS A 90 9.09 11.18 -7.22
C LYS A 90 9.25 10.59 -8.60
N LYS A 91 8.15 10.00 -9.07
CA LYS A 91 7.98 9.47 -10.42
C LYS A 91 8.84 10.18 -11.45
N LYS A 92 9.68 9.43 -12.13
CA LYS A 92 10.55 9.99 -13.15
C LYS A 92 10.31 9.31 -14.48
N LEU A 93 10.52 10.04 -15.55
CA LEU A 93 10.54 9.46 -16.88
C LEU A 93 11.92 8.89 -17.17
N ASN A 94 12.41 8.02 -16.29
CA ASN A 94 13.67 7.33 -16.53
C ASN A 94 13.56 5.90 -15.99
N GLY A 1 14.74 9.91 13.01
CA GLY A 1 13.92 10.38 14.15
C GLY A 1 13.73 9.29 15.18
N SER A 2 13.51 9.67 16.43
CA SER A 2 13.31 8.70 17.49
C SER A 2 11.91 8.11 17.41
N HIS A 3 10.95 8.96 17.04
CA HIS A 3 9.57 8.52 16.87
C HIS A 3 9.34 8.04 15.44
N MET A 4 9.75 8.87 14.49
CA MET A 4 9.58 8.53 13.08
C MET A 4 10.81 7.81 12.54
N GLY A 5 11.14 6.69 13.16
CA GLY A 5 12.24 5.87 12.67
C GLY A 5 12.79 4.95 13.74
N LYS A 6 12.89 3.67 13.40
CA LYS A 6 13.44 2.65 14.31
C LYS A 6 13.37 1.28 13.64
N LYS A 7 12.16 0.89 13.27
CA LYS A 7 11.91 -0.40 12.65
C LYS A 7 11.74 -0.21 11.14
N CYS A 8 12.45 -1.01 10.35
CA CYS A 8 12.26 -1.01 8.92
C CYS A 8 11.24 -2.07 8.56
N TYR A 9 10.22 -1.68 7.79
CA TYR A 9 9.08 -2.55 7.55
C TYR A 9 9.00 -2.97 6.09
N LYS A 10 10.12 -2.97 5.39
CA LYS A 10 10.13 -3.27 3.95
C LYS A 10 9.43 -4.60 3.67
N LEU A 11 9.92 -5.67 4.27
CA LEU A 11 9.30 -6.99 4.09
C LEU A 11 7.84 -6.95 4.45
N GLU A 12 7.56 -6.39 5.62
CA GLU A 12 6.23 -6.26 6.10
C GLU A 12 5.33 -5.56 5.11
N ASN A 13 5.79 -4.43 4.61
CA ASN A 13 4.97 -3.60 3.75
C ASN A 13 4.74 -4.24 2.40
N GLU A 14 5.80 -4.79 1.82
CA GLU A 14 5.69 -5.59 0.63
C GLU A 14 4.64 -6.67 0.80
N LYS A 15 4.79 -7.42 1.88
CA LYS A 15 3.93 -8.51 2.20
C LYS A 15 2.50 -8.04 2.48
N LEU A 16 2.37 -7.04 3.34
CA LEU A 16 1.06 -6.46 3.66
C LEU A 16 0.39 -5.95 2.40
N PHE A 17 1.18 -5.36 1.53
CA PHE A 17 0.71 -4.91 0.24
C PHE A 17 0.11 -6.09 -0.53
N GLU A 18 0.84 -7.19 -0.58
CA GLU A 18 0.36 -8.40 -1.24
C GLU A 18 -0.90 -8.90 -0.57
N GLU A 19 -0.92 -8.80 0.76
CA GLU A 19 -2.08 -9.23 1.53
C GLU A 19 -3.32 -8.48 1.06
N PHE A 20 -3.12 -7.19 0.83
CA PHE A 20 -4.18 -6.30 0.44
C PHE A 20 -4.45 -6.45 -1.05
N LEU A 21 -3.38 -6.65 -1.83
CA LEU A 21 -3.49 -6.90 -3.24
C LEU A 21 -4.31 -8.15 -3.55
N GLU A 22 -3.89 -9.28 -2.98
CA GLU A 22 -4.64 -10.54 -3.10
C GLU A 22 -6.08 -10.31 -2.68
N LEU A 23 -6.21 -9.62 -1.56
CA LEU A 23 -7.52 -9.20 -1.06
C LEU A 23 -8.31 -8.51 -2.15
N CYS A 24 -7.73 -7.50 -2.77
CA CYS A 24 -8.42 -6.75 -3.81
C CYS A 24 -8.80 -7.68 -4.97
N LYS A 25 -7.89 -8.60 -5.33
CA LYS A 25 -8.17 -9.57 -6.39
C LYS A 25 -9.41 -10.39 -6.02
N MET A 26 -9.72 -10.42 -4.74
CA MET A 26 -10.86 -11.16 -4.24
C MET A 26 -12.14 -10.32 -4.28
N GLN A 27 -12.04 -9.04 -3.92
CA GLN A 27 -13.22 -8.20 -3.76
C GLN A 27 -13.44 -7.21 -4.90
N THR A 28 -12.42 -6.97 -5.73
CA THR A 28 -12.56 -5.97 -6.78
C THR A 28 -12.64 -6.63 -8.15
N ALA A 29 -13.48 -7.63 -8.28
CA ALA A 29 -13.71 -8.26 -9.57
C ALA A 29 -14.17 -7.25 -10.61
N ASP A 30 -14.92 -6.25 -10.15
CA ASP A 30 -15.41 -5.19 -11.02
C ASP A 30 -14.26 -4.26 -11.42
N HIS A 31 -13.19 -4.33 -10.64
CA HIS A 31 -12.04 -3.47 -10.88
C HIS A 31 -10.74 -4.23 -10.75
N PRO A 32 -10.47 -5.15 -11.69
CA PRO A 32 -9.23 -5.91 -11.71
C PRO A 32 -8.03 -5.00 -12.01
N GLU A 33 -8.33 -3.79 -12.45
CA GLU A 33 -7.33 -2.77 -12.74
C GLU A 33 -6.78 -2.16 -11.46
N VAL A 34 -7.51 -2.36 -10.38
CA VAL A 34 -7.18 -1.79 -9.08
C VAL A 34 -5.91 -2.39 -8.52
N VAL A 35 -5.70 -3.66 -8.77
CA VAL A 35 -4.47 -4.30 -8.37
C VAL A 35 -3.26 -3.72 -9.10
N PRO A 36 -3.28 -3.66 -10.43
CA PRO A 36 -2.29 -2.91 -11.20
C PRO A 36 -2.11 -1.48 -10.68
N PHE A 37 -3.23 -0.78 -10.46
CA PHE A 37 -3.24 0.56 -9.88
C PHE A 37 -2.57 0.57 -8.51
N LEU A 38 -2.78 -0.49 -7.77
CA LEU A 38 -2.23 -0.62 -6.44
C LEU A 38 -0.75 -0.90 -6.57
N TYR A 39 -0.49 -1.89 -7.40
CA TYR A 39 0.83 -2.38 -7.65
C TYR A 39 1.71 -1.26 -8.14
N ASN A 40 1.20 -0.57 -9.13
CA ASN A 40 1.86 0.54 -9.78
C ASN A 40 2.25 1.61 -8.77
N ARG A 41 1.26 2.14 -8.05
CA ARG A 41 1.51 3.15 -7.04
C ARG A 41 2.57 2.68 -6.06
N GLN A 42 2.48 1.41 -5.70
CA GLN A 42 3.39 0.79 -4.75
C GLN A 42 4.79 0.65 -5.36
N GLN A 43 4.81 0.19 -6.60
CA GLN A 43 6.05 0.00 -7.35
C GLN A 43 6.75 1.32 -7.60
N ARG A 44 5.97 2.38 -7.83
CA ARG A 44 6.51 3.69 -8.15
C ARG A 44 6.68 4.58 -6.93
N ALA A 45 6.31 4.05 -5.78
CA ALA A 45 6.46 4.77 -4.51
C ALA A 45 7.90 4.73 -4.03
N HIS A 46 8.21 5.52 -3.00
CA HIS A 46 9.55 5.56 -2.43
C HIS A 46 9.87 4.26 -1.73
N SER A 47 10.90 3.58 -2.23
CA SER A 47 11.39 2.35 -1.61
C SER A 47 11.67 2.55 -0.13
N LEU A 48 12.15 3.74 0.23
CA LEU A 48 12.31 4.11 1.63
C LEU A 48 10.99 4.07 2.37
N PHE A 49 9.98 4.67 1.75
CA PHE A 49 8.65 4.75 2.34
C PHE A 49 8.02 3.37 2.42
N LEU A 50 8.22 2.60 1.36
CA LEU A 50 7.77 1.21 1.34
C LEU A 50 8.48 0.40 2.41
N ALA A 51 9.61 0.92 2.88
CA ALA A 51 10.32 0.29 3.98
C ALA A 51 10.17 1.11 5.27
N SER A 52 9.27 2.08 5.23
CA SER A 52 9.08 3.00 6.35
C SER A 52 7.83 2.65 7.15
N ALA A 53 7.86 3.05 8.42
CA ALA A 53 6.81 2.76 9.38
C ALA A 53 5.46 3.28 8.93
N GLU A 54 5.45 4.44 8.27
CA GLU A 54 4.20 5.05 7.84
C GLU A 54 3.39 4.11 6.97
N PHE A 55 4.04 3.47 6.00
CA PHE A 55 3.34 2.58 5.10
C PHE A 55 2.82 1.37 5.86
N CYS A 56 3.61 0.88 6.81
CA CYS A 56 3.19 -0.24 7.66
C CYS A 56 1.93 0.15 8.41
N ASN A 57 1.97 1.35 8.96
CA ASN A 57 0.84 1.93 9.67
C ASN A 57 -0.38 1.93 8.77
N ILE A 58 -0.24 2.56 7.62
CA ILE A 58 -1.32 2.78 6.68
C ILE A 58 -1.84 1.44 6.16
N LEU A 59 -0.92 0.55 5.87
CA LEU A 59 -1.24 -0.77 5.39
C LEU A 59 -2.04 -1.56 6.41
N SER A 60 -1.53 -1.61 7.60
CA SER A 60 -2.19 -2.32 8.68
C SER A 60 -3.56 -1.70 8.93
N ARG A 61 -3.63 -0.38 8.78
CA ARG A 61 -4.88 0.35 8.86
C ARG A 61 -5.88 -0.16 7.81
N VAL A 62 -5.47 -0.09 6.56
CA VAL A 62 -6.39 -0.39 5.46
C VAL A 62 -6.74 -1.85 5.40
N LEU A 63 -5.75 -2.72 5.55
CA LEU A 63 -5.97 -4.15 5.51
C LEU A 63 -6.99 -4.59 6.55
N SER A 64 -6.74 -4.18 7.76
CA SER A 64 -7.60 -4.50 8.89
C SER A 64 -9.01 -3.98 8.63
N ARG A 65 -9.11 -2.76 8.14
CA ARG A 65 -10.38 -2.16 7.81
C ARG A 65 -11.02 -2.87 6.62
N ALA A 66 -10.20 -3.20 5.64
CA ALA A 66 -10.67 -3.76 4.37
C ALA A 66 -11.25 -5.15 4.54
N ARG A 67 -10.64 -5.96 5.41
CA ARG A 67 -11.14 -7.29 5.66
C ARG A 67 -12.46 -7.23 6.42
N SER A 68 -12.63 -6.16 7.17
CA SER A 68 -13.83 -5.95 7.95
C SER A 68 -14.89 -5.26 7.11
N ARG A 69 -14.41 -4.46 6.17
CA ARG A 69 -15.27 -3.70 5.30
C ARG A 69 -14.77 -3.74 3.87
N PRO A 70 -14.98 -4.89 3.22
CA PRO A 70 -14.58 -5.08 1.83
C PRO A 70 -15.35 -4.21 0.85
N ALA A 71 -16.42 -3.56 1.34
CA ALA A 71 -17.14 -2.58 0.55
C ALA A 71 -16.35 -1.29 0.50
N LYS A 72 -15.72 -1.01 1.63
CA LYS A 72 -14.90 0.17 1.78
C LYS A 72 -13.49 -0.08 1.27
N LEU A 73 -13.25 -1.26 0.70
CA LEU A 73 -11.96 -1.57 0.14
C LEU A 73 -11.46 -0.43 -0.74
N TYR A 74 -12.24 -0.01 -1.73
CA TYR A 74 -11.91 1.14 -2.55
C TYR A 74 -11.46 2.34 -1.76
N VAL A 75 -11.98 2.52 -0.58
CA VAL A 75 -11.59 3.63 0.25
C VAL A 75 -10.13 3.45 0.63
N TYR A 76 -9.86 2.22 1.00
CA TYR A 76 -8.56 1.76 1.45
C TYR A 76 -7.61 1.62 0.26
N ILE A 77 -8.14 1.15 -0.86
CA ILE A 77 -7.42 1.12 -2.12
C ILE A 77 -7.02 2.51 -2.51
N ASN A 78 -8.01 3.39 -2.60
CA ASN A 78 -7.76 4.78 -2.97
C ASN A 78 -6.82 5.43 -1.96
N GLU A 79 -7.00 5.10 -0.68
CA GLU A 79 -6.12 5.59 0.38
C GLU A 79 -4.67 5.26 0.09
N LEU A 80 -4.41 3.98 -0.04
CA LEU A 80 -3.07 3.47 -0.19
C LEU A 80 -2.47 3.99 -1.48
N CYS A 81 -3.29 4.01 -2.51
CA CYS A 81 -2.91 4.54 -3.79
C CYS A 81 -2.53 6.03 -3.67
N THR A 82 -3.33 6.76 -2.90
CA THR A 82 -3.05 8.17 -2.62
C THR A 82 -1.79 8.29 -1.78
N VAL A 83 -1.72 7.47 -0.74
CA VAL A 83 -0.53 7.33 0.10
C VAL A 83 0.75 7.16 -0.74
N LEU A 84 0.69 6.27 -1.70
CA LEU A 84 1.83 5.97 -2.54
C LEU A 84 2.10 7.10 -3.53
N LYS A 85 1.04 7.82 -3.89
CA LYS A 85 1.15 9.00 -4.71
C LYS A 85 1.78 10.11 -3.91
N ALA A 86 1.53 10.07 -2.60
CA ALA A 86 1.99 11.09 -1.70
C ALA A 86 3.46 10.91 -1.43
N HIS A 87 3.88 9.66 -1.30
CA HIS A 87 5.23 9.33 -0.91
C HIS A 87 5.92 8.51 -1.99
N SER A 88 5.84 9.01 -3.21
CA SER A 88 6.53 8.41 -4.33
C SER A 88 7.99 8.85 -4.31
N ALA A 89 8.86 8.01 -4.87
CA ALA A 89 10.32 8.19 -4.75
C ALA A 89 10.85 9.30 -5.64
N LYS A 90 9.96 9.99 -6.33
CA LYS A 90 10.38 10.94 -7.34
C LYS A 90 9.29 11.98 -7.56
N LYS A 91 8.56 12.30 -6.50
CA LYS A 91 7.49 13.26 -6.58
C LYS A 91 7.79 14.46 -5.71
N LYS A 92 7.82 15.62 -6.33
CA LYS A 92 8.06 16.87 -5.66
C LYS A 92 7.15 17.91 -6.28
N LEU A 93 6.12 18.32 -5.56
CA LEU A 93 5.08 19.16 -6.14
C LEU A 93 5.15 20.57 -5.53
N ASN A 94 5.74 20.68 -4.36
CA ASN A 94 5.96 21.96 -3.73
C ASN A 94 7.44 22.10 -3.40
N GLY A 1 18.76 7.97 2.64
CA GLY A 1 17.73 8.90 3.16
C GLY A 1 18.05 9.38 4.55
N SER A 2 17.75 10.64 4.83
CA SER A 2 18.03 11.24 6.11
C SER A 2 17.00 10.83 7.16
N HIS A 3 17.33 9.78 7.93
CA HIS A 3 16.51 9.32 9.05
C HIS A 3 15.20 8.63 8.59
N MET A 4 14.75 8.94 7.38
CA MET A 4 13.49 8.43 6.87
C MET A 4 13.60 6.97 6.46
N GLY A 5 13.82 6.11 7.43
CA GLY A 5 13.80 4.68 7.22
C GLY A 5 14.55 3.96 8.30
N LYS A 6 13.97 3.96 9.49
CA LYS A 6 14.66 3.51 10.69
C LYS A 6 14.26 2.08 11.07
N LYS A 7 13.01 1.93 11.50
CA LYS A 7 12.53 0.66 12.03
C LYS A 7 12.38 -0.41 10.93
N CYS A 8 12.41 0.03 9.68
CA CYS A 8 12.43 -0.87 8.52
C CYS A 8 11.30 -1.90 8.51
N TYR A 9 10.35 -1.71 7.62
CA TYR A 9 9.25 -2.65 7.45
C TYR A 9 9.15 -3.14 6.00
N LYS A 10 10.26 -3.09 5.27
CA LYS A 10 10.23 -3.36 3.83
C LYS A 10 9.53 -4.68 3.52
N LEU A 11 10.03 -5.77 4.09
CA LEU A 11 9.43 -7.07 3.85
C LEU A 11 7.96 -7.10 4.25
N GLU A 12 7.69 -6.63 5.45
CA GLU A 12 6.37 -6.59 5.96
C GLU A 12 5.44 -5.80 5.06
N ASN A 13 5.89 -4.64 4.60
CA ASN A 13 5.06 -3.75 3.82
C ASN A 13 4.82 -4.30 2.43
N GLU A 14 5.88 -4.80 1.80
CA GLU A 14 5.75 -5.54 0.58
C GLU A 14 4.69 -6.62 0.72
N LYS A 15 4.84 -7.41 1.76
CA LYS A 15 3.97 -8.50 2.06
C LYS A 15 2.54 -8.03 2.31
N LEU A 16 2.38 -7.07 3.22
CA LEU A 16 1.06 -6.51 3.55
C LEU A 16 0.38 -5.99 2.31
N PHE A 17 1.16 -5.33 1.47
CA PHE A 17 0.66 -4.85 0.20
C PHE A 17 0.11 -6.00 -0.62
N GLU A 18 0.86 -7.08 -0.70
CA GLU A 18 0.43 -8.27 -1.42
C GLU A 18 -0.82 -8.85 -0.77
N GLU A 19 -0.84 -8.87 0.55
CA GLU A 19 -1.97 -9.40 1.30
C GLU A 19 -3.22 -8.60 0.97
N PHE A 20 -3.02 -7.31 0.85
CA PHE A 20 -4.09 -6.39 0.55
C PHE A 20 -4.45 -6.51 -0.92
N LEU A 21 -3.43 -6.64 -1.75
CA LEU A 21 -3.59 -6.87 -3.17
C LEU A 21 -4.40 -8.13 -3.46
N GLU A 22 -3.96 -9.25 -2.90
CA GLU A 22 -4.72 -10.51 -2.97
C GLU A 22 -6.15 -10.29 -2.53
N LEU A 23 -6.28 -9.66 -1.37
CA LEU A 23 -7.57 -9.26 -0.83
C LEU A 23 -8.36 -8.54 -1.91
N CYS A 24 -7.75 -7.54 -2.50
CA CYS A 24 -8.42 -6.78 -3.55
C CYS A 24 -8.87 -7.70 -4.66
N LYS A 25 -7.96 -8.58 -5.12
CA LYS A 25 -8.28 -9.52 -6.20
C LYS A 25 -9.47 -10.41 -5.83
N MET A 26 -9.78 -10.46 -4.54
CA MET A 26 -10.87 -11.27 -4.05
C MET A 26 -12.20 -10.50 -4.08
N GLN A 27 -12.15 -9.20 -3.79
CA GLN A 27 -13.37 -8.41 -3.70
C GLN A 27 -13.57 -7.49 -4.90
N THR A 28 -12.51 -7.22 -5.65
CA THR A 28 -12.58 -6.21 -6.71
C THR A 28 -12.67 -6.85 -8.08
N ALA A 29 -13.53 -7.84 -8.21
CA ALA A 29 -13.78 -8.47 -9.51
C ALA A 29 -14.20 -7.46 -10.57
N ASP A 30 -14.95 -6.45 -10.17
CA ASP A 30 -15.42 -5.43 -11.10
C ASP A 30 -14.30 -4.44 -11.37
N HIS A 31 -13.32 -4.42 -10.49
CA HIS A 31 -12.18 -3.53 -10.64
C HIS A 31 -10.87 -4.30 -10.61
N PRO A 32 -10.64 -5.21 -11.57
CA PRO A 32 -9.38 -5.96 -11.67
C PRO A 32 -8.19 -5.05 -11.94
N GLU A 33 -8.47 -3.85 -12.44
CA GLU A 33 -7.45 -2.85 -12.72
C GLU A 33 -6.91 -2.24 -11.44
N VAL A 34 -7.65 -2.43 -10.36
CA VAL A 34 -7.32 -1.87 -9.07
C VAL A 34 -6.00 -2.39 -8.56
N VAL A 35 -5.76 -3.67 -8.77
CA VAL A 35 -4.52 -4.27 -8.36
C VAL A 35 -3.33 -3.68 -9.11
N PRO A 36 -3.34 -3.67 -10.45
CA PRO A 36 -2.35 -2.95 -11.25
C PRO A 36 -2.17 -1.50 -10.78
N PHE A 37 -3.29 -0.82 -10.52
CA PHE A 37 -3.29 0.55 -10.01
C PHE A 37 -2.60 0.61 -8.65
N LEU A 38 -2.83 -0.42 -7.88
CA LEU A 38 -2.33 -0.51 -6.53
C LEU A 38 -0.85 -0.80 -6.61
N TYR A 39 -0.56 -1.80 -7.41
CA TYR A 39 0.77 -2.28 -7.62
C TYR A 39 1.65 -1.16 -8.11
N ASN A 40 1.15 -0.51 -9.13
CA ASN A 40 1.75 0.66 -9.74
C ASN A 40 2.12 1.69 -8.71
N ARG A 41 1.12 2.17 -7.97
CA ARG A 41 1.33 3.19 -6.96
C ARG A 41 2.44 2.78 -6.00
N GLN A 42 2.42 1.52 -5.62
CA GLN A 42 3.39 0.99 -4.67
C GLN A 42 4.75 0.83 -5.33
N GLN A 43 4.75 0.32 -6.55
CA GLN A 43 5.95 0.09 -7.32
C GLN A 43 6.68 1.40 -7.61
N ARG A 44 5.91 2.46 -7.83
CA ARG A 44 6.48 3.78 -8.12
C ARG A 44 6.68 4.60 -6.84
N ALA A 45 6.31 4.02 -5.72
CA ALA A 45 6.46 4.67 -4.42
C ALA A 45 7.90 4.69 -3.96
N HIS A 46 8.18 5.53 -2.98
CA HIS A 46 9.49 5.59 -2.35
C HIS A 46 9.79 4.31 -1.62
N SER A 47 10.80 3.60 -2.10
CA SER A 47 11.24 2.37 -1.46
C SER A 47 11.57 2.59 0.01
N LEU A 48 12.09 3.77 0.34
CA LEU A 48 12.30 4.16 1.73
C LEU A 48 11.01 4.16 2.51
N PHE A 49 9.98 4.72 1.88
CA PHE A 49 8.66 4.81 2.48
C PHE A 49 8.04 3.43 2.58
N LEU A 50 8.23 2.64 1.53
CA LEU A 50 7.78 1.26 1.49
C LEU A 50 8.47 0.45 2.57
N ALA A 51 9.65 0.89 2.98
CA ALA A 51 10.35 0.27 4.09
C ALA A 51 10.21 1.09 5.38
N SER A 52 9.34 2.09 5.37
CA SER A 52 9.15 2.94 6.54
C SER A 52 7.91 2.55 7.33
N ALA A 53 7.92 2.95 8.59
CA ALA A 53 6.86 2.63 9.53
C ALA A 53 5.51 3.16 9.08
N GLU A 54 5.53 4.32 8.43
CA GLU A 54 4.32 4.96 7.96
C GLU A 54 3.51 4.03 7.06
N PHE A 55 4.18 3.37 6.13
CA PHE A 55 3.48 2.49 5.20
C PHE A 55 2.95 1.28 5.94
N CYS A 56 3.69 0.80 6.93
CA CYS A 56 3.23 -0.31 7.76
C CYS A 56 1.98 0.11 8.50
N ASN A 57 2.03 1.33 9.03
CA ASN A 57 0.90 1.96 9.69
C ASN A 57 -0.30 1.96 8.76
N ILE A 58 -0.10 2.59 7.61
CA ILE A 58 -1.14 2.79 6.63
C ILE A 58 -1.69 1.47 6.12
N LEU A 59 -0.77 0.56 5.83
CA LEU A 59 -1.10 -0.76 5.33
C LEU A 59 -1.94 -1.55 6.31
N SER A 60 -1.43 -1.73 7.50
CA SER A 60 -2.11 -2.48 8.53
C SER A 60 -3.48 -1.89 8.79
N ARG A 61 -3.56 -0.57 8.71
CA ARG A 61 -4.82 0.15 8.83
C ARG A 61 -5.79 -0.25 7.74
N VAL A 62 -5.38 -0.08 6.49
CA VAL A 62 -6.28 -0.31 5.37
C VAL A 62 -6.63 -1.78 5.24
N LEU A 63 -5.66 -2.66 5.40
CA LEU A 63 -5.90 -4.10 5.34
C LEU A 63 -6.97 -4.49 6.33
N SER A 64 -6.75 -4.09 7.57
CA SER A 64 -7.66 -4.37 8.67
C SER A 64 -9.05 -3.80 8.39
N ARG A 65 -9.08 -2.55 7.93
CA ARG A 65 -10.33 -1.90 7.59
C ARG A 65 -10.97 -2.57 6.39
N ALA A 66 -10.14 -2.97 5.45
CA ALA A 66 -10.58 -3.58 4.19
C ALA A 66 -11.27 -4.92 4.41
N ARG A 67 -10.69 -5.76 5.26
CA ARG A 67 -11.31 -7.03 5.63
C ARG A 67 -12.62 -6.81 6.38
N SER A 68 -12.67 -5.74 7.15
CA SER A 68 -13.84 -5.44 7.97
C SER A 68 -14.92 -4.82 7.10
N ARG A 69 -14.47 -4.00 6.18
CA ARG A 69 -15.34 -3.27 5.30
C ARG A 69 -14.88 -3.39 3.87
N PRO A 70 -15.12 -4.54 3.26
CA PRO A 70 -14.75 -4.82 1.88
C PRO A 70 -15.52 -3.93 0.89
N ALA A 71 -16.50 -3.18 1.38
CA ALA A 71 -17.18 -2.18 0.57
C ALA A 71 -16.30 -0.95 0.51
N LYS A 72 -15.71 -0.67 1.65
CA LYS A 72 -14.80 0.43 1.84
C LYS A 72 -13.44 0.12 1.22
N LEU A 73 -13.24 -1.12 0.78
CA LEU A 73 -11.98 -1.53 0.14
C LEU A 73 -11.48 -0.52 -0.87
N TYR A 74 -12.36 0.00 -1.71
CA TYR A 74 -11.99 1.03 -2.66
C TYR A 74 -11.45 2.24 -1.95
N VAL A 75 -11.99 2.57 -0.79
CA VAL A 75 -11.50 3.69 -0.03
C VAL A 75 -10.05 3.43 0.32
N TYR A 76 -9.83 2.23 0.80
CA TYR A 76 -8.55 1.76 1.29
C TYR A 76 -7.57 1.57 0.13
N ILE A 77 -8.06 1.00 -0.97
CA ILE A 77 -7.31 0.90 -2.20
C ILE A 77 -6.86 2.26 -2.66
N ASN A 78 -7.83 3.15 -2.85
CA ASN A 78 -7.54 4.53 -3.25
C ASN A 78 -6.72 5.23 -2.19
N GLU A 79 -6.93 4.90 -0.92
CA GLU A 79 -6.20 5.49 0.19
C GLU A 79 -4.73 5.18 0.09
N LEU A 80 -4.42 3.92 -0.11
CA LEU A 80 -3.06 3.43 -0.15
C LEU A 80 -2.42 3.96 -1.39
N CYS A 81 -3.21 3.93 -2.45
CA CYS A 81 -2.84 4.49 -3.72
C CYS A 81 -2.49 5.97 -3.58
N THR A 82 -3.33 6.70 -2.86
CA THR A 82 -3.10 8.10 -2.59
C THR A 82 -1.86 8.28 -1.70
N VAL A 83 -1.76 7.45 -0.69
CA VAL A 83 -0.58 7.33 0.16
C VAL A 83 0.70 7.19 -0.66
N LEU A 84 0.66 6.26 -1.60
CA LEU A 84 1.81 5.97 -2.44
C LEU A 84 2.05 7.12 -3.41
N LYS A 85 0.97 7.80 -3.78
CA LYS A 85 1.02 8.95 -4.63
C LYS A 85 1.65 10.10 -3.86
N ALA A 86 1.45 10.07 -2.55
CA ALA A 86 1.95 11.07 -1.67
C ALA A 86 3.45 10.93 -1.50
N HIS A 87 3.91 9.69 -1.58
CA HIS A 87 5.31 9.38 -1.32
C HIS A 87 5.92 8.58 -2.46
N SER A 88 5.62 8.97 -3.69
CA SER A 88 6.26 8.40 -4.85
C SER A 88 7.71 8.86 -4.95
N ALA A 89 8.63 7.95 -5.25
CA ALA A 89 10.05 8.29 -5.31
C ALA A 89 10.45 8.64 -6.74
N LYS A 90 9.49 8.63 -7.64
CA LYS A 90 9.75 8.81 -9.06
C LYS A 90 9.79 10.29 -9.45
N LYS A 91 9.81 11.16 -8.45
CA LYS A 91 9.85 12.60 -8.71
C LYS A 91 10.20 13.36 -7.44
N LYS A 92 10.90 14.48 -7.60
CA LYS A 92 11.22 15.34 -6.47
C LYS A 92 9.99 16.08 -5.97
N LEU A 93 9.34 15.53 -4.97
CA LEU A 93 8.24 16.21 -4.29
C LEU A 93 8.79 16.87 -3.03
N ASN A 94 9.82 17.68 -3.23
CA ASN A 94 10.58 18.22 -2.12
C ASN A 94 11.19 19.56 -2.54
N GLY A 1 16.83 11.24 17.70
CA GLY A 1 18.28 11.14 18.00
C GLY A 1 18.89 9.83 17.54
N SER A 2 18.12 9.07 16.77
CA SER A 2 18.59 7.79 16.23
C SER A 2 18.21 7.69 14.76
N HIS A 3 18.75 8.61 13.96
CA HIS A 3 18.38 8.75 12.55
C HIS A 3 16.89 9.12 12.45
N MET A 4 16.29 8.98 11.28
CA MET A 4 14.88 9.29 11.13
C MET A 4 14.04 8.04 11.35
N GLY A 5 14.51 6.90 10.84
CA GLY A 5 13.79 5.67 11.01
C GLY A 5 14.09 4.99 12.34
N LYS A 6 13.79 3.69 12.41
CA LYS A 6 13.95 2.92 13.63
C LYS A 6 13.59 1.46 13.35
N LYS A 7 12.34 1.26 12.95
CA LYS A 7 11.88 -0.04 12.54
C LYS A 7 11.70 -0.08 11.04
N CYS A 8 12.32 -1.08 10.41
CA CYS A 8 12.21 -1.23 8.97
C CYS A 8 11.08 -2.19 8.64
N TYR A 9 10.15 -1.74 7.83
CA TYR A 9 8.96 -2.52 7.53
C TYR A 9 8.89 -2.91 6.07
N LYS A 10 10.01 -2.92 5.37
CA LYS A 10 10.02 -3.26 3.95
C LYS A 10 9.36 -4.62 3.71
N LEU A 11 9.87 -5.65 4.38
CA LEU A 11 9.30 -6.97 4.27
C LEU A 11 7.83 -6.97 4.66
N GLU A 12 7.55 -6.29 5.75
CA GLU A 12 6.19 -6.13 6.21
C GLU A 12 5.31 -5.50 5.15
N ASN A 13 5.75 -4.37 4.61
CA ASN A 13 4.93 -3.58 3.72
C ASN A 13 4.74 -4.24 2.38
N GLU A 14 5.81 -4.80 1.83
CA GLU A 14 5.74 -5.64 0.67
C GLU A 14 4.67 -6.71 0.85
N LYS A 15 4.81 -7.45 1.93
CA LYS A 15 3.94 -8.53 2.26
C LYS A 15 2.51 -8.06 2.53
N LEU A 16 2.37 -7.05 3.40
CA LEU A 16 1.06 -6.47 3.70
C LEU A 16 0.39 -5.99 2.43
N PHE A 17 1.17 -5.35 1.57
CA PHE A 17 0.68 -4.89 0.28
C PHE A 17 0.09 -6.06 -0.50
N GLU A 18 0.83 -7.16 -0.55
CA GLU A 18 0.37 -8.37 -1.23
C GLU A 18 -0.91 -8.88 -0.58
N GLU A 19 -0.92 -8.89 0.74
CA GLU A 19 -2.07 -9.39 1.49
C GLU A 19 -3.32 -8.61 1.12
N PHE A 20 -3.12 -7.32 0.94
CA PHE A 20 -4.17 -6.41 0.60
C PHE A 20 -4.48 -6.52 -0.90
N LEU A 21 -3.42 -6.63 -1.69
CA LEU A 21 -3.54 -6.82 -3.12
C LEU A 21 -4.33 -8.08 -3.46
N GLU A 22 -3.88 -9.21 -2.93
CA GLU A 22 -4.60 -10.48 -3.08
C GLU A 22 -6.04 -10.32 -2.65
N LEU A 23 -6.21 -9.70 -1.50
CA LEU A 23 -7.52 -9.35 -0.99
C LEU A 23 -8.32 -8.60 -2.03
N CYS A 24 -7.74 -7.56 -2.60
CA CYS A 24 -8.40 -6.79 -3.63
C CYS A 24 -8.79 -7.69 -4.79
N LYS A 25 -7.88 -8.55 -5.24
CA LYS A 25 -8.15 -9.47 -6.33
C LYS A 25 -9.37 -10.35 -6.01
N MET A 26 -9.69 -10.45 -4.72
CA MET A 26 -10.80 -11.24 -4.27
C MET A 26 -12.10 -10.44 -4.24
N GLN A 27 -12.02 -9.17 -3.83
CA GLN A 27 -13.22 -8.36 -3.64
C GLN A 27 -13.45 -7.32 -4.76
N THR A 28 -12.42 -7.03 -5.56
CA THR A 28 -12.53 -6.00 -6.58
C THR A 28 -12.74 -6.60 -7.95
N ALA A 29 -13.63 -7.57 -8.04
CA ALA A 29 -13.97 -8.17 -9.31
C ALA A 29 -14.42 -7.13 -10.34
N ASP A 30 -15.09 -6.08 -9.87
CA ASP A 30 -15.57 -5.03 -10.75
C ASP A 30 -14.44 -4.06 -11.09
N HIS A 31 -13.39 -4.12 -10.29
CA HIS A 31 -12.22 -3.27 -10.50
C HIS A 31 -10.93 -4.09 -10.44
N PRO A 32 -10.71 -4.98 -11.42
CA PRO A 32 -9.49 -5.79 -11.49
C PRO A 32 -8.28 -4.92 -11.81
N GLU A 33 -8.57 -3.73 -12.29
CA GLU A 33 -7.57 -2.70 -12.61
C GLU A 33 -6.96 -2.12 -11.34
N VAL A 34 -7.67 -2.32 -10.25
CA VAL A 34 -7.30 -1.75 -8.97
C VAL A 34 -5.98 -2.31 -8.48
N VAL A 35 -5.76 -3.58 -8.73
CA VAL A 35 -4.52 -4.21 -8.35
C VAL A 35 -3.33 -3.65 -9.13
N PRO A 36 -3.38 -3.64 -10.46
CA PRO A 36 -2.37 -2.96 -11.28
C PRO A 36 -2.15 -1.52 -10.82
N PHE A 37 -3.24 -0.82 -10.48
CA PHE A 37 -3.18 0.56 -10.03
C PHE A 37 -2.52 0.63 -8.66
N LEU A 38 -2.75 -0.41 -7.88
CA LEU A 38 -2.22 -0.50 -6.55
C LEU A 38 -0.77 -0.80 -6.65
N TYR A 39 -0.49 -1.79 -7.47
CA TYR A 39 0.82 -2.29 -7.70
C TYR A 39 1.70 -1.18 -8.23
N ASN A 40 1.20 -0.53 -9.26
CA ASN A 40 1.83 0.61 -9.88
C ASN A 40 2.21 1.66 -8.85
N ARG A 41 1.22 2.15 -8.14
CA ARG A 41 1.43 3.17 -7.11
C ARG A 41 2.53 2.74 -6.15
N GLN A 42 2.48 1.48 -5.72
CA GLN A 42 3.42 0.95 -4.76
C GLN A 42 4.80 0.77 -5.40
N GLN A 43 4.81 0.21 -6.60
CA GLN A 43 6.04 -0.02 -7.34
C GLN A 43 6.77 1.29 -7.61
N ARG A 44 6.00 2.34 -7.81
CA ARG A 44 6.55 3.65 -8.12
C ARG A 44 6.82 4.47 -6.85
N ALA A 45 6.43 3.92 -5.72
CA ALA A 45 6.58 4.61 -4.44
C ALA A 45 8.03 4.56 -3.96
N HIS A 46 8.34 5.40 -2.98
CA HIS A 46 9.67 5.46 -2.41
C HIS A 46 9.97 4.19 -1.65
N SER A 47 11.02 3.49 -2.06
CA SER A 47 11.44 2.28 -1.38
C SER A 47 11.73 2.54 0.10
N LEU A 48 12.22 3.73 0.43
CA LEU A 48 12.39 4.12 1.83
C LEU A 48 11.06 4.14 2.55
N PHE A 49 10.07 4.68 1.86
CA PHE A 49 8.71 4.77 2.39
C PHE A 49 8.09 3.38 2.48
N LEU A 50 8.30 2.59 1.44
CA LEU A 50 7.83 1.21 1.40
C LEU A 50 8.51 0.40 2.48
N ALA A 51 9.68 0.84 2.91
CA ALA A 51 10.37 0.21 4.02
C ALA A 51 10.16 0.99 5.32
N SER A 52 9.32 2.02 5.29
CA SER A 52 9.16 2.88 6.44
C SER A 52 7.92 2.53 7.25
N ALA A 53 7.91 3.03 8.46
CA ALA A 53 6.82 2.82 9.39
C ALA A 53 5.49 3.30 8.83
N GLU A 54 5.51 4.46 8.18
CA GLU A 54 4.29 5.10 7.70
C GLU A 54 3.47 4.17 6.82
N PHE A 55 4.11 3.50 5.86
CA PHE A 55 3.40 2.61 4.96
C PHE A 55 2.82 1.44 5.75
N CYS A 56 3.55 0.97 6.75
CA CYS A 56 3.07 -0.11 7.61
C CYS A 56 1.84 0.35 8.36
N ASN A 57 1.92 1.56 8.89
CA ASN A 57 0.81 2.23 9.57
C ASN A 57 -0.42 2.22 8.68
N ILE A 58 -0.22 2.71 7.49
CA ILE A 58 -1.27 2.83 6.49
C ILE A 58 -1.79 1.46 6.07
N LEU A 59 -0.86 0.57 5.78
CA LEU A 59 -1.16 -0.78 5.33
C LEU A 59 -1.94 -1.57 6.36
N SER A 60 -1.41 -1.65 7.55
CA SER A 60 -2.06 -2.38 8.63
C SER A 60 -3.45 -1.80 8.88
N ARG A 61 -3.56 -0.48 8.73
CA ARG A 61 -4.84 0.19 8.82
C ARG A 61 -5.82 -0.33 7.77
N VAL A 62 -5.43 -0.20 6.51
CA VAL A 62 -6.35 -0.48 5.41
C VAL A 62 -6.70 -1.96 5.33
N LEU A 63 -5.70 -2.81 5.48
CA LEU A 63 -5.93 -4.25 5.42
C LEU A 63 -6.99 -4.68 6.42
N SER A 64 -6.75 -4.31 7.65
CA SER A 64 -7.62 -4.64 8.76
C SER A 64 -9.02 -4.08 8.53
N ARG A 65 -9.08 -2.86 8.04
CA ARG A 65 -10.35 -2.24 7.68
C ARG A 65 -11.00 -3.01 6.55
N ALA A 66 -10.21 -3.28 5.54
CA ALA A 66 -10.70 -3.84 4.28
C ALA A 66 -11.33 -5.21 4.46
N ARG A 67 -10.75 -6.03 5.32
CA ARG A 67 -11.32 -7.33 5.62
C ARG A 67 -12.66 -7.21 6.35
N SER A 68 -12.85 -6.08 7.01
CA SER A 68 -14.12 -5.79 7.67
C SER A 68 -15.05 -5.11 6.71
N ARG A 69 -14.48 -4.27 5.90
CA ARG A 69 -15.19 -3.38 5.04
C ARG A 69 -14.73 -3.50 3.60
N PRO A 70 -15.08 -4.59 2.94
CA PRO A 70 -14.72 -4.84 1.55
C PRO A 70 -15.49 -3.92 0.60
N ALA A 71 -16.44 -3.17 1.15
CA ALA A 71 -17.16 -2.15 0.39
C ALA A 71 -16.35 -0.88 0.41
N LYS A 72 -15.72 -0.65 1.55
CA LYS A 72 -14.84 0.48 1.74
C LYS A 72 -13.44 0.15 1.24
N LEU A 73 -13.26 -1.07 0.77
CA LEU A 73 -12.02 -1.49 0.14
C LEU A 73 -11.50 -0.45 -0.84
N TYR A 74 -12.38 0.11 -1.66
CA TYR A 74 -12.01 1.16 -2.58
C TYR A 74 -11.50 2.37 -1.84
N VAL A 75 -12.01 2.61 -0.63
CA VAL A 75 -11.54 3.72 0.16
C VAL A 75 -10.09 3.48 0.53
N TYR A 76 -9.87 2.25 0.92
CA TYR A 76 -8.58 1.76 1.38
C TYR A 76 -7.60 1.62 0.23
N ILE A 77 -8.10 1.10 -0.89
CA ILE A 77 -7.34 1.06 -2.13
C ILE A 77 -6.97 2.46 -2.57
N ASN A 78 -7.98 3.31 -2.64
CA ASN A 78 -7.76 4.73 -3.01
C ASN A 78 -6.86 5.40 -1.98
N GLU A 79 -7.01 4.99 -0.71
CA GLU A 79 -6.21 5.52 0.38
C GLU A 79 -4.75 5.19 0.18
N LEU A 80 -4.48 3.92 -0.01
CA LEU A 80 -3.14 3.43 -0.22
C LEU A 80 -2.57 4.04 -1.49
N CYS A 81 -3.40 4.12 -2.52
CA CYS A 81 -3.01 4.76 -3.77
C CYS A 81 -2.63 6.22 -3.53
N THR A 82 -3.44 6.89 -2.71
CA THR A 82 -3.21 8.28 -2.34
C THR A 82 -1.94 8.40 -1.53
N VAL A 83 -1.73 7.41 -0.69
CA VAL A 83 -0.54 7.29 0.13
C VAL A 83 0.71 7.14 -0.72
N LEU A 84 0.61 6.25 -1.70
CA LEU A 84 1.71 5.97 -2.59
C LEU A 84 1.94 7.14 -3.52
N LYS A 85 0.85 7.83 -3.86
CA LYS A 85 0.88 9.00 -4.67
C LYS A 85 1.60 10.10 -3.90
N ALA A 86 1.44 10.03 -2.59
CA ALA A 86 2.00 11.02 -1.71
C ALA A 86 3.49 10.80 -1.55
N HIS A 87 3.89 9.54 -1.56
CA HIS A 87 5.27 9.18 -1.23
C HIS A 87 5.90 8.34 -2.33
N SER A 88 5.65 8.74 -3.56
CA SER A 88 6.30 8.13 -4.71
C SER A 88 7.71 8.69 -4.88
N ALA A 89 8.66 7.81 -5.14
CA ALA A 89 10.03 8.21 -5.36
C ALA A 89 10.23 8.64 -6.81
N LYS A 90 9.79 7.77 -7.72
CA LYS A 90 9.83 8.06 -9.15
C LYS A 90 8.81 9.11 -9.57
N LYS A 91 8.22 9.78 -8.58
CA LYS A 91 7.34 10.91 -8.84
C LYS A 91 8.18 12.13 -9.24
N LYS A 92 8.72 12.07 -10.47
CA LYS A 92 9.64 13.09 -10.98
C LYS A 92 10.77 13.39 -10.01
N LEU A 93 10.55 14.42 -9.22
CA LEU A 93 11.51 14.91 -8.26
C LEU A 93 10.74 15.69 -7.19
N ASN A 94 9.82 16.53 -7.64
CA ASN A 94 8.91 17.24 -6.76
C ASN A 94 7.80 17.87 -7.59
N GLY A 1 20.15 1.98 8.74
CA GLY A 1 20.76 1.19 9.83
C GLY A 1 21.63 0.07 9.31
N SER A 2 22.94 0.19 9.53
CA SER A 2 23.88 -0.81 9.06
C SER A 2 23.56 -2.18 9.66
N HIS A 3 23.41 -2.24 10.98
CA HIS A 3 23.13 -3.50 11.66
C HIS A 3 21.74 -3.47 12.29
N MET A 4 21.60 -2.69 13.36
CA MET A 4 20.34 -2.60 14.10
C MET A 4 19.36 -1.67 13.40
N GLY A 5 18.25 -2.23 12.93
CA GLY A 5 17.20 -1.43 12.33
C GLY A 5 16.44 -0.60 13.36
N LYS A 6 16.01 0.58 12.95
CA LYS A 6 15.28 1.47 13.84
C LYS A 6 13.79 1.15 13.81
N LYS A 7 13.36 0.54 12.71
CA LYS A 7 11.97 0.17 12.50
C LYS A 7 11.90 -0.87 11.40
N CYS A 8 12.14 -0.39 10.18
CA CYS A 8 12.31 -1.25 9.00
C CYS A 8 11.16 -2.24 8.82
N TYR A 9 10.24 -1.90 7.93
CA TYR A 9 9.08 -2.76 7.68
C TYR A 9 9.00 -3.18 6.23
N LYS A 10 10.13 -3.18 5.53
CA LYS A 10 10.14 -3.46 4.09
C LYS A 10 9.40 -4.77 3.78
N LEU A 11 9.84 -5.86 4.38
CA LEU A 11 9.22 -7.13 4.18
C LEU A 11 7.76 -7.13 4.58
N GLU A 12 7.48 -6.53 5.72
CA GLU A 12 6.15 -6.45 6.22
C GLU A 12 5.26 -5.70 5.25
N ASN A 13 5.73 -4.56 4.79
CA ASN A 13 4.95 -3.70 3.92
C ASN A 13 4.72 -4.34 2.57
N GLU A 14 5.77 -4.91 2.02
CA GLU A 14 5.69 -5.72 0.85
C GLU A 14 4.59 -6.76 0.99
N LYS A 15 4.71 -7.55 2.05
CA LYS A 15 3.78 -8.59 2.36
C LYS A 15 2.37 -8.05 2.53
N LEU A 16 2.23 -7.05 3.39
CA LEU A 16 0.94 -6.43 3.67
C LEU A 16 0.30 -5.94 2.39
N PHE A 17 1.13 -5.33 1.54
CA PHE A 17 0.67 -4.89 0.24
C PHE A 17 0.11 -6.06 -0.55
N GLU A 18 0.81 -7.17 -0.56
CA GLU A 18 0.35 -8.37 -1.23
C GLU A 18 -0.93 -8.87 -0.60
N GLU A 19 -0.98 -8.84 0.72
CA GLU A 19 -2.16 -9.29 1.46
C GLU A 19 -3.36 -8.51 1.00
N PHE A 20 -3.15 -7.22 0.78
CA PHE A 20 -4.17 -6.31 0.40
C PHE A 20 -4.45 -6.45 -1.10
N LEU A 21 -3.37 -6.63 -1.87
CA LEU A 21 -3.46 -6.84 -3.29
C LEU A 21 -4.26 -8.09 -3.64
N GLU A 22 -3.83 -9.23 -3.11
CA GLU A 22 -4.56 -10.49 -3.28
C GLU A 22 -5.99 -10.32 -2.80
N LEU A 23 -6.11 -9.67 -1.65
CA LEU A 23 -7.42 -9.28 -1.11
C LEU A 23 -8.25 -8.59 -2.18
N CYS A 24 -7.68 -7.58 -2.81
CA CYS A 24 -8.39 -6.85 -3.84
C CYS A 24 -8.77 -7.77 -4.98
N LYS A 25 -7.87 -8.67 -5.39
CA LYS A 25 -8.19 -9.62 -6.44
C LYS A 25 -9.39 -10.48 -6.05
N MET A 26 -9.68 -10.51 -4.76
CA MET A 26 -10.80 -11.27 -4.23
C MET A 26 -12.09 -10.45 -4.24
N GLN A 27 -11.99 -9.17 -3.89
CA GLN A 27 -13.18 -8.34 -3.72
C GLN A 27 -13.36 -7.27 -4.82
N THR A 28 -12.35 -7.01 -5.63
CA THR A 28 -12.46 -5.97 -6.63
C THR A 28 -12.62 -6.56 -8.02
N ALA A 29 -13.47 -7.57 -8.14
CA ALA A 29 -13.77 -8.18 -9.44
C ALA A 29 -14.14 -7.13 -10.47
N ASP A 30 -14.90 -6.13 -10.04
CA ASP A 30 -15.38 -5.09 -10.89
C ASP A 30 -14.26 -4.12 -11.25
N HIS A 31 -13.20 -4.16 -10.48
CA HIS A 31 -12.04 -3.31 -10.71
C HIS A 31 -10.75 -4.11 -10.62
N PRO A 32 -10.52 -5.02 -11.59
CA PRO A 32 -9.29 -5.81 -11.64
C PRO A 32 -8.08 -4.93 -11.95
N GLU A 33 -8.37 -3.72 -12.39
CA GLU A 33 -7.36 -2.71 -12.68
C GLU A 33 -6.79 -2.14 -11.38
N VAL A 34 -7.54 -2.32 -10.31
CA VAL A 34 -7.20 -1.76 -9.02
C VAL A 34 -5.89 -2.33 -8.50
N VAL A 35 -5.68 -3.60 -8.75
CA VAL A 35 -4.44 -4.24 -8.37
C VAL A 35 -3.23 -3.68 -9.12
N PRO A 36 -3.25 -3.68 -10.46
CA PRO A 36 -2.23 -3.00 -11.26
C PRO A 36 -2.03 -1.54 -10.84
N PHE A 37 -3.13 -0.87 -10.49
CA PHE A 37 -3.11 0.52 -10.05
C PHE A 37 -2.46 0.61 -8.68
N LEU A 38 -2.69 -0.44 -7.90
CA LEU A 38 -2.17 -0.53 -6.56
C LEU A 38 -0.70 -0.83 -6.65
N TYR A 39 -0.42 -1.81 -7.48
CA TYR A 39 0.90 -2.29 -7.73
C TYR A 39 1.76 -1.14 -8.23
N ASN A 40 1.24 -0.45 -9.24
CA ASN A 40 1.86 0.70 -9.84
C ASN A 40 2.21 1.75 -8.80
N ARG A 41 1.20 2.12 -8.03
CA ARG A 41 1.38 3.08 -6.95
C ARG A 41 2.51 2.65 -6.04
N GLN A 42 2.49 1.40 -5.63
CA GLN A 42 3.45 0.87 -4.68
C GLN A 42 4.82 0.72 -5.33
N GLN A 43 4.84 0.17 -6.53
CA GLN A 43 6.06 -0.06 -7.28
C GLN A 43 6.80 1.25 -7.52
N ARG A 44 6.04 2.32 -7.75
CA ARG A 44 6.61 3.61 -8.05
C ARG A 44 6.74 4.48 -6.80
N ALA A 45 6.36 3.92 -5.67
CA ALA A 45 6.48 4.61 -4.40
C ALA A 45 7.92 4.59 -3.91
N HIS A 46 8.24 5.47 -2.97
CA HIS A 46 9.57 5.55 -2.41
C HIS A 46 9.93 4.28 -1.68
N SER A 47 10.98 3.60 -2.15
CA SER A 47 11.48 2.39 -1.52
C SER A 47 11.72 2.60 -0.03
N LEU A 48 12.19 3.77 0.35
CA LEU A 48 12.31 4.14 1.75
C LEU A 48 10.97 4.05 2.45
N PHE A 49 9.98 4.65 1.82
CA PHE A 49 8.64 4.73 2.38
C PHE A 49 8.04 3.34 2.45
N LEU A 50 8.28 2.56 1.42
CA LEU A 50 7.84 1.17 1.36
C LEU A 50 8.49 0.36 2.46
N ALA A 51 9.66 0.80 2.90
CA ALA A 51 10.35 0.16 4.02
C ALA A 51 10.18 0.95 5.31
N SER A 52 9.34 2.00 5.28
CA SER A 52 9.19 2.88 6.42
C SER A 52 7.94 2.52 7.23
N ALA A 53 7.96 2.93 8.49
CA ALA A 53 6.89 2.66 9.44
C ALA A 53 5.56 3.21 8.96
N GLU A 54 5.60 4.33 8.27
CA GLU A 54 4.40 4.98 7.75
C GLU A 54 3.57 4.02 6.91
N PHE A 55 4.22 3.33 5.96
CA PHE A 55 3.50 2.43 5.07
C PHE A 55 2.92 1.28 5.87
N CYS A 56 3.66 0.83 6.87
CA CYS A 56 3.16 -0.22 7.76
C CYS A 56 1.91 0.27 8.45
N ASN A 57 1.98 1.49 8.97
CA ASN A 57 0.85 2.14 9.61
C ASN A 57 -0.35 2.13 8.69
N ILE A 58 -0.15 2.68 7.51
CA ILE A 58 -1.19 2.85 6.50
C ILE A 58 -1.74 1.51 6.04
N LEU A 59 -0.83 0.59 5.79
CA LEU A 59 -1.18 -0.75 5.33
C LEU A 59 -1.97 -1.51 6.36
N SER A 60 -1.43 -1.58 7.55
CA SER A 60 -2.07 -2.30 8.64
C SER A 60 -3.46 -1.70 8.91
N ARG A 61 -3.55 -0.38 8.76
CA ARG A 61 -4.83 0.32 8.85
C ARG A 61 -5.81 -0.21 7.82
N VAL A 62 -5.42 -0.10 6.56
CA VAL A 62 -6.34 -0.40 5.47
C VAL A 62 -6.69 -1.86 5.41
N LEU A 63 -5.71 -2.73 5.54
CA LEU A 63 -5.94 -4.17 5.50
C LEU A 63 -6.97 -4.60 6.51
N SER A 64 -6.72 -4.23 7.74
CA SER A 64 -7.60 -4.55 8.86
C SER A 64 -9.01 -4.00 8.61
N ARG A 65 -9.07 -2.78 8.11
CA ARG A 65 -10.33 -2.15 7.78
C ARG A 65 -10.96 -2.84 6.57
N ALA A 66 -10.12 -3.21 5.62
CA ALA A 66 -10.57 -3.79 4.35
C ALA A 66 -11.22 -5.16 4.53
N ARG A 67 -10.63 -5.99 5.38
CA ARG A 67 -11.20 -7.29 5.64
C ARG A 67 -12.52 -7.18 6.39
N SER A 68 -12.64 -6.11 7.14
CA SER A 68 -13.84 -5.85 7.92
C SER A 68 -14.88 -5.16 7.06
N ARG A 69 -14.40 -4.35 6.16
CA ARG A 69 -15.24 -3.56 5.31
C ARG A 69 -14.76 -3.60 3.87
N PRO A 70 -15.03 -4.73 3.21
CA PRO A 70 -14.67 -4.93 1.80
C PRO A 70 -15.46 -4.03 0.86
N ALA A 71 -16.44 -3.31 1.38
CA ALA A 71 -17.13 -2.28 0.61
C ALA A 71 -16.31 -1.02 0.66
N LYS A 72 -15.74 -0.80 1.83
CA LYS A 72 -14.85 0.30 2.07
C LYS A 72 -13.50 0.07 1.42
N LEU A 73 -13.30 -1.13 0.88
CA LEU A 73 -12.05 -1.50 0.21
C LEU A 73 -11.56 -0.43 -0.76
N TYR A 74 -12.45 0.13 -1.57
CA TYR A 74 -12.07 1.18 -2.48
C TYR A 74 -11.59 2.40 -1.73
N VAL A 75 -12.08 2.61 -0.53
CA VAL A 75 -11.63 3.74 0.26
C VAL A 75 -10.17 3.51 0.62
N TYR A 76 -9.92 2.28 0.99
CA TYR A 76 -8.62 1.80 1.43
C TYR A 76 -7.66 1.68 0.24
N ILE A 77 -8.16 1.17 -0.86
CA ILE A 77 -7.43 1.11 -2.11
C ILE A 77 -7.07 2.52 -2.55
N ASN A 78 -8.08 3.38 -2.60
CA ASN A 78 -7.87 4.80 -2.93
C ASN A 78 -6.91 5.43 -1.95
N GLU A 79 -7.06 5.09 -0.66
CA GLU A 79 -6.18 5.57 0.38
C GLU A 79 -4.73 5.25 0.07
N LEU A 80 -4.47 3.97 -0.06
CA LEU A 80 -3.13 3.47 -0.29
C LEU A 80 -2.60 4.03 -1.60
N CYS A 81 -3.46 4.10 -2.60
CA CYS A 81 -3.12 4.70 -3.88
C CYS A 81 -2.71 6.16 -3.68
N THR A 82 -3.49 6.88 -2.89
CA THR A 82 -3.21 8.27 -2.58
C THR A 82 -1.93 8.37 -1.75
N VAL A 83 -1.83 7.52 -0.74
CA VAL A 83 -0.63 7.35 0.06
C VAL A 83 0.60 7.19 -0.81
N LEU A 84 0.51 6.29 -1.76
CA LEU A 84 1.64 5.97 -2.61
C LEU A 84 1.88 7.10 -3.61
N LYS A 85 0.83 7.81 -3.97
CA LYS A 85 0.95 8.99 -4.80
C LYS A 85 1.62 10.09 -4.01
N ALA A 86 1.40 10.04 -2.70
CA ALA A 86 1.91 11.04 -1.80
C ALA A 86 3.39 10.80 -1.53
N HIS A 87 3.78 9.54 -1.54
CA HIS A 87 5.13 9.16 -1.16
C HIS A 87 5.78 8.27 -2.21
N SER A 88 5.60 8.65 -3.47
CA SER A 88 6.20 7.96 -4.58
C SER A 88 7.54 8.58 -4.95
N ALA A 89 8.55 7.74 -5.13
CA ALA A 89 9.89 8.20 -5.43
C ALA A 89 10.10 8.36 -6.93
N LYS A 90 9.10 7.96 -7.70
CA LYS A 90 9.24 7.85 -9.15
C LYS A 90 8.16 8.66 -9.86
N LYS A 91 7.73 9.76 -9.26
CA LYS A 91 6.73 10.61 -9.89
C LYS A 91 7.29 11.34 -11.09
N LYS A 92 8.21 12.28 -10.83
CA LYS A 92 8.82 13.13 -11.87
C LYS A 92 7.81 14.21 -12.28
N LEU A 93 6.67 13.73 -12.73
CA LEU A 93 5.53 14.57 -13.10
C LEU A 93 4.33 13.66 -13.35
N ASN A 94 4.62 12.49 -13.94
CA ASN A 94 3.61 11.46 -14.20
C ASN A 94 2.50 11.97 -15.11
N GLY A 1 24.24 1.14 18.76
CA GLY A 1 24.21 -0.34 18.83
C GLY A 1 23.88 -0.98 17.50
N SER A 2 23.01 -1.98 17.51
CA SER A 2 22.67 -2.73 16.30
C SER A 2 21.51 -2.08 15.55
N HIS A 3 21.40 -0.77 15.70
CA HIS A 3 20.38 0.01 15.03
C HIS A 3 20.82 1.46 14.91
N MET A 4 20.64 2.03 13.73
CA MET A 4 20.96 3.44 13.49
C MET A 4 20.49 3.82 12.09
N GLY A 5 19.18 3.92 11.93
CA GLY A 5 18.62 4.32 10.65
C GLY A 5 17.38 5.17 10.82
N LYS A 6 16.25 4.52 11.02
CA LYS A 6 14.97 5.21 11.20
C LYS A 6 13.90 4.20 11.58
N LYS A 7 13.65 3.23 10.71
CA LYS A 7 12.60 2.24 10.86
C LYS A 7 12.53 1.43 9.57
N CYS A 8 12.41 0.12 9.69
CA CYS A 8 12.43 -0.74 8.51
C CYS A 8 11.34 -1.81 8.60
N TYR A 9 10.44 -1.79 7.64
CA TYR A 9 9.39 -2.78 7.54
C TYR A 9 9.17 -3.22 6.10
N LYS A 10 10.23 -3.25 5.29
CA LYS A 10 10.12 -3.56 3.88
C LYS A 10 9.36 -4.86 3.66
N LEU A 11 9.85 -5.92 4.27
CA LEU A 11 9.23 -7.22 4.16
C LEU A 11 7.77 -7.15 4.52
N GLU A 12 7.51 -6.55 5.65
CA GLU A 12 6.20 -6.44 6.18
C GLU A 12 5.30 -5.69 5.23
N ASN A 13 5.76 -4.54 4.78
CA ASN A 13 4.97 -3.67 3.94
C ASN A 13 4.68 -4.30 2.60
N GLU A 14 5.71 -4.86 1.98
CA GLU A 14 5.55 -5.65 0.80
C GLU A 14 4.48 -6.71 0.98
N LYS A 15 4.67 -7.51 2.02
CA LYS A 15 3.76 -8.56 2.35
C LYS A 15 2.35 -8.04 2.60
N LEU A 16 2.24 -7.04 3.46
CA LEU A 16 0.95 -6.42 3.76
C LEU A 16 0.30 -5.90 2.49
N PHE A 17 1.12 -5.30 1.63
CA PHE A 17 0.66 -4.85 0.34
C PHE A 17 0.05 -6.00 -0.45
N GLU A 18 0.77 -7.10 -0.52
CA GLU A 18 0.28 -8.31 -1.19
C GLU A 18 -1.00 -8.78 -0.54
N GLU A 19 -1.00 -8.77 0.79
CA GLU A 19 -2.13 -9.25 1.56
C GLU A 19 -3.36 -8.44 1.25
N PHE A 20 -3.13 -7.16 1.00
CA PHE A 20 -4.18 -6.25 0.64
C PHE A 20 -4.50 -6.42 -0.85
N LEU A 21 -3.45 -6.50 -1.66
CA LEU A 21 -3.56 -6.67 -3.10
C LEU A 21 -4.34 -7.92 -3.48
N GLU A 22 -3.87 -9.05 -3.00
CA GLU A 22 -4.50 -10.33 -3.28
C GLU A 22 -5.89 -10.39 -2.69
N LEU A 23 -6.08 -9.66 -1.60
CA LEU A 23 -7.42 -9.40 -1.08
C LEU A 23 -8.23 -8.67 -2.13
N CYS A 24 -7.69 -7.57 -2.63
CA CYS A 24 -8.34 -6.81 -3.70
C CYS A 24 -8.70 -7.72 -4.87
N LYS A 25 -7.77 -8.59 -5.28
CA LYS A 25 -8.02 -9.49 -6.40
C LYS A 25 -9.26 -10.34 -6.12
N MET A 26 -9.56 -10.51 -4.84
CA MET A 26 -10.70 -11.29 -4.40
C MET A 26 -11.99 -10.49 -4.42
N GLN A 27 -11.92 -9.22 -4.03
CA GLN A 27 -13.11 -8.40 -3.88
C GLN A 27 -13.31 -7.35 -4.97
N THR A 28 -12.31 -7.11 -5.80
CA THR A 28 -12.41 -6.06 -6.80
C THR A 28 -12.57 -6.64 -8.20
N ALA A 29 -13.43 -7.63 -8.35
CA ALA A 29 -13.71 -8.19 -9.67
C ALA A 29 -14.19 -7.14 -10.65
N ASP A 30 -14.98 -6.19 -10.15
CA ASP A 30 -15.51 -5.13 -11.01
C ASP A 30 -14.43 -4.09 -11.28
N HIS A 31 -13.39 -4.12 -10.46
CA HIS A 31 -12.28 -3.18 -10.59
C HIS A 31 -10.95 -3.92 -10.62
N PRO A 32 -10.70 -4.72 -11.67
CA PRO A 32 -9.47 -5.50 -11.79
C PRO A 32 -8.25 -4.62 -12.02
N GLU A 33 -8.48 -3.40 -12.49
CA GLU A 33 -7.41 -2.44 -12.72
C GLU A 33 -6.86 -1.88 -11.41
N VAL A 34 -7.61 -2.12 -10.34
CA VAL A 34 -7.28 -1.62 -9.03
C VAL A 34 -5.97 -2.20 -8.53
N VAL A 35 -5.77 -3.49 -8.77
CA VAL A 35 -4.55 -4.14 -8.38
C VAL A 35 -3.34 -3.57 -9.12
N PRO A 36 -3.36 -3.55 -10.46
CA PRO A 36 -2.35 -2.86 -11.25
C PRO A 36 -2.13 -1.43 -10.80
N PHE A 37 -3.21 -0.73 -10.45
CA PHE A 37 -3.14 0.65 -9.98
C PHE A 37 -2.46 0.69 -8.62
N LEU A 38 -2.70 -0.35 -7.85
CA LEU A 38 -2.17 -0.46 -6.51
C LEU A 38 -0.72 -0.79 -6.63
N TYR A 39 -0.47 -1.79 -7.47
CA TYR A 39 0.83 -2.30 -7.73
C TYR A 39 1.71 -1.18 -8.25
N ASN A 40 1.18 -0.49 -9.24
CA ASN A 40 1.83 0.65 -9.86
C ASN A 40 2.22 1.69 -8.85
N ARG A 41 1.24 2.18 -8.10
CA ARG A 41 1.48 3.18 -7.06
C ARG A 41 2.58 2.70 -6.11
N GLN A 42 2.49 1.44 -5.75
CA GLN A 42 3.41 0.82 -4.80
C GLN A 42 4.79 0.66 -5.41
N GLN A 43 4.83 0.15 -6.63
CA GLN A 43 6.06 -0.08 -7.36
C GLN A 43 6.83 1.21 -7.60
N ARG A 44 6.10 2.28 -7.89
CA ARG A 44 6.69 3.56 -8.24
C ARG A 44 6.83 4.47 -7.01
N ALA A 45 6.43 3.96 -5.87
CA ALA A 45 6.54 4.71 -4.62
C ALA A 45 7.97 4.68 -4.11
N HIS A 46 8.25 5.46 -3.08
CA HIS A 46 9.58 5.51 -2.51
C HIS A 46 9.89 4.22 -1.76
N SER A 47 10.95 3.55 -2.19
CA SER A 47 11.41 2.33 -1.54
C SER A 47 11.64 2.56 -0.05
N LEU A 48 12.11 3.75 0.34
CA LEU A 48 12.24 4.10 1.75
C LEU A 48 10.89 4.08 2.44
N PHE A 49 9.91 4.65 1.78
CA PHE A 49 8.55 4.70 2.32
C PHE A 49 7.95 3.31 2.36
N LEU A 50 8.17 2.56 1.29
CA LEU A 50 7.70 1.19 1.20
C LEU A 50 8.36 0.33 2.27
N ALA A 51 9.48 0.79 2.79
CA ALA A 51 10.14 0.11 3.89
C ALA A 51 10.02 0.92 5.18
N SER A 52 9.20 1.96 5.17
CA SER A 52 9.09 2.85 6.32
C SER A 52 7.94 2.43 7.22
N ALA A 53 8.00 2.90 8.46
CA ALA A 53 6.97 2.63 9.44
C ALA A 53 5.60 3.14 8.99
N GLU A 54 5.60 4.31 8.34
CA GLU A 54 4.37 4.94 7.91
C GLU A 54 3.54 4.04 7.00
N PHE A 55 4.19 3.39 6.03
CA PHE A 55 3.47 2.51 5.13
C PHE A 55 2.93 1.32 5.89
N CYS A 56 3.71 0.83 6.86
CA CYS A 56 3.27 -0.26 7.73
C CYS A 56 2.02 0.17 8.47
N ASN A 57 2.07 1.38 8.99
CA ASN A 57 0.94 2.01 9.66
C ASN A 57 -0.28 2.00 8.76
N ILE A 58 -0.12 2.63 7.61
CA ILE A 58 -1.19 2.83 6.64
C ILE A 58 -1.74 1.50 6.15
N LEU A 59 -0.84 0.58 5.91
CA LEU A 59 -1.18 -0.75 5.45
C LEU A 59 -2.00 -1.51 6.48
N SER A 60 -1.47 -1.59 7.66
CA SER A 60 -2.14 -2.27 8.75
C SER A 60 -3.51 -1.65 8.99
N ARG A 61 -3.59 -0.34 8.80
CA ARG A 61 -4.84 0.39 8.84
C ARG A 61 -5.82 -0.16 7.81
N VAL A 62 -5.43 -0.10 6.55
CA VAL A 62 -6.34 -0.42 5.47
C VAL A 62 -6.70 -1.88 5.41
N LEU A 63 -5.73 -2.75 5.57
CA LEU A 63 -5.97 -4.18 5.51
C LEU A 63 -7.02 -4.61 6.52
N SER A 64 -6.77 -4.22 7.75
CA SER A 64 -7.68 -4.53 8.85
C SER A 64 -9.07 -3.98 8.59
N ARG A 65 -9.11 -2.76 8.10
CA ARG A 65 -10.38 -2.10 7.76
C ARG A 65 -11.01 -2.78 6.56
N ALA A 66 -10.18 -3.20 5.62
CA ALA A 66 -10.63 -3.82 4.37
C ALA A 66 -11.29 -5.17 4.61
N ARG A 67 -10.70 -5.96 5.50
CA ARG A 67 -11.27 -7.25 5.86
C ARG A 67 -12.64 -7.09 6.50
N SER A 68 -12.80 -6.04 7.27
CA SER A 68 -14.05 -5.77 7.97
C SER A 68 -15.04 -5.11 7.05
N ARG A 69 -14.51 -4.30 6.16
CA ARG A 69 -15.30 -3.49 5.28
C ARG A 69 -14.79 -3.58 3.86
N PRO A 70 -15.06 -4.70 3.21
CA PRO A 70 -14.66 -4.92 1.82
C PRO A 70 -15.43 -4.01 0.85
N ALA A 71 -16.47 -3.35 1.37
CA ALA A 71 -17.18 -2.34 0.59
C ALA A 71 -16.35 -1.07 0.54
N LYS A 72 -15.65 -0.84 1.63
CA LYS A 72 -14.81 0.31 1.79
C LYS A 72 -13.39 0.02 1.31
N LEU A 73 -13.20 -1.21 0.83
CA LEU A 73 -11.94 -1.59 0.19
C LEU A 73 -11.45 -0.53 -0.79
N TYR A 74 -12.36 0.01 -1.59
CA TYR A 74 -12.02 1.06 -2.52
C TYR A 74 -11.53 2.28 -1.79
N VAL A 75 -12.03 2.52 -0.61
CA VAL A 75 -11.57 3.64 0.19
C VAL A 75 -10.12 3.43 0.54
N TYR A 76 -9.86 2.21 0.94
CA TYR A 76 -8.56 1.74 1.39
C TYR A 76 -7.58 1.62 0.22
N ILE A 77 -8.08 1.08 -0.88
CA ILE A 77 -7.35 1.03 -2.13
C ILE A 77 -6.98 2.42 -2.56
N ASN A 78 -7.99 3.27 -2.64
CA ASN A 78 -7.78 4.68 -2.99
C ASN A 78 -6.83 5.33 -2.01
N GLU A 79 -7.01 5.01 -0.72
CA GLU A 79 -6.15 5.53 0.33
C GLU A 79 -4.70 5.21 0.05
N LEU A 80 -4.43 3.93 -0.06
CA LEU A 80 -3.08 3.44 -0.22
C LEU A 80 -2.50 3.96 -1.51
N CYS A 81 -3.33 4.00 -2.54
CA CYS A 81 -2.93 4.55 -3.82
C CYS A 81 -2.58 6.03 -3.67
N THR A 82 -3.39 6.75 -2.91
CA THR A 82 -3.14 8.16 -2.61
C THR A 82 -1.90 8.31 -1.74
N VAL A 83 -1.81 7.46 -0.74
CA VAL A 83 -0.63 7.31 0.10
C VAL A 83 0.63 7.14 -0.73
N LEU A 84 0.56 6.26 -1.70
CA LEU A 84 1.68 5.98 -2.58
C LEU A 84 1.90 7.12 -3.54
N LYS A 85 0.82 7.80 -3.91
CA LYS A 85 0.88 8.98 -4.74
C LYS A 85 1.55 10.08 -3.93
N ALA A 86 1.36 10.01 -2.63
CA ALA A 86 1.88 10.98 -1.72
C ALA A 86 3.37 10.78 -1.56
N HIS A 87 3.77 9.52 -1.48
CA HIS A 87 5.15 9.17 -1.13
C HIS A 87 5.79 8.33 -2.23
N SER A 88 5.59 8.79 -3.45
CA SER A 88 6.25 8.22 -4.59
C SER A 88 7.60 8.87 -4.75
N ALA A 89 8.60 8.04 -5.01
CA ALA A 89 9.96 8.52 -5.14
C ALA A 89 10.12 9.35 -6.40
N LYS A 90 9.68 8.81 -7.52
CA LYS A 90 9.73 9.52 -8.80
C LYS A 90 8.37 10.10 -9.17
N LYS A 91 7.69 10.75 -8.22
CA LYS A 91 6.38 11.33 -8.48
C LYS A 91 6.47 12.67 -9.19
N LYS A 92 7.67 13.15 -9.46
CA LYS A 92 7.82 14.47 -10.07
C LYS A 92 8.72 14.39 -11.28
N LEU A 93 8.30 15.02 -12.37
CA LEU A 93 9.04 15.01 -13.62
C LEU A 93 10.07 16.13 -13.66
N ASN A 94 10.49 16.59 -12.48
CA ASN A 94 11.56 17.56 -12.36
C ASN A 94 12.55 17.06 -11.31
N GLY A 1 21.87 4.64 3.22
CA GLY A 1 21.25 3.41 3.77
C GLY A 1 22.20 2.24 3.71
N SER A 2 22.93 2.01 4.79
CA SER A 2 23.86 0.90 4.85
C SER A 2 23.71 0.14 6.16
N HIS A 3 22.47 0.05 6.65
CA HIS A 3 22.18 -0.69 7.88
C HIS A 3 21.12 -1.75 7.61
N MET A 4 21.07 -2.76 8.46
CA MET A 4 20.10 -3.84 8.31
C MET A 4 19.44 -4.17 9.64
N GLY A 5 18.38 -4.96 9.57
CA GLY A 5 17.64 -5.32 10.76
C GLY A 5 16.93 -4.13 11.37
N LYS A 6 16.92 -4.09 12.71
CA LYS A 6 16.33 -2.98 13.48
C LYS A 6 14.80 -2.98 13.42
N LYS A 7 14.30 -3.05 12.19
CA LYS A 7 12.88 -2.93 11.87
C LYS A 7 12.76 -2.67 10.39
N CYS A 8 12.96 -3.72 9.61
CA CYS A 8 12.89 -3.60 8.17
C CYS A 8 11.44 -3.70 7.74
N TYR A 9 10.73 -2.58 7.86
CA TYR A 9 9.33 -2.51 7.50
C TYR A 9 9.07 -2.91 6.06
N LYS A 10 10.12 -3.02 5.23
CA LYS A 10 9.90 -3.41 3.85
C LYS A 10 9.19 -4.76 3.79
N LEU A 11 9.70 -5.75 4.51
CA LEU A 11 9.09 -7.05 4.51
C LEU A 11 7.70 -7.01 5.10
N GLU A 12 7.49 -6.11 6.02
CA GLU A 12 6.20 -5.90 6.60
C GLU A 12 5.27 -5.31 5.56
N ASN A 13 5.68 -4.19 4.99
CA ASN A 13 4.87 -3.44 4.05
C ASN A 13 4.68 -4.16 2.73
N GLU A 14 5.76 -4.68 2.16
CA GLU A 14 5.69 -5.41 0.91
C GLU A 14 4.63 -6.49 1.02
N LYS A 15 4.78 -7.33 2.04
CA LYS A 15 3.85 -8.39 2.32
C LYS A 15 2.44 -7.87 2.53
N LEU A 16 2.30 -6.91 3.44
CA LEU A 16 1.00 -6.33 3.75
C LEU A 16 0.33 -5.82 2.48
N PHE A 17 1.12 -5.20 1.61
CA PHE A 17 0.63 -4.75 0.33
C PHE A 17 0.08 -5.91 -0.48
N GLU A 18 0.85 -6.98 -0.57
CA GLU A 18 0.42 -8.17 -1.30
C GLU A 18 -0.82 -8.78 -0.65
N GLU A 19 -0.85 -8.74 0.66
CA GLU A 19 -1.98 -9.27 1.42
C GLU A 19 -3.24 -8.49 1.09
N PHE A 20 -3.06 -7.19 0.91
CA PHE A 20 -4.14 -6.31 0.58
C PHE A 20 -4.45 -6.44 -0.92
N LEU A 21 -3.39 -6.55 -1.70
CA LEU A 21 -3.50 -6.71 -3.14
C LEU A 21 -4.28 -7.97 -3.50
N GLU A 22 -3.82 -9.11 -3.00
CA GLU A 22 -4.53 -10.37 -3.22
C GLU A 22 -5.93 -10.28 -2.70
N LEU A 23 -6.07 -9.64 -1.55
CA LEU A 23 -7.38 -9.30 -1.01
C LEU A 23 -8.21 -8.60 -2.07
N CYS A 24 -7.64 -7.59 -2.70
CA CYS A 24 -8.36 -6.86 -3.74
C CYS A 24 -8.64 -7.79 -4.92
N LYS A 25 -7.71 -8.67 -5.25
CA LYS A 25 -7.94 -9.64 -6.32
C LYS A 25 -9.16 -10.50 -5.99
N MET A 26 -9.50 -10.54 -4.70
CA MET A 26 -10.63 -11.31 -4.21
C MET A 26 -11.92 -10.48 -4.20
N GLN A 27 -11.84 -9.21 -3.79
CA GLN A 27 -13.04 -8.38 -3.66
C GLN A 27 -13.21 -7.39 -4.80
N THR A 28 -12.21 -7.25 -5.67
CA THR A 28 -12.32 -6.35 -6.81
C THR A 28 -12.19 -7.13 -8.12
N ALA A 29 -12.81 -8.31 -8.19
CA ALA A 29 -12.78 -9.10 -9.40
C ALA A 29 -13.38 -8.33 -10.57
N ASP A 30 -14.36 -7.50 -10.26
CA ASP A 30 -15.01 -6.66 -11.26
C ASP A 30 -14.11 -5.48 -11.63
N HIS A 31 -13.11 -5.25 -10.79
CA HIS A 31 -12.18 -4.14 -10.99
C HIS A 31 -10.74 -4.62 -10.92
N PRO A 32 -10.36 -5.50 -11.84
CA PRO A 32 -9.03 -6.11 -11.85
C PRO A 32 -7.92 -5.14 -12.18
N GLU A 33 -8.29 -3.91 -12.57
CA GLU A 33 -7.30 -2.87 -12.86
C GLU A 33 -6.83 -2.20 -11.57
N VAL A 34 -7.61 -2.37 -10.52
CA VAL A 34 -7.34 -1.76 -9.24
C VAL A 34 -6.06 -2.30 -8.62
N VAL A 35 -5.82 -3.59 -8.79
CA VAL A 35 -4.60 -4.19 -8.33
C VAL A 35 -3.37 -3.62 -9.04
N PRO A 36 -3.34 -3.63 -10.38
CA PRO A 36 -2.32 -2.92 -11.15
C PRO A 36 -2.12 -1.47 -10.69
N PHE A 37 -3.23 -0.75 -10.53
CA PHE A 37 -3.22 0.62 -10.05
C PHE A 37 -2.61 0.69 -8.65
N LEU A 38 -2.85 -0.35 -7.88
CA LEU A 38 -2.33 -0.42 -6.54
C LEU A 38 -0.86 -0.73 -6.61
N TYR A 39 -0.56 -1.74 -7.42
CA TYR A 39 0.76 -2.22 -7.63
C TYR A 39 1.65 -1.11 -8.12
N ASN A 40 1.16 -0.42 -9.12
CA ASN A 40 1.82 0.69 -9.76
C ASN A 40 2.19 1.76 -8.76
N ARG A 41 1.19 2.20 -8.02
CA ARG A 41 1.40 3.19 -6.97
C ARG A 41 2.52 2.77 -6.04
N GLN A 42 2.50 1.50 -5.66
CA GLN A 42 3.48 0.96 -4.73
C GLN A 42 4.83 0.75 -5.41
N GLN A 43 4.80 0.23 -6.62
CA GLN A 43 6.00 0.00 -7.41
C GLN A 43 6.74 1.30 -7.68
N ARG A 44 5.98 2.36 -7.88
CA ARG A 44 6.54 3.67 -8.18
C ARG A 44 6.78 4.48 -6.90
N ALA A 45 6.39 3.91 -5.76
CA ALA A 45 6.56 4.58 -4.48
C ALA A 45 8.01 4.57 -4.04
N HIS A 46 8.30 5.27 -2.97
CA HIS A 46 9.65 5.30 -2.42
C HIS A 46 9.93 4.01 -1.69
N SER A 47 10.93 3.27 -2.15
CA SER A 47 11.34 2.03 -1.51
C SER A 47 11.66 2.22 -0.03
N LEU A 48 12.16 3.41 0.33
CA LEU A 48 12.36 3.76 1.73
C LEU A 48 11.03 3.86 2.46
N PHE A 49 10.07 4.44 1.79
CA PHE A 49 8.72 4.59 2.33
C PHE A 49 8.05 3.22 2.40
N LEU A 50 8.27 2.42 1.36
CA LEU A 50 7.78 1.06 1.32
C LEU A 50 8.47 0.22 2.37
N ALA A 51 9.58 0.71 2.88
CA ALA A 51 10.25 0.06 3.99
C ALA A 51 10.24 0.96 5.22
N SER A 52 9.28 1.89 5.27
CA SER A 52 9.13 2.74 6.44
C SER A 52 7.85 2.41 7.20
N ALA A 53 7.91 2.60 8.51
CA ALA A 53 6.78 2.38 9.42
C ALA A 53 5.50 3.03 8.94
N GLU A 54 5.60 4.18 8.29
CA GLU A 54 4.44 4.89 7.77
C GLU A 54 3.57 3.99 6.92
N PHE A 55 4.17 3.33 5.94
CA PHE A 55 3.43 2.47 5.04
C PHE A 55 2.85 1.30 5.82
N CYS A 56 3.59 0.83 6.81
CA CYS A 56 3.13 -0.25 7.69
C CYS A 56 1.88 0.20 8.43
N ASN A 57 1.96 1.41 8.95
CA ASN A 57 0.84 2.08 9.62
C ASN A 57 -0.38 2.08 8.72
N ILE A 58 -0.19 2.65 7.54
CA ILE A 58 -1.23 2.84 6.56
C ILE A 58 -1.79 1.49 6.10
N LEU A 59 -0.89 0.56 5.88
CA LEU A 59 -1.23 -0.77 5.42
C LEU A 59 -2.03 -1.55 6.43
N SER A 60 -1.49 -1.67 7.62
CA SER A 60 -2.14 -2.39 8.69
C SER A 60 -3.52 -1.79 8.95
N ARG A 61 -3.61 -0.47 8.80
CA ARG A 61 -4.88 0.23 8.87
C ARG A 61 -5.85 -0.29 7.82
N VAL A 62 -5.44 -0.20 6.56
CA VAL A 62 -6.34 -0.49 5.46
C VAL A 62 -6.69 -1.95 5.38
N LEU A 63 -5.72 -2.83 5.53
CA LEU A 63 -5.98 -4.27 5.48
C LEU A 63 -7.02 -4.67 6.49
N SER A 64 -6.77 -4.27 7.71
CA SER A 64 -7.66 -4.54 8.84
C SER A 64 -9.05 -3.98 8.54
N ARG A 65 -9.10 -2.74 8.08
CA ARG A 65 -10.35 -2.10 7.74
C ARG A 65 -11.00 -2.78 6.55
N ALA A 66 -10.16 -3.21 5.61
CA ALA A 66 -10.61 -3.84 4.37
C ALA A 66 -11.27 -5.19 4.63
N ARG A 67 -10.71 -5.96 5.55
CA ARG A 67 -11.31 -7.21 5.94
C ARG A 67 -12.63 -7.01 6.68
N SER A 68 -12.75 -5.85 7.30
CA SER A 68 -13.97 -5.48 8.02
C SER A 68 -14.98 -4.91 7.04
N ARG A 69 -14.46 -4.15 6.12
CA ARG A 69 -15.25 -3.37 5.21
C ARG A 69 -14.75 -3.53 3.79
N PRO A 70 -15.03 -4.69 3.19
CA PRO A 70 -14.68 -4.97 1.80
C PRO A 70 -15.44 -4.09 0.81
N ALA A 71 -16.44 -3.37 1.30
CA ALA A 71 -17.12 -2.37 0.49
C ALA A 71 -16.30 -1.09 0.48
N LYS A 72 -15.71 -0.83 1.62
CA LYS A 72 -14.85 0.33 1.79
C LYS A 72 -13.46 0.04 1.27
N LEU A 73 -13.26 -1.16 0.73
CA LEU A 73 -12.02 -1.52 0.07
C LEU A 73 -11.52 -0.43 -0.87
N TYR A 74 -12.41 0.16 -1.63
CA TYR A 74 -12.04 1.26 -2.50
C TYR A 74 -11.51 2.43 -1.69
N VAL A 75 -12.04 2.63 -0.51
CA VAL A 75 -11.57 3.72 0.33
C VAL A 75 -10.12 3.49 0.65
N TYR A 76 -9.84 2.24 0.93
CA TYR A 76 -8.53 1.75 1.31
C TYR A 76 -7.60 1.68 0.11
N ILE A 77 -8.12 1.15 -0.99
CA ILE A 77 -7.41 1.12 -2.26
C ILE A 77 -7.05 2.53 -2.67
N ASN A 78 -8.05 3.39 -2.69
CA ASN A 78 -7.83 4.81 -3.00
C ASN A 78 -6.91 5.45 -1.97
N GLU A 79 -7.05 5.08 -0.70
CA GLU A 79 -6.16 5.57 0.35
C GLU A 79 -4.72 5.25 0.05
N LEU A 80 -4.45 3.97 -0.07
CA LEU A 80 -3.12 3.46 -0.30
C LEU A 80 -2.57 4.04 -1.60
N CYS A 81 -3.43 4.10 -2.60
CA CYS A 81 -3.09 4.73 -3.86
C CYS A 81 -2.69 6.19 -3.65
N THR A 82 -3.48 6.89 -2.85
CA THR A 82 -3.19 8.29 -2.50
C THR A 82 -1.90 8.37 -1.70
N VAL A 83 -1.79 7.49 -0.71
CA VAL A 83 -0.58 7.33 0.08
C VAL A 83 0.67 7.19 -0.78
N LEU A 84 0.57 6.33 -1.78
CA LEU A 84 1.70 6.03 -2.64
C LEU A 84 1.92 7.17 -3.64
N LYS A 85 0.83 7.86 -3.98
CA LYS A 85 0.87 9.03 -4.80
C LYS A 85 1.52 10.15 -4.01
N ALA A 86 1.31 10.11 -2.71
CA ALA A 86 1.80 11.11 -1.80
C ALA A 86 3.29 10.92 -1.57
N HIS A 87 3.70 9.67 -1.49
CA HIS A 87 5.06 9.35 -1.11
C HIS A 87 5.74 8.50 -2.17
N SER A 88 5.67 8.98 -3.41
CA SER A 88 6.43 8.38 -4.47
C SER A 88 7.90 8.79 -4.31
N ALA A 89 8.79 7.93 -4.75
CA ALA A 89 10.23 8.11 -4.57
C ALA A 89 10.77 9.31 -5.34
N LYS A 90 9.88 10.07 -5.98
CA LYS A 90 10.24 11.09 -6.98
C LYS A 90 10.74 10.39 -8.25
N LYS A 91 10.72 9.05 -8.16
CA LYS A 91 11.02 8.11 -9.25
C LYS A 91 11.92 8.70 -10.34
N LYS A 92 13.12 9.10 -9.96
CA LYS A 92 14.13 9.48 -10.94
C LYS A 92 14.56 8.27 -11.76
N LEU A 93 13.79 7.99 -12.80
CA LEU A 93 14.09 6.90 -13.71
C LEU A 93 14.38 7.48 -15.09
N ASN A 94 15.03 8.65 -15.09
CA ASN A 94 15.29 9.41 -16.32
C ASN A 94 13.97 9.89 -16.91
N GLY A 1 19.55 3.71 15.98
CA GLY A 1 18.38 3.42 16.85
C GLY A 1 17.50 4.64 17.07
N SER A 2 18.11 5.76 17.43
CA SER A 2 17.37 6.99 17.69
C SER A 2 17.20 7.81 16.42
N HIS A 3 17.99 7.49 15.42
CA HIS A 3 17.90 8.15 14.12
C HIS A 3 17.02 7.31 13.20
N MET A 4 16.68 7.86 12.04
CA MET A 4 15.74 7.20 11.12
C MET A 4 16.42 6.10 10.31
N GLY A 5 17.31 5.36 10.95
CA GLY A 5 17.99 4.28 10.25
C GLY A 5 18.06 3.03 11.09
N LYS A 6 16.93 2.58 11.60
CA LYS A 6 16.91 1.37 12.41
C LYS A 6 15.83 0.40 11.93
N LYS A 7 14.60 0.88 11.80
CA LYS A 7 13.50 0.04 11.38
C LYS A 7 13.20 0.22 9.89
N CYS A 8 12.06 -0.31 9.45
CA CYS A 8 11.77 -0.47 8.03
C CYS A 8 10.37 -1.00 7.82
N TYR A 9 10.26 -2.26 8.10
CA TYR A 9 9.06 -3.06 7.85
C TYR A 9 8.91 -3.33 6.36
N LYS A 10 10.02 -3.27 5.62
CA LYS A 10 9.98 -3.45 4.17
C LYS A 10 9.26 -4.74 3.80
N LEU A 11 9.74 -5.85 4.33
CA LEU A 11 9.13 -7.14 4.08
C LEU A 11 7.68 -7.15 4.49
N GLU A 12 7.43 -6.61 5.66
CA GLU A 12 6.10 -6.50 6.17
C GLU A 12 5.21 -5.72 5.21
N ASN A 13 5.69 -4.59 4.73
CA ASN A 13 4.92 -3.71 3.87
C ASN A 13 4.71 -4.32 2.50
N GLU A 14 5.76 -4.92 1.96
CA GLU A 14 5.65 -5.75 0.79
C GLU A 14 4.52 -6.75 0.95
N LYS A 15 4.64 -7.54 1.99
CA LYS A 15 3.70 -8.58 2.32
C LYS A 15 2.31 -8.02 2.48
N LEU A 16 2.17 -7.05 3.37
CA LEU A 16 0.90 -6.41 3.65
C LEU A 16 0.27 -5.91 2.37
N PHE A 17 1.09 -5.30 1.52
CA PHE A 17 0.64 -4.85 0.23
C PHE A 17 0.05 -6.01 -0.56
N GLU A 18 0.79 -7.12 -0.62
CA GLU A 18 0.33 -8.32 -1.31
C GLU A 18 -0.96 -8.81 -0.70
N GLU A 19 -1.00 -8.89 0.61
CA GLU A 19 -2.16 -9.41 1.31
C GLU A 19 -3.39 -8.60 1.01
N PHE A 20 -3.19 -7.31 0.85
CA PHE A 20 -4.23 -6.40 0.51
C PHE A 20 -4.53 -6.51 -0.98
N LEU A 21 -3.47 -6.63 -1.77
CA LEU A 21 -3.58 -6.82 -3.21
C LEU A 21 -4.37 -8.07 -3.56
N GLU A 22 -3.94 -9.20 -3.02
CA GLU A 22 -4.65 -10.47 -3.20
C GLU A 22 -6.10 -10.32 -2.76
N LEU A 23 -6.27 -9.69 -1.61
CA LEU A 23 -7.60 -9.34 -1.11
C LEU A 23 -8.39 -8.60 -2.18
N CYS A 24 -7.79 -7.59 -2.77
CA CYS A 24 -8.46 -6.83 -3.82
C CYS A 24 -8.83 -7.74 -4.98
N LYS A 25 -7.93 -8.65 -5.36
CA LYS A 25 -8.23 -9.60 -6.43
C LYS A 25 -9.46 -10.43 -6.09
N MET A 26 -9.79 -10.49 -4.81
CA MET A 26 -10.91 -11.27 -4.32
C MET A 26 -12.19 -10.45 -4.29
N GLN A 27 -12.09 -9.15 -3.96
CA GLN A 27 -13.27 -8.31 -3.86
C GLN A 27 -13.43 -7.32 -5.02
N THR A 28 -12.40 -7.18 -5.86
CA THR A 28 -12.48 -6.25 -6.97
C THR A 28 -12.44 -7.00 -8.30
N ALA A 29 -13.20 -8.08 -8.41
CA ALA A 29 -13.30 -8.79 -9.68
C ALA A 29 -13.84 -7.88 -10.77
N ASP A 30 -14.64 -6.89 -10.36
CA ASP A 30 -15.19 -5.92 -11.27
C ASP A 30 -14.12 -4.92 -11.69
N HIS A 31 -13.04 -4.88 -10.92
CA HIS A 31 -11.93 -3.98 -11.20
C HIS A 31 -10.59 -4.65 -10.96
N PRO A 32 -10.26 -5.66 -11.79
CA PRO A 32 -8.98 -6.36 -11.70
C PRO A 32 -7.81 -5.46 -12.08
N GLU A 33 -8.16 -4.25 -12.51
CA GLU A 33 -7.18 -3.23 -12.84
C GLU A 33 -6.72 -2.50 -11.58
N VAL A 34 -7.52 -2.62 -10.53
CA VAL A 34 -7.27 -1.94 -9.27
C VAL A 34 -6.00 -2.44 -8.62
N VAL A 35 -5.73 -3.73 -8.76
CA VAL A 35 -4.50 -4.30 -8.28
C VAL A 35 -3.28 -3.74 -9.01
N PRO A 36 -3.25 -3.80 -10.35
CA PRO A 36 -2.24 -3.09 -11.14
C PRO A 36 -2.10 -1.62 -10.73
N PHE A 37 -3.23 -0.93 -10.57
CA PHE A 37 -3.27 0.46 -10.11
C PHE A 37 -2.63 0.57 -8.72
N LEU A 38 -2.85 -0.45 -7.92
CA LEU A 38 -2.33 -0.50 -6.58
C LEU A 38 -0.85 -0.76 -6.64
N TYR A 39 -0.55 -1.78 -7.43
CA TYR A 39 0.79 -2.26 -7.62
C TYR A 39 1.66 -1.13 -8.13
N ASN A 40 1.16 -0.49 -9.15
CA ASN A 40 1.77 0.67 -9.76
C ASN A 40 2.13 1.71 -8.72
N ARG A 41 1.13 2.16 -7.98
CA ARG A 41 1.36 3.16 -6.94
C ARG A 41 2.46 2.72 -5.98
N GLN A 42 2.44 1.46 -5.62
CA GLN A 42 3.41 0.90 -4.69
C GLN A 42 4.78 0.77 -5.36
N GLN A 43 4.76 0.30 -6.59
CA GLN A 43 5.97 0.12 -7.39
C GLN A 43 6.67 1.44 -7.63
N ARG A 44 5.87 2.50 -7.82
CA ARG A 44 6.40 3.82 -8.08
C ARG A 44 6.66 4.58 -6.79
N ALA A 45 6.26 3.99 -5.68
CA ALA A 45 6.45 4.62 -4.38
C ALA A 45 7.91 4.56 -3.96
N HIS A 46 8.24 5.29 -2.91
CA HIS A 46 9.61 5.35 -2.44
C HIS A 46 9.95 4.11 -1.65
N SER A 47 11.03 3.42 -2.05
CA SER A 47 11.50 2.24 -1.35
C SER A 47 11.75 2.51 0.13
N LEU A 48 12.22 3.72 0.46
CA LEU A 48 12.35 4.13 1.85
C LEU A 48 11.01 4.21 2.53
N PHE A 49 10.02 4.71 1.80
CA PHE A 49 8.66 4.80 2.31
C PHE A 49 8.06 3.40 2.43
N LEU A 50 8.35 2.57 1.46
CA LEU A 50 7.89 1.20 1.44
C LEU A 50 8.53 0.41 2.56
N ALA A 51 9.64 0.93 3.07
CA ALA A 51 10.24 0.39 4.27
C ALA A 51 10.29 1.47 5.36
N SER A 52 9.30 2.33 5.34
CA SER A 52 9.12 3.24 6.44
C SER A 52 7.89 2.82 7.25
N ALA A 53 7.96 3.12 8.54
CA ALA A 53 6.92 2.77 9.49
C ALA A 53 5.55 3.27 9.04
N GLU A 54 5.54 4.41 8.36
CA GLU A 54 4.30 5.01 7.90
C GLU A 54 3.52 4.06 6.99
N PHE A 55 4.20 3.38 6.06
CA PHE A 55 3.51 2.50 5.14
C PHE A 55 2.98 1.31 5.92
N CYS A 56 3.73 0.85 6.91
CA CYS A 56 3.28 -0.21 7.79
C CYS A 56 2.00 0.22 8.50
N ASN A 57 2.05 1.44 9.01
CA ASN A 57 0.92 2.09 9.66
C ASN A 57 -0.30 2.08 8.74
N ILE A 58 -0.10 2.65 7.57
CA ILE A 58 -1.14 2.82 6.58
C ILE A 58 -1.69 1.48 6.12
N LEU A 59 -0.77 0.56 5.88
CA LEU A 59 -1.10 -0.78 5.43
C LEU A 59 -1.89 -1.55 6.46
N SER A 60 -1.36 -1.60 7.66
CA SER A 60 -2.02 -2.29 8.76
C SER A 60 -3.42 -1.71 8.96
N ARG A 61 -3.53 -0.39 8.80
CA ARG A 61 -4.80 0.29 8.85
C ARG A 61 -5.75 -0.23 7.79
N VAL A 62 -5.34 -0.14 6.54
CA VAL A 62 -6.23 -0.44 5.44
C VAL A 62 -6.57 -1.90 5.36
N LEU A 63 -5.59 -2.77 5.53
CA LEU A 63 -5.83 -4.21 5.50
C LEU A 63 -6.87 -4.60 6.54
N SER A 64 -6.61 -4.19 7.76
CA SER A 64 -7.52 -4.44 8.88
C SER A 64 -8.92 -3.92 8.57
N ARG A 65 -8.96 -2.69 8.08
CA ARG A 65 -10.22 -2.05 7.72
C ARG A 65 -10.84 -2.76 6.52
N ALA A 66 -10.00 -3.21 5.61
CA ALA A 66 -10.45 -3.84 4.37
C ALA A 66 -11.11 -5.19 4.62
N ARG A 67 -10.53 -5.97 5.51
CA ARG A 67 -11.09 -7.26 5.86
C ARG A 67 -12.38 -7.10 6.65
N SER A 68 -12.46 -6.00 7.36
CA SER A 68 -13.62 -5.68 8.18
C SER A 68 -14.68 -4.98 7.35
N ARG A 69 -14.23 -4.19 6.41
CA ARG A 69 -15.09 -3.41 5.56
C ARG A 69 -14.70 -3.56 4.10
N PRO A 70 -15.02 -4.70 3.52
CA PRO A 70 -14.72 -4.98 2.11
C PRO A 70 -15.50 -4.07 1.16
N ALA A 71 -16.49 -3.35 1.69
CA ALA A 71 -17.21 -2.37 0.88
C ALA A 71 -16.39 -1.11 0.77
N LYS A 72 -15.64 -0.85 1.82
CA LYS A 72 -14.78 0.32 1.89
C LYS A 72 -13.41 0.03 1.29
N LEU A 73 -13.26 -1.16 0.72
CA LEU A 73 -12.02 -1.53 0.04
C LEU A 73 -11.49 -0.44 -0.88
N TYR A 74 -12.36 0.16 -1.68
CA TYR A 74 -11.94 1.25 -2.53
C TYR A 74 -11.43 2.41 -1.73
N VAL A 75 -11.96 2.60 -0.55
CA VAL A 75 -11.50 3.68 0.31
C VAL A 75 -10.05 3.45 0.60
N TYR A 76 -9.77 2.19 0.88
CA TYR A 76 -8.46 1.69 1.23
C TYR A 76 -7.55 1.63 0.01
N ILE A 77 -8.11 1.11 -1.08
CA ILE A 77 -7.42 1.09 -2.36
C ILE A 77 -7.05 2.50 -2.78
N ASN A 78 -8.04 3.38 -2.78
CA ASN A 78 -7.79 4.79 -3.06
C ASN A 78 -6.85 5.41 -2.03
N GLU A 79 -7.00 5.03 -0.76
CA GLU A 79 -6.13 5.52 0.30
C GLU A 79 -4.68 5.19 0.02
N LEU A 80 -4.43 3.91 -0.10
CA LEU A 80 -3.07 3.41 -0.28
C LEU A 80 -2.50 3.99 -1.57
N CYS A 81 -3.35 4.07 -2.59
CA CYS A 81 -2.97 4.72 -3.84
C CYS A 81 -2.58 6.17 -3.59
N THR A 82 -3.40 6.86 -2.81
CA THR A 82 -3.17 8.26 -2.46
C THR A 82 -1.91 8.39 -1.62
N VAL A 83 -1.73 7.43 -0.73
CA VAL A 83 -0.56 7.31 0.10
C VAL A 83 0.71 7.17 -0.74
N LEU A 84 0.64 6.31 -1.73
CA LEU A 84 1.77 6.03 -2.60
C LEU A 84 1.97 7.17 -3.60
N LYS A 85 0.86 7.86 -3.89
CA LYS A 85 0.87 9.06 -4.67
C LYS A 85 1.57 10.16 -3.91
N ALA A 86 1.37 10.11 -2.62
CA ALA A 86 1.90 11.09 -1.70
C ALA A 86 3.39 10.89 -1.48
N HIS A 87 3.78 9.63 -1.32
CA HIS A 87 5.15 9.31 -0.92
C HIS A 87 5.84 8.45 -1.97
N SER A 88 5.70 8.86 -3.21
CA SER A 88 6.37 8.22 -4.32
C SER A 88 7.81 8.71 -4.43
N ALA A 89 8.72 7.85 -4.85
CA ALA A 89 10.14 8.18 -5.01
C ALA A 89 10.38 9.13 -6.17
N LYS A 90 9.30 9.57 -6.79
CA LYS A 90 9.38 10.48 -7.92
C LYS A 90 8.46 11.67 -7.66
N LYS A 91 8.04 11.77 -6.40
CA LYS A 91 7.27 12.91 -5.92
C LYS A 91 8.12 13.72 -4.95
N LYS A 92 8.81 12.99 -4.06
CA LYS A 92 9.68 13.57 -3.02
C LYS A 92 8.82 14.20 -1.92
N LEU A 93 7.89 15.02 -2.35
CA LEU A 93 6.93 15.70 -1.49
C LEU A 93 5.96 16.53 -2.32
N ASN A 94 6.43 17.08 -3.41
CA ASN A 94 5.61 17.93 -4.26
C ASN A 94 5.90 17.63 -5.72
N GLY A 1 24.25 3.98 17.57
CA GLY A 1 22.86 4.49 17.51
C GLY A 1 22.50 4.99 16.13
N SER A 2 21.20 5.10 15.87
CA SER A 2 20.66 5.62 14.60
C SER A 2 20.90 4.64 13.45
N HIS A 3 22.16 4.37 13.15
CA HIS A 3 22.52 3.49 12.05
C HIS A 3 22.32 2.03 12.43
N MET A 4 22.54 1.14 11.46
CA MET A 4 22.35 -0.30 11.64
C MET A 4 20.89 -0.61 11.92
N GLY A 5 20.06 -0.38 10.92
CA GLY A 5 18.63 -0.64 11.03
C GLY A 5 17.92 0.33 11.94
N LYS A 6 16.90 1.00 11.41
CA LYS A 6 16.04 1.85 12.22
C LYS A 6 14.83 1.05 12.67
N LYS A 7 14.34 0.20 11.78
CA LYS A 7 13.16 -0.63 12.04
C LYS A 7 12.83 -1.42 10.79
N CYS A 8 12.75 -0.70 9.67
CA CYS A 8 12.55 -1.27 8.33
C CYS A 8 11.32 -2.18 8.23
N TYR A 9 10.33 -1.74 7.47
CA TYR A 9 9.13 -2.51 7.24
C TYR A 9 8.95 -2.85 5.77
N LYS A 10 10.03 -2.90 4.98
CA LYS A 10 9.86 -3.19 3.56
C LYS A 10 9.29 -4.59 3.37
N LEU A 11 9.86 -5.56 4.08
CA LEU A 11 9.31 -6.90 4.10
C LEU A 11 7.85 -6.86 4.50
N GLU A 12 7.61 -6.19 5.61
CA GLU A 12 6.30 -6.03 6.15
C GLU A 12 5.33 -5.42 5.14
N ASN A 13 5.72 -4.30 4.58
CA ASN A 13 4.85 -3.54 3.70
C ASN A 13 4.67 -4.20 2.35
N GLU A 14 5.76 -4.72 1.79
CA GLU A 14 5.68 -5.53 0.59
C GLU A 14 4.68 -6.66 0.80
N LYS A 15 4.81 -7.31 1.95
CA LYS A 15 3.95 -8.38 2.34
C LYS A 15 2.51 -7.89 2.55
N LEU A 16 2.33 -6.90 3.41
CA LEU A 16 1.02 -6.36 3.72
C LEU A 16 0.34 -5.87 2.45
N PHE A 17 1.11 -5.24 1.57
CA PHE A 17 0.61 -4.81 0.29
C PHE A 17 0.04 -5.98 -0.49
N GLU A 18 0.78 -7.08 -0.54
CA GLU A 18 0.32 -8.29 -1.22
C GLU A 18 -0.92 -8.83 -0.56
N GLU A 19 -0.91 -8.82 0.76
CA GLU A 19 -2.04 -9.30 1.54
C GLU A 19 -3.30 -8.55 1.13
N PHE A 20 -3.10 -7.26 0.93
CA PHE A 20 -4.16 -6.35 0.58
C PHE A 20 -4.47 -6.48 -0.92
N LEU A 21 -3.41 -6.56 -1.72
CA LEU A 21 -3.51 -6.74 -3.16
C LEU A 21 -4.29 -7.98 -3.52
N GLU A 22 -3.84 -9.12 -3.03
CA GLU A 22 -4.52 -10.39 -3.27
C GLU A 22 -5.94 -10.33 -2.75
N LEU A 23 -6.11 -9.70 -1.60
CA LEU A 23 -7.45 -9.42 -1.07
C LEU A 23 -8.26 -8.64 -2.11
N CYS A 24 -7.66 -7.61 -2.67
CA CYS A 24 -8.33 -6.83 -3.72
C CYS A 24 -8.70 -7.72 -4.89
N LYS A 25 -7.79 -8.59 -5.31
CA LYS A 25 -8.05 -9.52 -6.40
C LYS A 25 -9.27 -10.40 -6.09
N MET A 26 -9.60 -10.48 -4.80
CA MET A 26 -10.73 -11.25 -4.34
C MET A 26 -12.01 -10.41 -4.27
N GLN A 27 -11.89 -9.15 -3.84
CA GLN A 27 -13.06 -8.32 -3.61
C GLN A 27 -13.40 -7.42 -4.81
N THR A 28 -12.39 -7.03 -5.58
CA THR A 28 -12.55 -5.94 -6.54
C THR A 28 -12.84 -6.47 -7.93
N ALA A 29 -13.75 -7.41 -8.03
CA ALA A 29 -14.22 -7.90 -9.32
C ALA A 29 -14.62 -6.77 -10.26
N ASP A 30 -15.28 -5.75 -9.70
CA ASP A 30 -15.75 -4.63 -10.50
C ASP A 30 -14.61 -3.68 -10.84
N HIS A 31 -13.51 -3.82 -10.10
CA HIS A 31 -12.33 -2.99 -10.33
C HIS A 31 -11.07 -3.84 -10.37
N PRO A 32 -10.91 -4.68 -11.41
CA PRO A 32 -9.73 -5.51 -11.56
C PRO A 32 -8.47 -4.69 -11.81
N GLU A 33 -8.66 -3.50 -12.36
CA GLU A 33 -7.55 -2.58 -12.64
C GLU A 33 -6.94 -2.06 -11.34
N VAL A 34 -7.67 -2.25 -10.26
CA VAL A 34 -7.30 -1.71 -8.97
C VAL A 34 -5.98 -2.29 -8.50
N VAL A 35 -5.78 -3.57 -8.75
CA VAL A 35 -4.55 -4.23 -8.39
C VAL A 35 -3.36 -3.68 -9.17
N PRO A 36 -3.42 -3.68 -10.52
CA PRO A 36 -2.41 -3.02 -11.35
C PRO A 36 -2.18 -1.56 -10.91
N PHE A 37 -3.26 -0.88 -10.54
CA PHE A 37 -3.20 0.51 -10.10
C PHE A 37 -2.53 0.59 -8.73
N LEU A 38 -2.75 -0.44 -7.95
CA LEU A 38 -2.23 -0.51 -6.62
C LEU A 38 -0.77 -0.82 -6.72
N TYR A 39 -0.51 -1.80 -7.57
CA TYR A 39 0.80 -2.29 -7.83
C TYR A 39 1.67 -1.16 -8.35
N ASN A 40 1.13 -0.46 -9.33
CA ASN A 40 1.74 0.72 -9.91
C ASN A 40 2.17 1.70 -8.85
N ARG A 41 1.22 2.15 -8.08
CA ARG A 41 1.45 3.09 -7.00
C ARG A 41 2.57 2.61 -6.09
N GLN A 42 2.54 1.33 -5.76
CA GLN A 42 3.53 0.75 -4.88
C GLN A 42 4.88 0.66 -5.57
N GLN A 43 4.86 0.16 -6.79
CA GLN A 43 6.06 -0.07 -7.55
C GLN A 43 6.79 1.24 -7.82
N ARG A 44 6.01 2.30 -7.99
CA ARG A 44 6.56 3.61 -8.27
C ARG A 44 6.69 4.48 -7.01
N ALA A 45 6.37 3.90 -5.86
CA ALA A 45 6.50 4.58 -4.58
C ALA A 45 7.95 4.62 -4.12
N HIS A 46 8.20 5.38 -3.06
CA HIS A 46 9.53 5.46 -2.46
C HIS A 46 9.84 4.18 -1.72
N SER A 47 10.90 3.50 -2.15
CA SER A 47 11.34 2.27 -1.51
C SER A 47 11.59 2.49 -0.01
N LEU A 48 12.06 3.68 0.36
CA LEU A 48 12.21 4.04 1.77
C LEU A 48 10.89 4.06 2.48
N PHE A 49 9.90 4.63 1.83
CA PHE A 49 8.56 4.71 2.39
C PHE A 49 7.95 3.32 2.46
N LEU A 50 8.20 2.54 1.43
CA LEU A 50 7.75 1.16 1.39
C LEU A 50 8.43 0.36 2.50
N ALA A 51 9.54 0.86 2.99
CA ALA A 51 10.23 0.24 4.11
C ALA A 51 10.08 1.08 5.37
N SER A 52 9.20 2.07 5.33
CA SER A 52 9.06 2.97 6.46
C SER A 52 7.88 2.56 7.34
N ALA A 53 7.95 2.98 8.59
CA ALA A 53 6.91 2.69 9.57
C ALA A 53 5.56 3.20 9.14
N GLU A 54 5.55 4.38 8.52
CA GLU A 54 4.30 5.01 8.11
C GLU A 54 3.48 4.12 7.18
N PHE A 55 4.13 3.50 6.22
CA PHE A 55 3.42 2.63 5.29
C PHE A 55 2.91 1.39 6.02
N CYS A 56 3.70 0.91 6.96
CA CYS A 56 3.29 -0.23 7.78
C CYS A 56 2.02 0.14 8.53
N ASN A 57 2.04 1.34 9.08
CA ASN A 57 0.89 1.93 9.74
C ASN A 57 -0.31 1.93 8.81
N ILE A 58 -0.13 2.57 7.67
CA ILE A 58 -1.20 2.79 6.69
C ILE A 58 -1.76 1.48 6.18
N LEU A 59 -0.85 0.57 5.90
CA LEU A 59 -1.18 -0.76 5.41
C LEU A 59 -1.98 -1.56 6.40
N SER A 60 -1.46 -1.65 7.60
CA SER A 60 -2.14 -2.36 8.67
C SER A 60 -3.51 -1.74 8.92
N ARG A 61 -3.58 -0.43 8.78
CA ARG A 61 -4.84 0.29 8.85
C ARG A 61 -5.83 -0.20 7.81
N VAL A 62 -5.43 -0.12 6.54
CA VAL A 62 -6.35 -0.42 5.44
C VAL A 62 -6.72 -1.89 5.39
N LEU A 63 -5.74 -2.76 5.57
CA LEU A 63 -5.99 -4.18 5.54
C LEU A 63 -7.04 -4.59 6.55
N SER A 64 -6.81 -4.20 7.77
CA SER A 64 -7.72 -4.51 8.88
C SER A 64 -9.11 -3.94 8.62
N ARG A 65 -9.15 -2.73 8.07
CA ARG A 65 -10.40 -2.12 7.68
C ARG A 65 -11.02 -2.87 6.50
N ALA A 66 -10.17 -3.25 5.57
CA ALA A 66 -10.60 -3.88 4.31
C ALA A 66 -11.29 -5.22 4.53
N ARG A 67 -10.77 -6.01 5.45
CA ARG A 67 -11.39 -7.29 5.78
C ARG A 67 -12.72 -7.11 6.49
N SER A 68 -12.88 -5.95 7.10
CA SER A 68 -14.10 -5.61 7.82
C SER A 68 -15.08 -4.94 6.88
N ARG A 69 -14.53 -4.18 5.97
CA ARG A 69 -15.30 -3.39 5.05
C ARG A 69 -14.75 -3.53 3.65
N PRO A 70 -15.00 -4.68 3.02
CA PRO A 70 -14.58 -4.94 1.64
C PRO A 70 -15.33 -4.07 0.63
N ALA A 71 -16.36 -3.39 1.10
CA ALA A 71 -17.04 -2.39 0.29
C ALA A 71 -16.25 -1.09 0.32
N LYS A 72 -15.68 -0.83 1.48
CA LYS A 72 -14.85 0.34 1.69
C LYS A 72 -13.43 0.06 1.25
N LEU A 73 -13.18 -1.15 0.78
CA LEU A 73 -11.90 -1.51 0.18
C LEU A 73 -11.42 -0.45 -0.79
N TYR A 74 -12.31 0.08 -1.60
CA TYR A 74 -11.96 1.14 -2.52
C TYR A 74 -11.49 2.37 -1.77
N VAL A 75 -12.00 2.56 -0.57
CA VAL A 75 -11.59 3.68 0.24
C VAL A 75 -10.15 3.50 0.63
N TYR A 76 -9.86 2.26 0.96
CA TYR A 76 -8.55 1.81 1.40
C TYR A 76 -7.58 1.72 0.22
N ILE A 77 -8.08 1.19 -0.89
CA ILE A 77 -7.34 1.15 -2.14
C ILE A 77 -7.00 2.56 -2.58
N ASN A 78 -8.02 3.40 -2.61
CA ASN A 78 -7.82 4.80 -2.94
C ASN A 78 -6.86 5.45 -1.94
N GLU A 79 -7.04 5.12 -0.67
CA GLU A 79 -6.15 5.60 0.39
C GLU A 79 -4.71 5.25 0.09
N LEU A 80 -4.45 3.97 -0.04
CA LEU A 80 -3.11 3.47 -0.25
C LEU A 80 -2.54 4.01 -1.55
N CYS A 81 -3.38 4.07 -2.58
CA CYS A 81 -3.00 4.68 -3.84
C CYS A 81 -2.58 6.13 -3.62
N THR A 82 -3.38 6.85 -2.86
CA THR A 82 -3.11 8.25 -2.54
C THR A 82 -1.84 8.34 -1.69
N VAL A 83 -1.75 7.47 -0.71
CA VAL A 83 -0.56 7.28 0.11
C VAL A 83 0.69 7.11 -0.75
N LEU A 84 0.64 6.17 -1.68
CA LEU A 84 1.79 5.88 -2.52
C LEU A 84 2.03 7.02 -3.50
N LYS A 85 0.96 7.70 -3.88
CA LYS A 85 1.01 8.86 -4.72
C LYS A 85 1.66 10.00 -3.94
N ALA A 86 1.43 9.99 -2.65
CA ALA A 86 1.90 11.02 -1.77
C ALA A 86 3.39 10.87 -1.53
N HIS A 87 3.82 9.61 -1.48
CA HIS A 87 5.18 9.28 -1.11
C HIS A 87 5.87 8.51 -2.22
N SER A 88 5.70 8.98 -3.44
CA SER A 88 6.36 8.44 -4.60
C SER A 88 7.83 8.88 -4.62
N ALA A 89 8.75 7.98 -4.91
CA ALA A 89 10.17 8.24 -4.77
C ALA A 89 10.65 9.35 -5.70
N LYS A 90 10.52 9.12 -6.99
CA LYS A 90 10.97 10.08 -8.00
C LYS A 90 9.81 10.96 -8.46
N LYS A 91 8.87 11.21 -7.56
CA LYS A 91 7.69 11.98 -7.91
C LYS A 91 7.29 12.90 -6.76
N LYS A 92 8.18 13.83 -6.46
CA LYS A 92 7.93 14.83 -5.43
C LYS A 92 7.31 16.09 -6.05
N LEU A 93 6.56 15.87 -7.14
CA LEU A 93 5.94 16.95 -7.90
C LEU A 93 7.01 17.76 -8.63
N ASN A 94 8.03 17.06 -9.10
CA ASN A 94 9.12 17.70 -9.81
C ASN A 94 8.94 17.55 -11.31
#